data_6Z35
#
_entry.id   6Z35
#
_cell.length_a   1.000
_cell.length_b   1.000
_cell.length_c   1.000
_cell.angle_alpha   90.00
_cell.angle_beta   90.00
_cell.angle_gamma   90.00
#
_symmetry.space_group_name_H-M   'P 1'
#
_entity_poly.entity_id   1
_entity_poly.type   'polypeptide(L)'
_entity_poly.pdbx_seq_one_letter_code
;SEFEKLRQTGDELVQAEQRLREIFDKGDDDSLEQVLEEIEELIQKHRQLFDNRQEAADTEAAKQGDQWVQLKQRFREAID
KGDKDSLEQLLEELEQALQKIRELAEKKN
;
_entity_poly.pdbx_strand_id   A
#
# COMPACT_ATOMS: atom_id res chain seq x y z
N SER A 1 -4.47 -10.92 19.45
CA SER A 1 -4.41 -10.32 18.11
C SER A 1 -5.54 -10.89 17.25
N GLU A 2 -6.41 -10.04 16.68
CA GLU A 2 -7.52 -10.48 15.84
C GLU A 2 -7.03 -10.98 14.49
N PHE A 3 -6.66 -12.26 14.45
CA PHE A 3 -6.17 -12.86 13.23
C PHE A 3 -7.27 -13.01 12.18
N GLU A 4 -8.55 -13.14 12.55
CA GLU A 4 -9.60 -13.26 11.53
C GLU A 4 -9.65 -11.96 10.72
N LYS A 5 -9.64 -10.82 11.40
CA LYS A 5 -9.69 -9.50 10.77
C LYS A 5 -8.50 -9.29 9.83
N LEU A 6 -7.28 -9.57 10.30
CA LEU A 6 -6.10 -9.40 9.46
C LEU A 6 -6.11 -10.42 8.35
N ARG A 7 -6.58 -11.65 8.59
CA ARG A 7 -6.61 -12.69 7.57
C ARG A 7 -7.54 -12.26 6.44
N GLN A 8 -8.73 -11.75 6.76
CA GLN A 8 -9.71 -11.30 5.77
C GLN A 8 -9.08 -10.22 4.88
N THR A 9 -8.46 -9.22 5.51
CA THR A 9 -7.83 -8.12 4.80
C THR A 9 -6.60 -8.60 4.03
N GLY A 10 -5.84 -9.55 4.57
CA GLY A 10 -4.67 -10.12 3.96
C GLY A 10 -5.04 -10.92 2.72
N ASP A 11 -6.14 -11.68 2.74
CA ASP A 11 -6.57 -12.47 1.59
C ASP A 11 -6.98 -11.51 0.48
N GLU A 12 -7.70 -10.45 0.84
CA GLU A 12 -8.16 -9.41 -0.07
C GLU A 12 -6.94 -8.67 -0.65
N LEU A 13 -5.88 -8.50 0.14
CA LEU A 13 -4.66 -7.82 -0.26
C LEU A 13 -3.89 -8.71 -1.22
N VAL A 14 -3.66 -9.99 -0.88
CA VAL A 14 -2.96 -10.93 -1.73
C VAL A 14 -3.68 -11.02 -3.07
N GLN A 15 -5.01 -11.20 -3.09
CA GLN A 15 -5.70 -11.29 -4.38
C GLN A 15 -5.54 -9.99 -5.18
N ALA A 16 -5.63 -8.81 -4.55
CA ALA A 16 -5.47 -7.53 -5.23
C ALA A 16 -4.06 -7.43 -5.82
N GLU A 17 -3.05 -7.76 -5.02
CA GLU A 17 -1.65 -7.77 -5.36
C GLU A 17 -1.39 -8.74 -6.51
N GLN A 18 -2.05 -9.90 -6.52
CA GLN A 18 -1.91 -10.93 -7.54
C GLN A 18 -2.45 -10.43 -8.88
N ARG A 19 -3.66 -9.87 -8.90
CA ARG A 19 -4.24 -9.36 -10.15
C ARG A 19 -3.40 -8.25 -10.73
N LEU A 20 -2.92 -7.31 -9.91
CA LEU A 20 -2.11 -6.21 -10.41
C LEU A 20 -0.71 -6.70 -10.80
N ARG A 21 -0.14 -7.68 -10.12
CA ARG A 21 1.20 -8.21 -10.40
C ARG A 21 1.35 -8.66 -11.84
N GLU A 22 0.33 -9.34 -12.37
CA GLU A 22 0.31 -9.86 -13.73
C GLU A 22 0.61 -8.72 -14.73
N ILE A 23 -0.10 -7.60 -14.60
CA ILE A 23 0.05 -6.44 -15.47
C ILE A 23 1.33 -5.65 -15.16
N PHE A 24 1.60 -5.41 -13.88
CA PHE A 24 2.76 -4.67 -13.38
C PHE A 24 4.07 -5.24 -13.90
N ASP A 25 4.19 -6.57 -14.02
CA ASP A 25 5.39 -7.24 -14.53
C ASP A 25 5.78 -6.74 -15.93
N LYS A 26 4.80 -6.32 -16.74
CA LYS A 26 5.02 -5.82 -18.10
C LYS A 26 5.51 -4.36 -18.09
N GLY A 27 5.44 -3.71 -16.93
CA GLY A 27 5.79 -2.31 -16.77
C GLY A 27 4.66 -1.51 -17.42
N ASP A 28 3.41 -1.95 -17.24
CA ASP A 28 2.20 -1.30 -17.77
C ASP A 28 1.93 -0.13 -16.83
N ASP A 29 2.78 0.89 -16.92
CA ASP A 29 2.80 2.13 -16.15
C ASP A 29 1.45 2.84 -16.15
N ASP A 30 0.79 2.95 -17.30
CA ASP A 30 -0.51 3.61 -17.41
C ASP A 30 -1.57 2.86 -16.63
N SER A 31 -1.46 1.54 -16.61
CA SER A 31 -2.39 0.69 -15.89
C SER A 31 -2.05 0.66 -14.39
N LEU A 32 -0.78 0.88 -14.05
CA LEU A 32 -0.23 0.88 -12.69
C LEU A 32 -0.94 1.92 -11.82
N GLU A 33 -1.27 3.09 -12.38
CA GLU A 33 -1.96 4.12 -11.63
C GLU A 33 -3.42 3.75 -11.39
N GLN A 34 -4.02 2.96 -12.27
CA GLN A 34 -5.42 2.55 -12.15
C GLN A 34 -5.62 1.66 -10.91
N VAL A 35 -4.79 0.62 -10.78
CA VAL A 35 -4.84 -0.33 -9.67
C VAL A 35 -4.40 0.29 -8.34
N LEU A 36 -3.47 1.24 -8.38
CA LEU A 36 -2.91 1.96 -7.23
C LEU A 36 -4.01 2.73 -6.50
N GLU A 37 -4.99 3.26 -7.22
CA GLU A 37 -6.10 4.02 -6.65
C GLU A 37 -7.11 3.05 -6.01
N GLU A 38 -7.24 1.83 -6.51
CA GLU A 38 -8.17 0.84 -5.95
C GLU A 38 -7.59 0.27 -4.66
N ILE A 39 -6.31 -0.10 -4.68
CA ILE A 39 -5.60 -0.66 -3.53
C ILE A 39 -5.59 0.35 -2.37
N GLU A 40 -5.58 1.65 -2.65
CA GLU A 40 -5.55 2.70 -1.62
C GLU A 40 -6.65 2.51 -0.56
N GLU A 41 -7.79 1.93 -0.95
CA GLU A 41 -8.93 1.69 -0.10
C GLU A 41 -8.61 0.58 0.92
N LEU A 42 -7.91 -0.45 0.46
CA LEU A 42 -7.51 -1.59 1.27
C LEU A 42 -6.63 -1.17 2.43
N ILE A 43 -5.80 -0.14 2.26
CA ILE A 43 -4.96 0.32 3.33
C ILE A 43 -5.88 0.82 4.46
N GLN A 44 -7.02 1.46 4.12
CA GLN A 44 -7.96 1.98 5.12
C GLN A 44 -8.51 0.84 5.97
N LYS A 45 -8.71 -0.35 5.38
CA LYS A 45 -9.21 -1.49 6.15
C LYS A 45 -8.13 -1.94 7.11
N HIS A 46 -6.90 -2.17 6.64
CA HIS A 46 -5.84 -2.62 7.54
C HIS A 46 -5.64 -1.57 8.66
N ARG A 47 -5.81 -0.27 8.37
CA ARG A 47 -5.67 0.81 9.36
C ARG A 47 -6.59 0.56 10.55
N GLN A 48 -7.83 0.12 10.32
CA GLN A 48 -8.80 -0.17 11.38
C GLN A 48 -8.25 -1.21 12.36
N LEU A 49 -7.41 -2.11 11.85
CA LEU A 49 -6.79 -3.20 12.62
C LEU A 49 -5.51 -2.73 13.28
N PHE A 50 -4.80 -1.80 12.66
CA PHE A 50 -3.55 -1.25 13.20
C PHE A 50 -3.90 -0.43 14.44
N ASP A 51 -5.06 0.24 14.43
CA ASP A 51 -5.52 1.03 15.58
C ASP A 51 -6.29 0.15 16.57
N ASN A 52 -5.89 -1.13 16.68
CA ASN A 52 -6.50 -2.07 17.64
C ASN A 52 -5.95 -1.77 19.04
N ARG A 53 -6.34 -2.54 20.06
CA ARG A 53 -5.89 -2.37 21.45
C ARG A 53 -4.36 -2.23 21.46
N GLN A 54 -3.86 -1.04 21.80
CA GLN A 54 -2.43 -0.69 21.86
C GLN A 54 -2.17 0.07 23.15
N GLU A 55 -0.91 0.26 23.51
CA GLU A 55 -0.50 0.96 24.72
C GLU A 55 -0.20 2.44 24.50
N ALA A 56 -0.13 2.87 23.24
CA ALA A 56 0.15 4.24 22.80
C ALA A 56 -0.89 4.70 21.76
N ALA A 57 -0.84 5.98 21.40
CA ALA A 57 -1.73 6.66 20.45
C ALA A 57 -1.88 6.02 19.08
N ASP A 58 -2.91 6.47 18.36
CA ASP A 58 -3.32 6.08 17.01
C ASP A 58 -2.38 6.59 15.93
N THR A 59 -1.36 7.37 16.31
CA THR A 59 -0.37 7.96 15.43
C THR A 59 0.34 6.92 14.56
N GLU A 60 0.65 5.75 15.11
CA GLU A 60 1.34 4.73 14.34
C GLU A 60 0.50 4.28 13.16
N ALA A 61 -0.75 3.91 13.41
CA ALA A 61 -1.65 3.50 12.35
C ALA A 61 -1.89 4.67 11.39
N ALA A 62 -1.94 5.90 11.90
CA ALA A 62 -2.18 7.10 11.11
C ALA A 62 -1.03 7.43 10.14
N LYS A 63 0.22 7.47 10.62
CA LYS A 63 1.39 7.81 9.80
C LYS A 63 1.63 6.79 8.70
N GLN A 64 1.29 5.53 8.94
CA GLN A 64 1.48 4.46 7.99
C GLN A 64 0.76 4.76 6.67
N GLY A 65 -0.54 5.09 6.72
CA GLY A 65 -1.30 5.41 5.52
C GLY A 65 -0.96 6.81 5.00
N ASP A 66 -0.58 7.73 5.89
CA ASP A 66 -0.23 9.10 5.51
C ASP A 66 0.92 9.11 4.50
N GLN A 67 1.96 8.32 4.78
CA GLN A 67 3.12 8.21 3.89
C GLN A 67 2.67 7.65 2.53
N TRP A 68 1.75 6.68 2.51
CA TRP A 68 1.23 6.09 1.29
C TRP A 68 0.51 7.15 0.44
N VAL A 69 -0.38 7.95 1.05
CA VAL A 69 -1.09 8.97 0.29
C VAL A 69 -0.12 10.05 -0.19
N GLN A 70 0.88 10.43 0.63
CA GLN A 70 1.87 11.41 0.25
C GLN A 70 2.65 10.90 -0.96
N LEU A 71 2.86 9.58 -1.02
CA LEU A 71 3.58 8.96 -2.13
C LEU A 71 2.72 9.06 -3.38
N LYS A 72 1.44 8.74 -3.31
CA LYS A 72 0.51 8.82 -4.43
C LYS A 72 0.56 10.18 -5.11
N GLN A 73 0.67 11.29 -4.35
CA GLN A 73 0.75 12.61 -4.97
C GLN A 73 2.01 12.71 -5.83
N ARG A 74 3.19 12.37 -5.31
CA ARG A 74 4.42 12.44 -6.12
C ARG A 74 4.36 11.43 -7.27
N PHE A 75 3.68 10.30 -7.08
CA PHE A 75 3.55 9.26 -8.08
C PHE A 75 2.80 9.81 -9.29
N ARG A 76 1.58 10.33 -9.08
CA ARG A 76 0.77 10.87 -10.18
C ARG A 76 1.43 12.10 -10.80
N GLU A 77 2.16 12.86 -9.98
CA GLU A 77 2.86 14.06 -10.41
C GLU A 77 3.93 13.68 -11.42
N ALA A 78 4.70 12.63 -11.16
CA ALA A 78 5.74 12.21 -12.09
C ALA A 78 5.14 11.76 -13.41
N ILE A 79 3.90 11.26 -13.41
CA ILE A 79 3.25 10.80 -14.64
C ILE A 79 2.88 12.04 -15.46
N ASP A 80 2.27 13.03 -14.82
CA ASP A 80 1.84 14.30 -15.42
C ASP A 80 3.01 15.04 -16.09
N LYS A 81 4.17 15.02 -15.42
CA LYS A 81 5.37 15.69 -15.94
C LYS A 81 6.11 14.80 -16.92
N GLY A 82 5.91 13.49 -16.79
CA GLY A 82 6.57 12.50 -17.64
C GLY A 82 7.98 12.28 -17.12
N ASP A 83 8.16 12.35 -15.80
CA ASP A 83 9.43 12.17 -15.13
C ASP A 83 9.69 10.67 -15.04
N LYS A 84 10.11 10.05 -16.16
CA LYS A 84 10.43 8.63 -16.25
C LYS A 84 11.46 8.25 -15.21
N ASP A 85 12.42 9.14 -15.02
CA ASP A 85 13.52 9.00 -14.07
C ASP A 85 12.97 8.74 -12.68
N SER A 86 11.97 9.53 -12.30
CA SER A 86 11.31 9.45 -11.01
C SER A 86 10.48 8.17 -10.91
N LEU A 87 10.01 7.62 -12.04
CA LEU A 87 9.19 6.40 -12.00
C LEU A 87 9.97 5.25 -11.37
N GLU A 88 11.29 5.18 -11.57
CA GLU A 88 12.14 4.13 -10.98
C GLU A 88 12.04 4.24 -9.47
N GLN A 89 12.28 5.46 -8.98
CA GLN A 89 12.25 5.79 -7.55
C GLN A 89 10.86 5.58 -6.94
N LEU A 90 9.81 5.82 -7.71
CA LEU A 90 8.41 5.69 -7.32
C LEU A 90 7.99 4.21 -7.26
N LEU A 91 8.37 3.38 -8.23
CA LEU A 91 8.03 1.97 -8.29
C LEU A 91 8.55 1.23 -7.07
N GLU A 92 9.85 1.43 -6.78
CA GLU A 92 10.48 0.77 -5.66
C GLU A 92 9.86 1.25 -4.35
N GLU A 93 9.56 2.55 -4.22
CA GLU A 93 8.98 3.03 -2.99
C GLU A 93 7.54 2.52 -2.81
N LEU A 94 6.77 2.32 -3.89
CA LEU A 94 5.41 1.82 -3.79
C LEU A 94 5.45 0.39 -3.25
N GLU A 95 6.30 -0.46 -3.82
CA GLU A 95 6.41 -1.85 -3.35
C GLU A 95 6.98 -1.90 -1.92
N GLN A 96 7.82 -0.93 -1.57
CA GLN A 96 8.42 -0.85 -0.24
C GLN A 96 7.37 -0.36 0.76
N ALA A 97 6.40 0.45 0.32
CA ALA A 97 5.32 0.97 1.13
C ALA A 97 4.29 -0.13 1.40
N LEU A 98 3.84 -0.86 0.38
CA LEU A 98 2.82 -1.90 0.54
C LEU A 98 3.35 -3.07 1.37
N GLN A 99 4.65 -3.34 1.32
CA GLN A 99 5.26 -4.42 2.08
C GLN A 99 5.43 -4.04 3.54
N LYS A 100 5.64 -2.75 3.83
CA LYS A 100 5.82 -2.25 5.19
C LYS A 100 4.63 -2.63 6.08
N ILE A 101 3.44 -2.63 5.50
CA ILE A 101 2.21 -2.95 6.19
C ILE A 101 2.22 -4.41 6.64
N ARG A 102 2.83 -5.30 5.85
CA ARG A 102 2.88 -6.71 6.13
C ARG A 102 3.56 -6.99 7.44
N GLU A 103 4.59 -6.21 7.78
CA GLU A 103 5.35 -6.36 9.01
C GLU A 103 4.40 -6.22 10.19
N LEU A 104 3.56 -5.19 10.16
CA LEU A 104 2.56 -4.89 11.16
C LEU A 104 1.38 -5.87 11.09
N ALA A 105 1.14 -6.48 9.93
CA ALA A 105 0.06 -7.43 9.79
C ALA A 105 0.49 -8.78 10.38
N GLU A 106 1.74 -9.20 10.22
CA GLU A 106 2.24 -10.48 10.72
C GLU A 106 2.75 -10.36 12.15
N LYS A 107 3.36 -9.22 12.52
CA LYS A 107 3.93 -8.86 13.82
C LYS A 107 4.86 -9.96 14.33
N LYS A 108 6.02 -10.11 13.67
CA LYS A 108 7.02 -11.10 14.05
C LYS A 108 8.11 -10.51 14.94
N ASN A 109 8.04 -9.20 15.23
CA ASN A 109 8.97 -8.48 16.08
C ASN A 109 8.81 -9.04 17.47
N SER A 1 -7.52 -13.34 18.54
CA SER A 1 -6.33 -13.33 17.71
C SER A 1 -6.34 -12.14 16.75
N GLU A 2 -5.31 -11.28 16.85
CA GLU A 2 -5.14 -10.13 15.98
C GLU A 2 -4.88 -10.65 14.55
N PHE A 3 -4.32 -11.86 14.47
CA PHE A 3 -3.98 -12.60 13.27
C PHE A 3 -5.21 -12.80 12.40
N GLU A 4 -6.30 -13.32 12.99
CA GLU A 4 -7.55 -13.55 12.28
C GLU A 4 -8.04 -12.22 11.70
N LYS A 5 -7.86 -11.11 12.40
CA LYS A 5 -8.30 -9.80 11.95
C LYS A 5 -7.53 -9.36 10.71
N LEU A 6 -6.18 -9.42 10.75
CA LEU A 6 -5.35 -9.02 9.62
C LEU A 6 -5.56 -9.99 8.45
N ARG A 7 -5.67 -11.29 8.73
CA ARG A 7 -5.84 -12.38 7.77
C ARG A 7 -6.98 -12.08 6.79
N GLN A 8 -8.10 -11.55 7.27
CA GLN A 8 -9.25 -11.22 6.43
C GLN A 8 -8.83 -10.22 5.35
N THR A 9 -8.17 -9.14 5.74
CA THR A 9 -7.71 -8.09 4.83
C THR A 9 -6.50 -8.56 4.02
N GLY A 10 -5.68 -9.46 4.57
CA GLY A 10 -4.51 -10.01 3.94
C GLY A 10 -4.95 -10.89 2.77
N ASP A 11 -5.98 -11.73 2.96
CA ASP A 11 -6.52 -12.61 1.92
C ASP A 11 -7.03 -11.76 0.77
N GLU A 12 -7.80 -10.72 1.10
CA GLU A 12 -8.36 -9.79 0.12
C GLU A 12 -7.22 -9.05 -0.60
N LEU A 13 -6.14 -8.75 0.11
CA LEU A 13 -4.99 -8.07 -0.46
C LEU A 13 -4.25 -9.02 -1.38
N VAL A 14 -4.09 -10.30 -1.04
CA VAL A 14 -3.40 -11.26 -1.88
C VAL A 14 -4.07 -11.25 -3.25
N GLN A 15 -5.41 -11.37 -3.32
CA GLN A 15 -6.07 -11.36 -4.62
C GLN A 15 -5.82 -10.03 -5.36
N ALA A 16 -5.83 -8.89 -4.65
CA ALA A 16 -5.61 -7.57 -5.22
C ALA A 16 -4.19 -7.45 -5.77
N GLU A 17 -3.15 -7.82 -4.99
CA GLU A 17 -1.79 -7.74 -5.48
C GLU A 17 -1.57 -8.67 -6.69
N GLN A 18 -2.29 -9.79 -6.80
CA GLN A 18 -2.13 -10.68 -7.96
C GLN A 18 -2.68 -10.01 -9.23
N ARG A 19 -3.91 -9.47 -9.19
CA ARG A 19 -4.50 -8.83 -10.37
C ARG A 19 -3.59 -7.70 -10.89
N LEU A 20 -3.08 -6.84 -10.00
CA LEU A 20 -2.20 -5.77 -10.46
C LEU A 20 -0.85 -6.33 -10.92
N ARG A 21 -0.33 -7.41 -10.32
CA ARG A 21 0.95 -7.99 -10.72
C ARG A 21 0.89 -8.44 -12.18
N GLU A 22 -0.24 -8.95 -12.66
CA GLU A 22 -0.41 -9.41 -14.02
C GLU A 22 0.00 -8.33 -15.01
N ILE A 23 -0.55 -7.12 -14.83
CA ILE A 23 -0.31 -5.96 -15.67
C ILE A 23 1.07 -5.33 -15.44
N PHE A 24 1.47 -5.16 -14.17
CA PHE A 24 2.73 -4.55 -13.77
C PHE A 24 3.92 -5.33 -14.34
N ASP A 25 3.81 -6.65 -14.42
CA ASP A 25 4.87 -7.52 -14.96
C ASP A 25 5.15 -7.15 -16.42
N LYS A 26 4.12 -6.76 -17.20
CA LYS A 26 4.27 -6.35 -18.60
C LYS A 26 4.93 -4.98 -18.72
N GLY A 27 5.08 -4.24 -17.62
CA GLY A 27 5.69 -2.91 -17.65
C GLY A 27 4.68 -1.83 -18.01
N ASP A 28 3.39 -2.13 -17.88
CA ASP A 28 2.29 -1.22 -18.17
C ASP A 28 2.29 -0.12 -17.11
N ASP A 29 2.74 1.09 -17.44
CA ASP A 29 2.78 2.22 -16.52
C ASP A 29 1.42 2.89 -16.35
N ASP A 30 0.62 2.99 -17.41
CA ASP A 30 -0.70 3.65 -17.33
C ASP A 30 -1.64 2.86 -16.41
N SER A 31 -1.77 1.55 -16.64
CA SER A 31 -2.64 0.72 -15.82
C SER A 31 -2.12 0.64 -14.38
N LEU A 32 -0.81 0.80 -14.15
CA LEU A 32 -0.21 0.77 -12.82
C LEU A 32 -0.78 1.90 -11.95
N GLU A 33 -1.03 3.07 -12.54
CA GLU A 33 -1.59 4.19 -11.80
C GLU A 33 -3.01 3.85 -11.37
N GLN A 34 -3.83 3.27 -12.25
CA GLN A 34 -5.21 2.92 -11.93
C GLN A 34 -5.30 2.02 -10.71
N VAL A 35 -4.54 0.92 -10.70
CA VAL A 35 -4.56 -0.02 -9.58
C VAL A 35 -4.07 0.64 -8.30
N LEU A 36 -3.14 1.61 -8.38
CA LEU A 36 -2.59 2.34 -7.25
C LEU A 36 -3.72 3.12 -6.53
N GLU A 37 -4.75 3.52 -7.25
CA GLU A 37 -5.89 4.23 -6.69
C GLU A 37 -6.75 3.24 -5.89
N GLU A 38 -7.06 2.06 -6.48
CA GLU A 38 -7.87 1.01 -5.89
C GLU A 38 -7.29 0.40 -4.61
N ILE A 39 -6.01 0.04 -4.69
CA ILE A 39 -5.24 -0.59 -3.64
C ILE A 39 -5.29 0.17 -2.33
N GLU A 40 -5.42 1.50 -2.32
CA GLU A 40 -5.49 2.27 -1.10
C GLU A 40 -6.57 1.74 -0.15
N GLU A 41 -7.65 1.15 -0.70
CA GLU A 41 -8.75 0.63 0.13
C GLU A 41 -8.18 -0.34 1.16
N LEU A 42 -7.18 -1.13 0.79
CA LEU A 42 -6.56 -2.10 1.68
C LEU A 42 -5.82 -1.40 2.82
N ILE A 43 -5.23 -0.22 2.61
CA ILE A 43 -4.55 0.51 3.67
C ILE A 43 -5.64 1.07 4.59
N GLN A 44 -6.72 1.62 4.01
CA GLN A 44 -7.82 2.18 4.80
C GLN A 44 -8.40 1.08 5.69
N LYS A 45 -8.63 -0.10 5.13
CA LYS A 45 -9.18 -1.24 5.83
C LYS A 45 -8.21 -1.70 6.93
N HIS A 46 -6.92 -1.93 6.62
CA HIS A 46 -5.96 -2.35 7.62
C HIS A 46 -5.80 -1.31 8.72
N ARG A 47 -5.99 -0.01 8.44
CA ARG A 47 -5.88 1.04 9.45
C ARG A 47 -6.81 0.72 10.62
N GLN A 48 -8.06 0.31 10.36
CA GLN A 48 -9.02 -0.03 11.41
C GLN A 48 -8.54 -1.21 12.28
N LEU A 49 -7.65 -2.05 11.72
CA LEU A 49 -7.07 -3.21 12.38
C LEU A 49 -5.85 -2.83 13.18
N PHE A 50 -5.06 -1.91 12.63
CA PHE A 50 -3.86 -1.41 13.30
C PHE A 50 -4.30 -0.61 14.54
N ASP A 51 -5.49 -0.01 14.44
CA ASP A 51 -6.21 0.80 15.42
C ASP A 51 -7.18 -0.06 16.25
N ASN A 52 -7.13 -1.39 16.12
CA ASN A 52 -8.00 -2.32 16.82
C ASN A 52 -7.87 -2.22 18.35
N ARG A 53 -8.83 -1.54 18.98
CA ARG A 53 -8.92 -1.33 20.42
C ARG A 53 -7.66 -0.75 21.06
N GLN A 54 -6.80 -0.07 20.31
CA GLN A 54 -5.57 0.54 20.83
C GLN A 54 -4.69 -0.53 21.47
N GLU A 55 -4.70 -1.73 20.88
CA GLU A 55 -3.95 -2.90 21.28
C GLU A 55 -2.46 -2.74 20.93
N ALA A 56 -2.15 -1.80 20.04
CA ALA A 56 -0.83 -1.47 19.55
C ALA A 56 -0.64 0.06 19.49
N ALA A 57 0.56 0.51 19.12
CA ALA A 57 0.88 1.93 19.02
C ALA A 57 0.20 2.50 17.78
N ASP A 58 -0.80 3.35 18.02
CA ASP A 58 -1.58 3.97 16.94
C ASP A 58 -0.76 4.82 16.00
N THR A 59 0.30 5.44 16.52
CA THR A 59 1.16 6.30 15.74
C THR A 59 1.65 5.66 14.44
N GLU A 60 2.06 4.39 14.49
CA GLU A 60 2.58 3.68 13.34
C GLU A 60 1.56 3.66 12.20
N ALA A 61 0.27 3.53 12.51
CA ALA A 61 -0.82 3.50 11.53
C ALA A 61 -0.94 4.83 10.80
N ALA A 62 -0.81 5.96 11.53
CA ALA A 62 -0.90 7.28 10.93
C ALA A 62 0.25 7.47 9.96
N LYS A 63 1.49 7.19 10.39
CA LYS A 63 2.64 7.35 9.49
C LYS A 63 2.44 6.53 8.24
N GLN A 64 1.87 5.33 8.37
CA GLN A 64 1.62 4.45 7.25
C GLN A 64 0.68 5.09 6.23
N GLY A 65 -0.41 5.68 6.69
CA GLY A 65 -1.37 6.30 5.81
C GLY A 65 -0.82 7.59 5.19
N ASP A 66 -0.25 8.46 6.01
CA ASP A 66 0.33 9.75 5.62
C ASP A 66 1.42 9.52 4.56
N GLN A 67 2.33 8.59 4.80
CA GLN A 67 3.42 8.27 3.88
C GLN A 67 2.84 7.75 2.56
N TRP A 68 1.79 6.92 2.61
CA TRP A 68 1.16 6.38 1.42
C TRP A 68 0.56 7.52 0.58
N VAL A 69 -0.22 8.42 1.19
CA VAL A 69 -0.82 9.51 0.43
C VAL A 69 0.24 10.47 -0.10
N GLN A 70 1.32 10.77 0.66
CA GLN A 70 2.35 11.67 0.17
C GLN A 70 2.99 11.07 -1.08
N LEU A 71 3.13 9.75 -1.08
CA LEU A 71 3.70 9.04 -2.22
C LEU A 71 2.76 9.18 -3.41
N LYS A 72 1.45 8.94 -3.26
CA LYS A 72 0.50 9.06 -4.38
C LYS A 72 0.60 10.43 -5.04
N GLN A 73 0.68 11.48 -4.22
CA GLN A 73 0.74 12.86 -4.70
C GLN A 73 1.92 13.03 -5.66
N ARG A 74 3.13 12.60 -5.27
CA ARG A 74 4.29 12.72 -6.14
C ARG A 74 4.22 11.70 -7.29
N PHE A 75 3.60 10.54 -7.06
CA PHE A 75 3.46 9.46 -8.03
C PHE A 75 2.74 9.93 -9.28
N ARG A 76 1.53 10.47 -9.13
CA ARG A 76 0.74 10.97 -10.27
C ARG A 76 1.46 12.13 -10.94
N GLU A 77 2.15 12.94 -10.14
CA GLU A 77 2.87 14.09 -10.63
C GLU A 77 4.02 13.65 -11.52
N ALA A 78 4.76 12.60 -11.17
CA ALA A 78 5.86 12.12 -11.99
C ALA A 78 5.34 11.65 -13.36
N ILE A 79 4.09 11.21 -13.44
CA ILE A 79 3.50 10.78 -14.69
C ILE A 79 3.30 12.05 -15.54
N ASP A 80 2.66 13.06 -14.96
CA ASP A 80 2.36 14.36 -15.59
C ASP A 80 3.66 15.03 -16.08
N LYS A 81 4.73 14.93 -15.29
CA LYS A 81 6.06 15.50 -15.59
C LYS A 81 6.89 14.62 -16.51
N GLY A 82 6.47 13.37 -16.66
CA GLY A 82 7.16 12.40 -17.49
C GLY A 82 8.53 12.16 -16.87
N ASP A 83 8.60 12.16 -15.54
CA ASP A 83 9.81 11.97 -14.75
C ASP A 83 10.10 10.47 -14.67
N LYS A 84 10.63 9.95 -15.76
CA LYS A 84 11.05 8.57 -16.01
C LYS A 84 12.02 8.11 -14.92
N ASP A 85 12.89 9.03 -14.55
CA ASP A 85 13.93 8.93 -13.54
C ASP A 85 13.28 8.70 -12.18
N SER A 86 12.32 9.56 -11.82
CA SER A 86 11.61 9.46 -10.57
C SER A 86 10.71 8.23 -10.55
N LEU A 87 10.23 7.74 -11.71
CA LEU A 87 9.37 6.58 -11.79
C LEU A 87 10.02 5.37 -11.14
N GLU A 88 11.33 5.16 -11.35
CA GLU A 88 12.06 4.02 -10.77
C GLU A 88 11.92 4.06 -9.25
N GLN A 89 12.21 5.25 -8.70
CA GLN A 89 12.18 5.59 -7.27
C GLN A 89 10.76 5.56 -6.69
N LEU A 90 9.75 5.87 -7.49
CA LEU A 90 8.36 5.86 -7.10
C LEU A 90 7.86 4.43 -7.02
N LEU A 91 8.16 3.63 -8.04
CA LEU A 91 7.75 2.23 -8.14
C LEU A 91 8.31 1.46 -6.97
N GLU A 92 9.61 1.58 -6.69
CA GLU A 92 10.26 0.87 -5.59
C GLU A 92 9.72 1.34 -4.24
N GLU A 93 9.34 2.62 -4.09
CA GLU A 93 8.79 3.10 -2.83
C GLU A 93 7.34 2.63 -2.67
N LEU A 94 6.58 2.44 -3.77
CA LEU A 94 5.21 2.00 -3.71
C LEU A 94 5.18 0.57 -3.18
N GLU A 95 6.00 -0.32 -3.75
CA GLU A 95 6.03 -1.70 -3.28
C GLU A 95 6.53 -1.77 -1.84
N GLN A 96 7.38 -0.84 -1.39
CA GLN A 96 7.83 -0.89 0.01
C GLN A 96 6.68 -0.45 0.90
N ALA A 97 5.82 0.47 0.44
CA ALA A 97 4.71 0.98 1.22
C ALA A 97 3.66 -0.08 1.49
N LEU A 98 3.38 -0.95 0.52
CA LEU A 98 2.40 -2.03 0.67
C LEU A 98 3.00 -3.17 1.51
N GLN A 99 4.31 -3.35 1.49
CA GLN A 99 5.04 -4.39 2.22
C GLN A 99 5.22 -4.06 3.69
N LYS A 100 5.52 -2.79 3.97
CA LYS A 100 5.78 -2.37 5.37
C LYS A 100 4.61 -2.69 6.27
N ILE A 101 3.40 -2.53 5.76
CA ILE A 101 2.18 -2.80 6.50
C ILE A 101 2.15 -4.25 6.98
N ARG A 102 2.72 -5.18 6.21
CA ARG A 102 2.71 -6.60 6.56
C ARG A 102 3.47 -6.81 7.86
N GLU A 103 4.55 -6.05 8.06
CA GLU A 103 5.37 -6.16 9.27
C GLU A 103 4.56 -5.65 10.45
N LEU A 104 3.86 -4.53 10.26
CA LEU A 104 3.04 -3.91 11.29
C LEU A 104 1.80 -4.73 11.61
N ALA A 105 1.23 -5.43 10.62
CA ALA A 105 0.04 -6.21 10.85
C ALA A 105 0.33 -7.45 11.68
N GLU A 106 1.48 -8.10 11.48
CA GLU A 106 1.82 -9.29 12.26
C GLU A 106 2.47 -8.88 13.58
N LYS A 107 3.07 -7.68 13.59
CA LYS A 107 3.77 -7.03 14.71
C LYS A 107 4.70 -7.99 15.45
N LYS A 108 5.35 -8.87 14.70
CA LYS A 108 6.29 -9.89 15.18
C LYS A 108 7.59 -9.26 15.69
N ASN A 109 7.73 -7.94 15.58
CA ASN A 109 8.89 -7.22 16.07
C ASN A 109 8.95 -7.40 17.58
N SER A 1 -3.25 -8.18 18.86
CA SER A 1 -4.34 -8.06 17.88
C SER A 1 -4.83 -9.44 17.44
N GLU A 2 -6.12 -9.53 17.08
CA GLU A 2 -6.73 -10.77 16.60
C GLU A 2 -6.12 -11.12 15.23
N PHE A 3 -6.23 -12.38 14.84
CA PHE A 3 -5.71 -12.92 13.60
C PHE A 3 -6.73 -12.88 12.47
N GLU A 4 -7.91 -13.44 12.70
CA GLU A 4 -8.97 -13.52 11.70
C GLU A 4 -9.37 -12.14 11.19
N LYS A 5 -9.27 -11.12 12.05
CA LYS A 5 -9.61 -9.76 11.66
C LYS A 5 -8.68 -9.30 10.54
N LEU A 6 -7.38 -9.57 10.63
CA LEU A 6 -6.41 -9.19 9.61
C LEU A 6 -6.55 -10.17 8.44
N ARG A 7 -6.91 -11.45 8.68
CA ARG A 7 -7.06 -12.45 7.63
C ARG A 7 -8.05 -11.99 6.57
N GLN A 8 -9.18 -11.38 6.92
CA GLN A 8 -10.15 -10.94 5.91
C GLN A 8 -9.51 -9.97 4.90
N THR A 9 -8.83 -8.94 5.39
CA THR A 9 -8.20 -7.97 4.50
C THR A 9 -6.92 -8.55 3.91
N GLY A 10 -6.24 -9.46 4.58
CA GLY A 10 -5.03 -10.10 4.10
C GLY A 10 -5.37 -11.01 2.92
N ASP A 11 -6.54 -11.65 2.96
CA ASP A 11 -7.03 -12.55 1.91
C ASP A 11 -7.39 -11.75 0.68
N GLU A 12 -7.93 -10.54 0.85
CA GLU A 12 -8.28 -9.63 -0.23
C GLU A 12 -7.01 -8.98 -0.78
N LEU A 13 -6.09 -8.59 0.11
CA LEU A 13 -4.86 -7.93 -0.24
C LEU A 13 -3.98 -8.84 -1.09
N VAL A 14 -3.83 -10.11 -0.70
CA VAL A 14 -3.01 -11.03 -1.49
C VAL A 14 -3.55 -11.13 -2.91
N GLN A 15 -4.88 -11.23 -3.09
CA GLN A 15 -5.45 -11.31 -4.42
C GLN A 15 -5.26 -9.95 -5.11
N ALA A 16 -5.51 -8.82 -4.44
CA ALA A 16 -5.36 -7.47 -4.99
C ALA A 16 -3.95 -7.24 -5.53
N GLU A 17 -2.93 -7.54 -4.71
CA GLU A 17 -1.55 -7.36 -5.11
C GLU A 17 -1.18 -8.30 -6.26
N GLN A 18 -1.78 -9.50 -6.35
CA GLN A 18 -1.52 -10.47 -7.41
C GLN A 18 -2.24 -10.07 -8.72
N ARG A 19 -3.52 -9.66 -8.68
CA ARG A 19 -4.26 -9.27 -9.88
C ARG A 19 -3.48 -8.15 -10.55
N LEU A 20 -3.01 -7.16 -9.78
CA LEU A 20 -2.23 -6.09 -10.34
C LEU A 20 -0.84 -6.58 -10.73
N ARG A 21 -0.22 -7.52 -10.00
CA ARG A 21 1.12 -8.00 -10.34
C ARG A 21 1.14 -8.60 -11.74
N GLU A 22 0.10 -9.33 -12.14
CA GLU A 22 0.03 -9.94 -13.46
C GLU A 22 0.27 -8.90 -14.56
N ILE A 23 -0.36 -7.74 -14.43
CA ILE A 23 -0.21 -6.65 -15.38
C ILE A 23 1.14 -5.93 -15.18
N PHE A 24 1.43 -5.54 -13.93
CA PHE A 24 2.62 -4.82 -13.48
C PHE A 24 3.92 -5.52 -13.88
N ASP A 25 3.94 -6.85 -13.99
CA ASP A 25 5.13 -7.61 -14.38
C ASP A 25 5.61 -7.13 -15.75
N LYS A 26 4.68 -6.70 -16.62
CA LYS A 26 4.99 -6.21 -17.96
C LYS A 26 5.55 -4.77 -17.89
N GLY A 27 5.55 -4.12 -16.74
CA GLY A 27 6.01 -2.75 -16.56
C GLY A 27 5.01 -1.78 -17.16
N ASP A 28 3.73 -2.17 -17.22
CA ASP A 28 2.61 -1.41 -17.76
C ASP A 28 2.32 -0.24 -16.82
N ASP A 29 3.02 0.87 -17.04
CA ASP A 29 2.95 2.10 -16.27
C ASP A 29 1.54 2.68 -16.26
N ASP A 30 0.86 2.73 -17.41
CA ASP A 30 -0.49 3.26 -17.57
C ASP A 30 -1.48 2.51 -16.68
N SER A 31 -1.30 1.19 -16.61
CA SER A 31 -2.15 0.35 -15.80
C SER A 31 -1.73 0.43 -14.32
N LEU A 32 -0.45 0.65 -14.02
CA LEU A 32 0.08 0.72 -12.65
C LEU A 32 -0.60 1.86 -11.88
N GLU A 33 -0.75 3.03 -12.50
CA GLU A 33 -1.40 4.14 -11.84
C GLU A 33 -2.87 3.86 -11.58
N GLN A 34 -3.49 3.01 -12.41
CA GLN A 34 -4.89 2.63 -12.32
C GLN A 34 -5.12 1.77 -11.07
N VAL A 35 -4.30 0.73 -10.89
CA VAL A 35 -4.39 -0.19 -9.76
C VAL A 35 -4.00 0.49 -8.44
N LEU A 36 -3.11 1.49 -8.47
CA LEU A 36 -2.65 2.23 -7.29
C LEU A 36 -3.84 2.88 -6.55
N GLU A 37 -4.87 3.29 -7.29
CA GLU A 37 -6.09 3.88 -6.75
C GLU A 37 -6.99 2.80 -6.14
N GLU A 38 -6.94 1.58 -6.66
CA GLU A 38 -7.73 0.43 -6.22
C GLU A 38 -7.16 -0.14 -4.92
N ILE A 39 -5.85 -0.38 -4.88
CA ILE A 39 -5.13 -0.95 -3.74
C ILE A 39 -5.26 -0.08 -2.47
N GLU A 40 -5.38 1.24 -2.61
CA GLU A 40 -5.50 2.15 -1.47
C GLU A 40 -6.62 1.73 -0.50
N GLU A 41 -7.67 1.10 -1.02
CA GLU A 41 -8.82 0.64 -0.23
C GLU A 41 -8.40 -0.41 0.81
N LEU A 42 -7.43 -1.27 0.47
CA LEU A 42 -6.94 -2.30 1.38
C LEU A 42 -6.29 -1.63 2.58
N ILE A 43 -5.59 -0.51 2.36
CA ILE A 43 -4.96 0.23 3.43
C ILE A 43 -6.07 0.82 4.30
N GLN A 44 -7.13 1.39 3.69
CA GLN A 44 -8.23 1.96 4.47
C GLN A 44 -8.85 0.87 5.35
N LYS A 45 -9.08 -0.33 4.81
CA LYS A 45 -9.66 -1.42 5.58
C LYS A 45 -8.69 -1.83 6.69
N HIS A 46 -7.41 -2.06 6.37
CA HIS A 46 -6.41 -2.45 7.37
C HIS A 46 -6.31 -1.38 8.46
N ARG A 47 -6.45 -0.08 8.16
CA ARG A 47 -6.39 1.00 9.16
C ARG A 47 -7.39 0.73 10.28
N GLN A 48 -8.61 0.31 9.93
CA GLN A 48 -9.64 0.02 10.93
C GLN A 48 -9.17 -1.08 11.88
N LEU A 49 -8.36 -2.01 11.37
CA LEU A 49 -7.83 -3.15 12.13
C LEU A 49 -6.64 -2.74 12.98
N PHE A 50 -5.81 -1.86 12.42
CA PHE A 50 -4.60 -1.33 13.01
C PHE A 50 -4.97 -0.42 14.20
N ASP A 51 -6.19 0.10 14.20
CA ASP A 51 -6.71 0.97 15.24
C ASP A 51 -6.83 0.25 16.59
N ASN A 52 -6.88 -1.09 16.59
CA ASN A 52 -6.98 -1.88 17.82
C ASN A 52 -5.59 -2.03 18.47
N ARG A 53 -5.48 -2.69 19.61
CA ARG A 53 -4.23 -2.90 20.36
C ARG A 53 -3.13 -3.51 19.47
N GLN A 54 -2.08 -2.74 19.29
CA GLN A 54 -0.85 -2.98 18.54
C GLN A 54 0.28 -2.79 19.56
N GLU A 55 1.48 -2.42 19.15
CA GLU A 55 2.62 -2.20 20.06
C GLU A 55 3.11 -0.74 20.09
N ALA A 56 2.38 0.13 19.41
CA ALA A 56 2.63 1.55 19.27
C ALA A 56 1.33 2.36 19.31
N ALA A 57 1.44 3.66 19.52
CA ALA A 57 0.30 4.59 19.58
C ALA A 57 -0.36 4.72 18.20
N ASP A 58 -1.50 5.41 18.17
CA ASP A 58 -2.27 5.62 16.94
C ASP A 58 -1.59 6.52 15.91
N THR A 59 -0.57 7.28 16.31
CA THR A 59 0.19 8.15 15.42
C THR A 59 0.92 7.24 14.42
N GLU A 60 1.27 6.00 14.79
CA GLU A 60 1.96 5.07 13.93
C GLU A 60 1.07 4.77 12.70
N ALA A 61 -0.18 4.39 12.96
CA ALA A 61 -1.18 4.08 11.94
C ALA A 61 -1.49 5.34 11.12
N ALA A 62 -1.63 6.50 11.77
CA ALA A 62 -1.90 7.78 11.12
C ALA A 62 -0.79 8.15 10.14
N LYS A 63 0.45 8.05 10.60
CA LYS A 63 1.65 8.36 9.83
C LYS A 63 1.75 7.42 8.64
N GLN A 64 1.48 6.13 8.85
CA GLN A 64 1.54 5.15 7.78
C GLN A 64 0.54 5.53 6.68
N GLY A 65 -0.66 5.95 7.04
CA GLY A 65 -1.69 6.35 6.11
C GLY A 65 -1.27 7.63 5.38
N ASP A 66 -0.73 8.61 6.13
CA ASP A 66 -0.27 9.89 5.57
C ASP A 66 0.81 9.64 4.54
N GLN A 67 1.81 8.81 4.87
CA GLN A 67 2.89 8.50 3.97
C GLN A 67 2.38 7.83 2.70
N TRP A 68 1.35 6.97 2.78
CA TRP A 68 0.79 6.33 1.59
C TRP A 68 0.11 7.37 0.72
N VAL A 69 -0.78 8.20 1.26
CA VAL A 69 -1.45 9.19 0.43
C VAL A 69 -0.44 10.21 -0.12
N GLN A 70 0.58 10.58 0.68
CA GLN A 70 1.62 11.50 0.25
C GLN A 70 2.39 10.85 -0.90
N LEU A 71 2.50 9.52 -0.89
CA LEU A 71 3.18 8.80 -1.92
C LEU A 71 2.35 8.96 -3.19
N LYS A 72 1.03 8.72 -3.14
CA LYS A 72 0.13 8.88 -4.30
C LYS A 72 0.22 10.29 -4.85
N GLN A 73 0.36 11.31 -4.00
CA GLN A 73 0.48 12.72 -4.37
C GLN A 73 1.68 12.89 -5.31
N ARG A 74 2.87 12.38 -4.94
CA ARG A 74 4.07 12.48 -5.79
C ARG A 74 4.04 11.49 -6.95
N PHE A 75 3.41 10.32 -6.76
CA PHE A 75 3.30 9.26 -7.75
C PHE A 75 2.70 9.75 -9.05
N ARG A 76 1.49 10.33 -9.00
CA ARG A 76 0.84 10.82 -10.21
C ARG A 76 1.61 11.95 -10.85
N GLU A 77 2.19 12.80 -10.01
CA GLU A 77 2.94 13.95 -10.44
C GLU A 77 4.12 13.53 -11.29
N ALA A 78 4.84 12.48 -10.91
CA ALA A 78 5.98 12.02 -11.68
C ALA A 78 5.56 11.56 -13.08
N ILE A 79 4.32 11.10 -13.24
CA ILE A 79 3.82 10.63 -14.52
C ILE A 79 3.58 11.83 -15.41
N ASP A 80 2.84 12.82 -14.92
CA ASP A 80 2.52 14.03 -15.69
C ASP A 80 3.81 14.73 -16.10
N LYS A 81 4.78 14.79 -15.18
CA LYS A 81 6.07 15.41 -15.42
C LYS A 81 6.94 14.54 -16.31
N GLY A 82 6.68 13.24 -16.31
CA GLY A 82 7.41 12.25 -17.09
C GLY A 82 8.82 12.18 -16.52
N ASP A 83 8.92 12.18 -15.20
CA ASP A 83 10.16 12.15 -14.45
C ASP A 83 10.56 10.68 -14.30
N LYS A 84 11.27 10.17 -15.31
CA LYS A 84 11.74 8.80 -15.41
C LYS A 84 12.56 8.34 -14.22
N ASP A 85 13.45 9.20 -13.78
CA ASP A 85 14.36 8.98 -12.66
C ASP A 85 13.53 8.75 -11.39
N SER A 86 12.56 9.64 -11.15
CA SER A 86 11.67 9.54 -10.00
C SER A 86 10.74 8.34 -10.12
N LEU A 87 10.40 7.92 -11.34
CA LEU A 87 9.51 6.80 -11.67
C LEU A 87 10.04 5.52 -11.06
N GLU A 88 11.36 5.32 -11.19
CA GLU A 88 12.12 4.19 -10.71
C GLU A 88 12.01 4.13 -9.18
N GLN A 89 12.29 5.27 -8.52
CA GLN A 89 12.23 5.39 -7.07
C GLN A 89 10.78 5.18 -6.57
N LEU A 90 9.79 5.66 -7.33
CA LEU A 90 8.39 5.53 -6.99
C LEU A 90 7.95 4.08 -7.09
N LEU A 91 8.38 3.31 -8.09
CA LEU A 91 7.96 1.93 -8.23
C LEU A 91 8.38 1.10 -7.03
N GLU A 92 9.65 1.18 -6.64
CA GLU A 92 10.13 0.40 -5.49
C GLU A 92 9.43 0.88 -4.21
N GLU A 93 9.22 2.19 -4.06
CA GLU A 93 8.57 2.72 -2.87
C GLU A 93 7.11 2.27 -2.81
N LEU A 94 6.43 2.04 -3.95
CA LEU A 94 5.04 1.60 -3.95
C LEU A 94 4.98 0.20 -3.37
N GLU A 95 5.81 -0.71 -3.88
CA GLU A 95 5.80 -2.07 -3.36
C GLU A 95 6.27 -2.06 -1.90
N GLN A 96 7.13 -1.14 -1.51
CA GLN A 96 7.61 -1.05 -0.14
C GLN A 96 6.48 -0.55 0.76
N ALA A 97 5.61 0.30 0.23
CA ALA A 97 4.50 0.86 0.97
C ALA A 97 3.41 -0.18 1.19
N LEU A 98 3.16 -1.08 0.24
CA LEU A 98 2.17 -2.14 0.40
C LEU A 98 2.74 -3.24 1.32
N GLN A 99 4.06 -3.42 1.35
CA GLN A 99 4.80 -4.40 2.16
C GLN A 99 4.93 -4.01 3.61
N LYS A 100 5.26 -2.74 3.85
CA LYS A 100 5.47 -2.25 5.22
C LYS A 100 4.26 -2.50 6.11
N ILE A 101 3.07 -2.30 5.57
CA ILE A 101 1.86 -2.49 6.33
C ILE A 101 1.72 -3.94 6.76
N ARG A 102 2.18 -4.90 5.95
CA ARG A 102 2.08 -6.32 6.30
C ARG A 102 2.87 -6.60 7.56
N GLU A 103 3.95 -5.86 7.76
CA GLU A 103 4.85 -6.00 8.90
C GLU A 103 4.09 -5.52 10.13
N LEU A 104 3.38 -4.40 10.00
CA LEU A 104 2.61 -3.85 11.10
C LEU A 104 1.37 -4.68 11.34
N ALA A 105 0.82 -5.33 10.30
CA ALA A 105 -0.37 -6.16 10.42
C ALA A 105 -0.10 -7.34 11.34
N GLU A 106 1.12 -7.91 11.31
CA GLU A 106 1.49 -9.05 12.15
C GLU A 106 2.29 -8.63 13.40
N LYS A 107 3.03 -7.52 13.34
CA LYS A 107 3.89 -6.97 14.39
C LYS A 107 4.69 -8.06 15.11
N LYS A 108 5.17 -9.06 14.37
CA LYS A 108 5.93 -10.18 14.89
C LYS A 108 7.41 -9.82 15.07
N ASN A 109 7.71 -8.59 15.50
CA ASN A 109 9.05 -8.06 15.74
C ASN A 109 9.15 -7.49 17.13
N SER A 1 -8.65 -6.66 18.94
CA SER A 1 -7.96 -7.14 17.74
C SER A 1 -8.68 -8.40 17.27
N GLU A 2 -8.84 -8.59 15.96
CA GLU A 2 -9.54 -9.72 15.35
C GLU A 2 -8.67 -10.33 14.27
N PHE A 3 -8.38 -11.62 14.43
CA PHE A 3 -7.55 -12.35 13.50
C PHE A 3 -8.17 -12.40 12.11
N GLU A 4 -9.42 -12.79 12.08
CA GLU A 4 -10.22 -12.90 10.85
C GLU A 4 -10.29 -11.57 10.10
N LYS A 5 -10.22 -10.42 10.79
CA LYS A 5 -10.26 -9.13 10.12
C LYS A 5 -8.95 -8.92 9.36
N LEU A 6 -7.79 -9.28 9.94
CA LEU A 6 -6.52 -9.13 9.26
C LEU A 6 -6.42 -10.24 8.21
N ARG A 7 -7.05 -11.41 8.39
CA ARG A 7 -7.04 -12.50 7.44
C ARG A 7 -7.70 -12.02 6.16
N GLN A 8 -8.89 -11.41 6.28
CA GLN A 8 -9.66 -10.89 5.16
C GLN A 8 -8.85 -9.84 4.41
N THR A 9 -8.31 -8.86 5.13
CA THR A 9 -7.54 -7.78 4.51
C THR A 9 -6.25 -8.28 3.90
N GLY A 10 -5.53 -9.17 4.59
CA GLY A 10 -4.28 -9.73 4.14
C GLY A 10 -4.46 -10.60 2.90
N ASP A 11 -5.48 -11.46 2.88
CA ASP A 11 -5.77 -12.35 1.75
C ASP A 11 -6.18 -11.52 0.54
N GLU A 12 -6.99 -10.49 0.78
CA GLU A 12 -7.45 -9.61 -0.28
C GLU A 12 -6.27 -8.85 -0.87
N LEU A 13 -5.35 -8.35 -0.02
CA LEU A 13 -4.17 -7.60 -0.42
C LEU A 13 -3.27 -8.49 -1.28
N VAL A 14 -3.19 -9.77 -0.94
CA VAL A 14 -2.41 -10.75 -1.69
C VAL A 14 -2.99 -10.88 -3.09
N GLN A 15 -4.32 -11.08 -3.25
CA GLN A 15 -4.86 -11.18 -4.60
C GLN A 15 -4.72 -9.84 -5.34
N ALA A 16 -4.82 -8.70 -4.65
CA ALA A 16 -4.68 -7.38 -5.23
C ALA A 16 -3.34 -7.22 -5.95
N GLU A 17 -2.21 -7.55 -5.28
CA GLU A 17 -0.92 -7.40 -5.96
C GLU A 17 -0.77 -8.41 -7.09
N GLN A 18 -1.36 -9.60 -6.96
CA GLN A 18 -1.27 -10.65 -7.98
C GLN A 18 -2.02 -10.28 -9.25
N ARG A 19 -3.22 -9.69 -9.14
CA ARG A 19 -4.00 -9.30 -10.32
C ARG A 19 -3.27 -8.20 -11.09
N LEU A 20 -2.77 -7.18 -10.40
CA LEU A 20 -2.07 -6.07 -11.04
C LEU A 20 -0.71 -6.46 -11.57
N ARG A 21 0.00 -7.37 -10.89
CA ARG A 21 1.33 -7.81 -11.28
C ARG A 21 1.37 -8.26 -12.74
N GLU A 22 0.34 -8.97 -13.19
CA GLU A 22 0.24 -9.45 -14.57
C GLU A 22 0.39 -8.29 -15.55
N ILE A 23 -0.34 -7.20 -15.34
CA ILE A 23 -0.29 -6.01 -16.18
C ILE A 23 0.95 -5.14 -15.92
N PHE A 24 1.38 -5.04 -14.66
CA PHE A 24 2.54 -4.27 -14.23
C PHE A 24 3.79 -4.81 -14.94
N ASP A 25 3.87 -6.12 -15.15
CA ASP A 25 4.98 -6.80 -15.83
C ASP A 25 5.11 -6.32 -17.28
N LYS A 26 4.07 -5.70 -17.85
CA LYS A 26 4.03 -5.16 -19.21
C LYS A 26 4.36 -3.67 -19.25
N GLY A 27 4.60 -3.04 -18.10
CA GLY A 27 4.90 -1.62 -18.03
C GLY A 27 3.68 -0.79 -18.43
N ASP A 28 2.47 -1.24 -18.08
CA ASP A 28 1.23 -0.53 -18.36
C ASP A 28 1.21 0.64 -17.37
N ASP A 29 1.88 1.73 -17.70
CA ASP A 29 2.05 2.93 -16.89
C ASP A 29 0.74 3.53 -16.41
N ASP A 30 -0.23 3.69 -17.31
CA ASP A 30 -1.53 4.28 -16.95
C ASP A 30 -2.32 3.34 -16.03
N SER A 31 -2.18 2.03 -16.20
CA SER A 31 -2.88 1.09 -15.34
C SER A 31 -2.16 0.99 -13.99
N LEU A 32 -0.84 1.23 -13.94
CA LEU A 32 0.00 1.19 -12.75
C LEU A 32 -0.59 2.14 -11.72
N GLU A 33 -0.95 3.37 -12.12
CA GLU A 33 -1.55 4.31 -11.20
C GLU A 33 -3.01 3.90 -10.89
N GLN A 34 -3.75 3.32 -11.84
CA GLN A 34 -5.14 2.93 -11.62
C GLN A 34 -5.26 1.85 -10.55
N VAL A 35 -4.41 0.82 -10.58
CA VAL A 35 -4.45 -0.24 -9.58
C VAL A 35 -4.09 0.33 -8.21
N LEU A 36 -3.21 1.35 -8.16
CA LEU A 36 -2.78 2.04 -6.96
C LEU A 36 -3.99 2.71 -6.29
N GLU A 37 -4.93 3.17 -7.08
CA GLU A 37 -6.17 3.80 -6.61
C GLU A 37 -7.14 2.74 -6.11
N GLU A 38 -7.13 1.52 -6.65
CA GLU A 38 -8.04 0.47 -6.18
C GLU A 38 -7.51 -0.12 -4.86
N ILE A 39 -6.24 -0.50 -4.86
CA ILE A 39 -5.49 -1.11 -3.76
C ILE A 39 -5.48 -0.26 -2.49
N GLU A 40 -5.54 1.07 -2.61
CA GLU A 40 -5.52 1.98 -1.47
C GLU A 40 -6.56 1.59 -0.40
N GLU A 41 -7.67 0.96 -0.82
CA GLU A 41 -8.73 0.55 0.09
C GLU A 41 -8.18 -0.45 1.12
N LEU A 42 -7.27 -1.33 0.72
CA LEU A 42 -6.67 -2.31 1.60
C LEU A 42 -5.90 -1.62 2.71
N ILE A 43 -5.30 -0.47 2.42
CA ILE A 43 -4.55 0.31 3.41
C ILE A 43 -5.58 0.95 4.35
N GLN A 44 -6.70 1.48 3.80
CA GLN A 44 -7.76 2.10 4.60
C GLN A 44 -8.34 1.04 5.55
N LYS A 45 -8.57 -0.17 5.05
CA LYS A 45 -9.12 -1.29 5.81
C LYS A 45 -8.13 -1.68 6.91
N HIS A 46 -6.85 -1.91 6.59
CA HIS A 46 -5.87 -2.29 7.61
C HIS A 46 -5.70 -1.18 8.66
N ARG A 47 -5.88 0.11 8.35
CA ARG A 47 -5.74 1.21 9.33
C ARG A 47 -6.62 1.00 10.54
N GLN A 48 -7.89 0.71 10.30
CA GLN A 48 -8.89 0.49 11.35
C GLN A 48 -8.45 -0.63 12.30
N LEU A 49 -7.78 -1.63 11.74
CA LEU A 49 -7.29 -2.79 12.47
C LEU A 49 -5.94 -2.58 13.12
N PHE A 50 -5.10 -1.74 12.54
CA PHE A 50 -3.75 -1.50 13.07
C PHE A 50 -3.86 -0.79 14.41
N ASP A 51 -4.85 0.09 14.56
CA ASP A 51 -5.04 0.80 15.84
C ASP A 51 -5.81 -0.10 16.83
N ASN A 52 -6.08 -1.36 16.52
CA ASN A 52 -6.78 -2.23 17.48
C ASN A 52 -5.91 -2.44 18.71
N ARG A 53 -4.58 -2.29 18.60
CA ARG A 53 -3.67 -2.43 19.72
C ARG A 53 -3.41 -1.01 20.22
N GLN A 54 -4.43 -0.41 20.83
CA GLN A 54 -4.35 0.92 21.39
C GLN A 54 -3.42 0.81 22.59
N GLU A 55 -2.14 1.07 22.37
CA GLU A 55 -1.10 1.00 23.38
C GLU A 55 -0.97 2.33 24.10
N ALA A 56 -0.48 3.30 23.34
CA ALA A 56 -0.26 4.65 23.82
C ALA A 56 -0.61 5.74 22.82
N ALA A 57 -0.64 5.37 21.55
CA ALA A 57 -0.94 6.28 20.47
C ALA A 57 -1.36 5.53 19.21
N ASP A 58 -2.33 6.10 18.51
CA ASP A 58 -2.89 5.62 17.23
C ASP A 58 -2.03 6.14 16.09
N THR A 59 -1.02 6.94 16.43
CA THR A 59 -0.06 7.53 15.54
C THR A 59 0.66 6.46 14.72
N GLU A 60 0.82 5.26 15.26
CA GLU A 60 1.48 4.16 14.58
C GLU A 60 0.67 3.81 13.31
N ALA A 61 -0.66 3.82 13.41
CA ALA A 61 -1.52 3.56 12.27
C ALA A 61 -1.56 4.83 11.40
N ALA A 62 -1.58 6.02 12.03
CA ALA A 62 -1.64 7.31 11.34
C ALA A 62 -0.46 7.54 10.39
N LYS A 63 0.77 7.33 10.85
CA LYS A 63 1.98 7.51 10.05
C LYS A 63 2.00 6.56 8.86
N GLN A 64 1.56 5.32 9.06
CA GLN A 64 1.53 4.29 8.04
C GLN A 64 0.61 4.70 6.89
N GLY A 65 -0.63 5.07 7.19
CA GLY A 65 -1.59 5.47 6.18
C GLY A 65 -1.18 6.79 5.52
N ASP A 66 -0.67 7.73 6.32
CA ASP A 66 -0.22 9.04 5.86
C ASP A 66 0.88 8.89 4.82
N GLN A 67 1.85 8.01 5.07
CA GLN A 67 2.96 7.76 4.16
C GLN A 67 2.40 7.25 2.82
N TRP A 68 1.47 6.29 2.87
CA TRP A 68 0.85 5.72 1.68
C TRP A 68 0.15 6.79 0.84
N VAL A 69 -0.78 7.55 1.42
CA VAL A 69 -1.48 8.58 0.66
C VAL A 69 -0.51 9.63 0.13
N GLN A 70 0.48 10.05 0.93
CA GLN A 70 1.46 11.03 0.52
C GLN A 70 2.24 10.50 -0.70
N LEU A 71 2.44 9.18 -0.79
CA LEU A 71 3.16 8.59 -1.91
C LEU A 71 2.29 8.66 -3.17
N LYS A 72 1.00 8.31 -3.09
CA LYS A 72 0.08 8.35 -4.23
C LYS A 72 0.10 9.70 -4.95
N GLN A 73 0.08 10.82 -4.21
CA GLN A 73 0.10 12.14 -4.84
C GLN A 73 1.34 12.29 -5.73
N ARG A 74 2.53 12.01 -5.17
CA ARG A 74 3.76 12.12 -5.95
C ARG A 74 3.81 11.06 -7.04
N PHE A 75 3.20 9.90 -6.82
CA PHE A 75 3.17 8.80 -7.77
C PHE A 75 2.56 9.25 -9.09
N ARG A 76 1.33 9.77 -9.05
CA ARG A 76 0.68 10.22 -10.27
C ARG A 76 1.33 11.51 -10.77
N GLU A 77 1.88 12.33 -9.86
CA GLU A 77 2.54 13.57 -10.24
C GLU A 77 3.72 13.27 -11.15
N ALA A 78 4.49 12.22 -10.86
CA ALA A 78 5.63 11.90 -11.70
C ALA A 78 5.16 11.49 -13.08
N ILE A 79 3.95 10.96 -13.21
CA ILE A 79 3.40 10.55 -14.50
C ILE A 79 2.98 11.84 -15.23
N ASP A 80 2.31 12.76 -14.53
CA ASP A 80 1.84 14.04 -15.06
C ASP A 80 3.00 14.89 -15.60
N LYS A 81 4.14 14.87 -14.90
CA LYS A 81 5.35 15.60 -15.28
C LYS A 81 6.23 14.76 -16.22
N GLY A 82 6.01 13.44 -16.24
CA GLY A 82 6.77 12.48 -17.05
C GLY A 82 8.18 12.39 -16.48
N ASP A 83 8.29 12.42 -15.14
CA ASP A 83 9.53 12.37 -14.39
C ASP A 83 9.94 10.92 -14.27
N LYS A 84 10.62 10.45 -15.30
CA LYS A 84 11.13 9.09 -15.46
C LYS A 84 11.98 8.66 -14.28
N ASP A 85 12.85 9.56 -13.82
CA ASP A 85 13.77 9.30 -12.71
C ASP A 85 12.97 9.05 -11.43
N SER A 86 11.96 9.90 -11.16
CA SER A 86 11.13 9.73 -9.99
C SER A 86 10.31 8.44 -10.10
N LEU A 87 9.99 8.00 -11.32
CA LEU A 87 9.20 6.80 -11.55
C LEU A 87 9.91 5.58 -10.98
N GLU A 88 11.23 5.51 -11.16
CA GLU A 88 12.08 4.44 -10.69
C GLU A 88 11.90 4.29 -9.18
N GLN A 89 12.00 5.43 -8.48
CA GLN A 89 11.86 5.52 -7.04
C GLN A 89 10.43 5.19 -6.60
N LEU A 90 9.43 5.75 -7.26
CA LEU A 90 8.02 5.55 -6.97
C LEU A 90 7.65 4.06 -7.06
N LEU A 91 8.09 3.38 -8.12
CA LEU A 91 7.81 1.97 -8.35
C LEU A 91 8.33 1.12 -7.19
N GLU A 92 9.60 1.32 -6.79
CA GLU A 92 10.18 0.54 -5.69
C GLU A 92 9.53 0.92 -4.34
N GLU A 93 9.20 2.20 -4.15
CA GLU A 93 8.61 2.69 -2.92
C GLU A 93 7.17 2.22 -2.73
N LEU A 94 6.38 2.00 -3.80
CA LEU A 94 5.00 1.56 -3.72
C LEU A 94 4.95 0.14 -3.20
N GLU A 95 5.71 -0.76 -3.83
CA GLU A 95 5.75 -2.14 -3.40
C GLU A 95 6.34 -2.26 -2.00
N GLN A 96 7.23 -1.37 -1.59
CA GLN A 96 7.80 -1.43 -0.27
C GLN A 96 6.73 -0.97 0.72
N ALA A 97 5.89 -0.01 0.32
CA ALA A 97 4.85 0.53 1.19
C ALA A 97 3.82 -0.53 1.54
N LEU A 98 3.47 -1.40 0.61
CA LEU A 98 2.51 -2.50 0.84
C LEU A 98 3.19 -3.64 1.61
N GLN A 99 4.51 -3.82 1.51
CA GLN A 99 5.29 -4.85 2.21
C GLN A 99 5.53 -4.45 3.66
N LYS A 100 5.72 -3.15 3.90
CA LYS A 100 6.00 -2.60 5.22
C LYS A 100 4.90 -2.97 6.22
N ILE A 101 3.66 -2.99 5.76
CA ILE A 101 2.49 -3.32 6.56
C ILE A 101 2.59 -4.74 7.11
N ARG A 102 3.20 -5.65 6.36
CA ARG A 102 3.35 -7.06 6.73
C ARG A 102 4.14 -7.22 8.03
N GLU A 103 5.07 -6.31 8.30
CA GLU A 103 5.90 -6.34 9.51
C GLU A 103 5.01 -6.12 10.72
N LEU A 104 4.09 -5.14 10.63
CA LEU A 104 3.17 -4.78 11.70
C LEU A 104 2.02 -5.79 11.81
N ALA A 105 1.47 -6.23 10.67
CA ALA A 105 0.36 -7.16 10.61
C ALA A 105 0.71 -8.54 11.16
N GLU A 106 1.94 -9.01 10.95
CA GLU A 106 2.36 -10.32 11.45
C GLU A 106 3.11 -10.18 12.77
N LYS A 107 3.68 -9.00 13.01
CA LYS A 107 4.46 -8.58 14.17
C LYS A 107 5.53 -9.57 14.65
N LYS A 108 5.90 -10.56 13.84
CA LYS A 108 6.90 -11.57 14.19
C LYS A 108 8.31 -11.01 13.94
N ASN A 109 8.49 -9.68 14.03
CA ASN A 109 9.78 -9.05 13.84
C ASN A 109 10.59 -9.31 15.10
N SER A 1 -3.31 -12.74 17.46
CA SER A 1 -3.95 -11.46 17.77
C SER A 1 -4.71 -10.96 16.54
N GLU A 2 -6.06 -10.91 16.61
CA GLU A 2 -7.00 -10.47 15.59
C GLU A 2 -6.70 -11.09 14.21
N PHE A 3 -6.22 -12.33 14.22
CA PHE A 3 -5.86 -13.06 13.02
C PHE A 3 -7.02 -13.21 12.04
N GLU A 4 -8.26 -13.37 12.52
CA GLU A 4 -9.40 -13.50 11.62
C GLU A 4 -9.79 -12.14 11.03
N LYS A 5 -9.40 -11.04 11.69
CA LYS A 5 -9.67 -9.68 11.24
C LYS A 5 -8.69 -9.34 10.13
N LEU A 6 -7.40 -9.58 10.37
CA LEU A 6 -6.35 -9.31 9.39
C LEU A 6 -6.45 -10.27 8.21
N ARG A 7 -6.84 -11.53 8.42
CA ARG A 7 -6.96 -12.53 7.37
C ARG A 7 -7.85 -12.05 6.24
N GLN A 8 -9.02 -11.48 6.53
CA GLN A 8 -9.93 -11.02 5.48
C GLN A 8 -9.26 -9.99 4.58
N THR A 9 -8.65 -8.95 5.16
CA THR A 9 -7.99 -7.91 4.38
C THR A 9 -6.79 -8.49 3.63
N GLY A 10 -6.04 -9.39 4.25
CA GLY A 10 -4.89 -10.01 3.61
C GLY A 10 -5.32 -10.92 2.46
N ASP A 11 -6.43 -11.65 2.59
CA ASP A 11 -6.93 -12.55 1.56
C ASP A 11 -7.38 -11.79 0.33
N GLU A 12 -8.08 -10.68 0.57
CA GLU A 12 -8.59 -9.76 -0.43
C GLU A 12 -7.44 -9.02 -1.12
N LEU A 13 -6.38 -8.72 -0.37
CA LEU A 13 -5.22 -8.01 -0.87
C LEU A 13 -4.39 -8.94 -1.73
N VAL A 14 -4.19 -10.20 -1.32
CA VAL A 14 -3.39 -11.15 -2.08
C VAL A 14 -3.92 -11.25 -3.52
N GLN A 15 -5.24 -11.34 -3.70
CA GLN A 15 -5.78 -11.40 -5.05
C GLN A 15 -5.56 -10.06 -5.77
N ALA A 16 -5.77 -8.90 -5.11
CA ALA A 16 -5.55 -7.58 -5.71
C ALA A 16 -4.10 -7.42 -6.18
N GLU A 17 -3.13 -7.72 -5.31
CA GLU A 17 -1.72 -7.64 -5.65
C GLU A 17 -1.37 -8.57 -6.82
N GLN A 18 -2.05 -9.72 -6.96
CA GLN A 18 -1.79 -10.64 -8.06
C GLN A 18 -2.30 -10.08 -9.38
N ARG A 19 -3.54 -9.56 -9.43
CA ARG A 19 -4.09 -9.00 -10.68
C ARG A 19 -3.29 -7.78 -11.11
N LEU A 20 -2.88 -6.92 -10.17
CA LEU A 20 -2.07 -5.76 -10.57
C LEU A 20 -0.70 -6.27 -11.03
N ARG A 21 -0.16 -7.34 -10.45
CA ARG A 21 1.14 -7.86 -10.85
C ARG A 21 1.08 -8.36 -12.29
N GLU A 22 -0.03 -8.99 -12.70
CA GLU A 22 -0.18 -9.50 -14.04
C GLU A 22 0.07 -8.39 -15.06
N ILE A 23 -0.50 -7.20 -14.84
CA ILE A 23 -0.31 -6.05 -15.73
C ILE A 23 1.09 -5.45 -15.54
N PHE A 24 1.49 -5.19 -14.29
CA PHE A 24 2.77 -4.60 -13.93
C PHE A 24 3.97 -5.33 -14.51
N ASP A 25 3.92 -6.66 -14.68
CA ASP A 25 5.03 -7.44 -15.24
C ASP A 25 5.47 -6.94 -16.61
N LYS A 26 4.56 -6.41 -17.44
CA LYS A 26 4.93 -5.89 -18.77
C LYS A 26 5.42 -4.43 -18.69
N GLY A 27 5.37 -3.80 -17.51
CA GLY A 27 5.78 -2.43 -17.26
C GLY A 27 4.67 -1.45 -17.68
N ASP A 28 3.40 -1.85 -17.52
CA ASP A 28 2.21 -1.10 -17.87
C ASP A 28 1.92 -0.02 -16.82
N ASP A 29 2.76 1.01 -16.77
CA ASP A 29 2.62 2.10 -15.81
C ASP A 29 1.31 2.88 -15.95
N ASP A 30 0.78 2.99 -17.17
CA ASP A 30 -0.46 3.70 -17.39
C ASP A 30 -1.60 3.00 -16.67
N SER A 31 -1.55 1.67 -16.64
CA SER A 31 -2.53 0.85 -15.96
C SER A 31 -2.23 0.76 -14.45
N LEU A 32 -0.96 0.91 -14.05
CA LEU A 32 -0.46 0.86 -12.66
C LEU A 32 -1.18 1.86 -11.75
N GLU A 33 -1.46 3.06 -12.25
CA GLU A 33 -2.16 4.08 -11.47
C GLU A 33 -3.61 3.71 -11.20
N GLN A 34 -4.21 2.99 -12.14
CA GLN A 34 -5.60 2.56 -12.04
C GLN A 34 -5.78 1.68 -10.78
N VAL A 35 -4.94 0.67 -10.66
CA VAL A 35 -4.96 -0.31 -9.58
C VAL A 35 -4.44 0.27 -8.26
N LEU A 36 -3.51 1.21 -8.30
CA LEU A 36 -2.92 1.87 -7.14
C LEU A 36 -4.01 2.57 -6.32
N GLU A 37 -5.04 3.12 -6.97
CA GLU A 37 -6.16 3.77 -6.30
C GLU A 37 -7.13 2.72 -5.73
N GLU A 38 -7.24 1.53 -6.35
CA GLU A 38 -8.12 0.46 -5.88
C GLU A 38 -7.53 -0.15 -4.60
N ILE A 39 -6.24 -0.50 -4.65
CA ILE A 39 -5.50 -1.11 -3.55
C ILE A 39 -5.47 -0.17 -2.34
N GLU A 40 -5.49 1.15 -2.55
CA GLU A 40 -5.45 2.17 -1.51
C GLU A 40 -6.52 1.93 -0.44
N GLU A 41 -7.65 1.31 -0.80
CA GLU A 41 -8.72 1.03 0.14
C GLU A 41 -8.35 -0.10 1.11
N LEU A 42 -7.55 -1.09 0.68
CA LEU A 42 -7.14 -2.19 1.54
C LEU A 42 -6.34 -1.65 2.72
N ILE A 43 -5.52 -0.63 2.46
CA ILE A 43 -4.72 0.03 3.47
C ILE A 43 -5.68 0.69 4.47
N GLN A 44 -6.75 1.35 4.00
CA GLN A 44 -7.73 1.98 4.90
C GLN A 44 -8.35 0.92 5.80
N LYS A 45 -8.73 -0.25 5.27
CA LYS A 45 -9.31 -1.33 6.07
C LYS A 45 -8.31 -1.79 7.11
N HIS A 46 -7.06 -2.04 6.72
CA HIS A 46 -6.01 -2.48 7.64
C HIS A 46 -5.74 -1.42 8.72
N ARG A 47 -5.91 -0.12 8.43
CA ARG A 47 -5.68 0.96 9.41
C ARG A 47 -6.54 0.71 10.63
N GLN A 48 -7.80 0.34 10.44
CA GLN A 48 -8.73 0.08 11.53
C GLN A 48 -8.21 -1.02 12.45
N LEU A 49 -7.48 -1.99 11.88
CA LEU A 49 -6.93 -3.12 12.62
C LEU A 49 -5.64 -2.72 13.31
N PHE A 50 -4.85 -1.87 12.68
CA PHE A 50 -3.60 -1.39 13.23
C PHE A 50 -3.90 -0.49 14.44
N ASP A 51 -4.96 0.32 14.30
CA ASP A 51 -5.46 1.27 15.29
C ASP A 51 -6.26 0.61 16.41
N ASN A 52 -6.34 -0.73 16.41
CA ASN A 52 -7.08 -1.47 17.43
C ASN A 52 -6.47 -1.31 18.82
N ARG A 53 -5.18 -0.92 18.90
CA ARG A 53 -4.48 -0.75 20.17
C ARG A 53 -5.04 0.46 20.91
N GLN A 54 -5.30 0.25 22.20
CA GLN A 54 -5.84 1.17 23.17
C GLN A 54 -4.77 1.57 24.19
N GLU A 55 -3.50 1.35 23.85
CA GLU A 55 -2.33 1.65 24.67
C GLU A 55 -1.61 2.93 24.19
N ALA A 56 -2.04 3.48 23.06
CA ALA A 56 -1.57 4.68 22.40
C ALA A 56 -2.71 5.24 21.54
N ALA A 57 -2.49 6.41 20.94
CA ALA A 57 -3.45 7.12 20.09
C ALA A 57 -3.42 6.63 18.64
N ASP A 58 -4.25 7.24 17.79
CA ASP A 58 -4.43 6.99 16.35
C ASP A 58 -3.18 7.20 15.49
N THR A 59 -2.17 7.87 16.03
CA THR A 59 -0.93 8.21 15.37
C THR A 59 -0.20 7.07 14.65
N GLU A 60 0.01 5.92 15.27
CA GLU A 60 0.74 4.81 14.64
C GLU A 60 0.09 4.33 13.34
N ALA A 61 -1.22 4.10 13.37
CA ALA A 61 -1.90 3.64 12.17
C ALA A 61 -2.06 4.79 11.15
N ALA A 62 -2.18 6.02 11.64
CA ALA A 62 -2.35 7.22 10.83
C ALA A 62 -1.09 7.59 10.05
N LYS A 63 0.07 7.64 10.71
CA LYS A 63 1.34 7.99 10.07
C LYS A 63 1.68 6.98 8.96
N GLN A 64 1.34 5.71 9.18
CA GLN A 64 1.56 4.65 8.21
C GLN A 64 0.79 5.01 6.93
N GLY A 65 -0.44 5.50 7.10
CA GLY A 65 -1.31 5.89 6.01
C GLY A 65 -0.81 7.15 5.32
N ASP A 66 -0.28 8.13 6.08
CA ASP A 66 0.25 9.38 5.54
C ASP A 66 1.35 9.05 4.54
N GLN A 67 2.29 8.18 4.89
CA GLN A 67 3.37 7.82 3.97
C GLN A 67 2.80 7.18 2.69
N TRP A 68 1.76 6.37 2.77
CA TRP A 68 1.15 5.75 1.59
C TRP A 68 0.52 6.81 0.68
N VAL A 69 -0.38 7.63 1.21
CA VAL A 69 -1.05 8.67 0.41
C VAL A 69 -0.06 9.73 -0.09
N GLN A 70 0.96 10.07 0.70
CA GLN A 70 1.97 11.06 0.29
C GLN A 70 2.75 10.49 -0.88
N LEU A 71 2.91 9.16 -0.94
CA LEU A 71 3.64 8.56 -2.03
C LEU A 71 2.75 8.66 -3.27
N LYS A 72 1.45 8.35 -3.18
CA LYS A 72 0.54 8.46 -4.34
C LYS A 72 0.56 9.89 -4.90
N GLN A 73 0.64 10.90 -4.02
CA GLN A 73 0.66 12.30 -4.42
C GLN A 73 1.84 12.53 -5.37
N ARG A 74 3.05 12.10 -5.01
CA ARG A 74 4.21 12.28 -5.88
C ARG A 74 4.15 11.32 -7.06
N PHE A 75 3.58 10.12 -6.89
CA PHE A 75 3.47 9.12 -7.94
C PHE A 75 2.68 9.64 -9.13
N ARG A 76 1.43 10.09 -8.93
CA ARG A 76 0.62 10.60 -10.05
C ARG A 76 1.24 11.85 -10.67
N GLU A 77 1.95 12.62 -9.86
CA GLU A 77 2.61 13.83 -10.27
C GLU A 77 3.81 13.52 -11.17
N ALA A 78 4.60 12.49 -10.86
CA ALA A 78 5.75 12.16 -11.69
C ALA A 78 5.26 11.73 -13.07
N ILE A 79 4.04 11.20 -13.17
CA ILE A 79 3.46 10.77 -14.44
C ILE A 79 3.15 12.00 -15.27
N ASP A 80 2.54 13.02 -14.65
CA ASP A 80 2.17 14.30 -15.27
C ASP A 80 3.39 14.98 -15.89
N LYS A 81 4.55 14.82 -15.25
CA LYS A 81 5.81 15.39 -15.72
C LYS A 81 6.56 14.43 -16.62
N GLY A 82 6.25 13.13 -16.55
CA GLY A 82 6.89 12.08 -17.32
C GLY A 82 8.32 11.89 -16.80
N ASP A 83 8.51 12.01 -15.48
CA ASP A 83 9.80 11.89 -14.82
C ASP A 83 10.21 10.44 -14.63
N LYS A 84 10.81 9.84 -15.66
CA LYS A 84 11.29 8.47 -15.70
C LYS A 84 12.22 8.14 -14.52
N ASP A 85 13.09 9.09 -14.22
CA ASP A 85 14.08 9.08 -13.16
C ASP A 85 13.38 8.85 -11.82
N SER A 86 12.35 9.63 -11.56
CA SER A 86 11.57 9.52 -10.34
C SER A 86 10.68 8.28 -10.37
N LEU A 87 10.28 7.82 -11.56
CA LEU A 87 9.43 6.65 -11.76
C LEU A 87 10.09 5.41 -11.19
N GLU A 88 11.39 5.23 -11.42
CA GLU A 88 12.14 4.09 -10.91
C GLU A 88 12.04 4.10 -9.38
N GLN A 89 12.37 5.26 -8.83
CA GLN A 89 12.36 5.55 -7.39
C GLN A 89 10.98 5.27 -6.78
N LEU A 90 9.92 5.68 -7.49
CA LEU A 90 8.53 5.53 -7.12
C LEU A 90 8.11 4.07 -7.14
N LEU A 91 8.41 3.33 -8.21
CA LEU A 91 8.07 1.92 -8.35
C LEU A 91 8.66 1.11 -7.20
N GLU A 92 9.95 1.28 -6.93
CA GLU A 92 10.63 0.55 -5.87
C GLU A 92 10.14 0.99 -4.48
N GLU A 93 9.75 2.25 -4.30
CA GLU A 93 9.24 2.70 -3.00
C GLU A 93 7.80 2.19 -2.81
N LEU A 94 7.02 2.01 -3.87
CA LEU A 94 5.65 1.52 -3.77
C LEU A 94 5.71 0.07 -3.29
N GLU A 95 6.53 -0.76 -3.95
CA GLU A 95 6.67 -2.16 -3.57
C GLU A 95 7.22 -2.29 -2.14
N GLN A 96 8.01 -1.31 -1.68
CA GLN A 96 8.55 -1.31 -0.35
C GLN A 96 7.47 -0.88 0.66
N ALA A 97 6.54 -0.02 0.27
CA ALA A 97 5.46 0.46 1.10
C ALA A 97 4.39 -0.60 1.30
N LEU A 98 4.00 -1.32 0.23
CA LEU A 98 2.97 -2.35 0.31
C LEU A 98 3.38 -3.52 1.17
N GLN A 99 4.67 -3.84 1.19
CA GLN A 99 5.22 -4.93 1.97
C GLN A 99 5.36 -4.54 3.44
N LYS A 100 5.63 -3.25 3.72
CA LYS A 100 5.80 -2.76 5.09
C LYS A 100 4.59 -3.08 5.95
N ILE A 101 3.39 -2.90 5.39
CA ILE A 101 2.16 -3.15 6.10
C ILE A 101 2.07 -4.63 6.49
N ARG A 102 2.59 -5.54 5.67
CA ARG A 102 2.53 -6.97 5.93
C ARG A 102 3.31 -7.28 7.20
N GLU A 103 4.40 -6.56 7.45
CA GLU A 103 5.24 -6.75 8.62
C GLU A 103 4.42 -6.39 9.86
N LEU A 104 3.68 -5.29 9.78
CA LEU A 104 2.82 -4.84 10.88
C LEU A 104 1.61 -5.76 11.01
N ALA A 105 1.19 -6.43 9.92
CA ALA A 105 0.07 -7.34 9.95
C ALA A 105 0.47 -8.71 10.52
N GLU A 106 1.68 -9.20 10.23
CA GLU A 106 2.16 -10.49 10.69
C GLU A 106 2.88 -10.39 12.04
N LYS A 107 3.37 -9.20 12.39
CA LYS A 107 4.10 -8.84 13.60
C LYS A 107 5.04 -9.97 14.01
N LYS A 108 6.11 -10.17 13.24
CA LYS A 108 7.07 -11.20 13.56
C LYS A 108 7.73 -10.93 14.90
N ASN A 109 7.98 -9.65 15.22
CA ASN A 109 8.61 -9.25 16.48
C ASN A 109 7.92 -9.89 17.67
N SER A 1 -7.91 -11.74 19.48
CA SER A 1 -8.37 -11.73 18.08
C SER A 1 -7.54 -10.72 17.28
N GLU A 2 -6.55 -11.16 16.51
CA GLU A 2 -5.66 -10.31 15.71
C GLU A 2 -5.36 -11.00 14.38
N PHE A 3 -4.95 -12.27 14.44
CA PHE A 3 -4.63 -13.05 13.26
C PHE A 3 -5.79 -13.10 12.29
N GLU A 4 -6.98 -13.36 12.81
CA GLU A 4 -8.22 -13.43 12.05
C GLU A 4 -8.64 -12.07 11.52
N LYS A 5 -8.16 -10.97 12.11
CA LYS A 5 -8.50 -9.64 11.66
C LYS A 5 -7.66 -9.29 10.45
N LEU A 6 -6.34 -9.49 10.54
CA LEU A 6 -5.44 -9.20 9.43
C LEU A 6 -5.70 -10.17 8.29
N ARG A 7 -6.12 -11.41 8.57
CA ARG A 7 -6.37 -12.43 7.56
C ARG A 7 -7.34 -11.95 6.49
N GLN A 8 -8.43 -11.27 6.82
CA GLN A 8 -9.38 -10.83 5.79
C GLN A 8 -8.75 -9.86 4.80
N THR A 9 -8.11 -8.79 5.26
CA THR A 9 -7.50 -7.82 4.37
C THR A 9 -6.25 -8.39 3.72
N GLY A 10 -5.51 -9.25 4.41
CA GLY A 10 -4.31 -9.86 3.88
C GLY A 10 -4.67 -10.79 2.73
N ASP A 11 -5.67 -11.65 2.91
CA ASP A 11 -6.15 -12.61 1.92
C ASP A 11 -6.71 -11.89 0.70
N GLU A 12 -7.52 -10.87 0.94
CA GLU A 12 -8.14 -10.04 -0.08
C GLU A 12 -7.04 -9.30 -0.86
N LEU A 13 -6.00 -8.86 -0.16
CA LEU A 13 -4.87 -8.18 -0.75
C LEU A 13 -4.12 -9.14 -1.66
N VAL A 14 -4.04 -10.44 -1.33
CA VAL A 14 -3.34 -11.39 -2.21
C VAL A 14 -3.93 -11.29 -3.61
N GLN A 15 -5.26 -11.38 -3.76
CA GLN A 15 -5.87 -11.28 -5.09
C GLN A 15 -5.66 -9.90 -5.69
N ALA A 16 -5.85 -8.81 -4.93
CA ALA A 16 -5.67 -7.43 -5.42
C ALA A 16 -4.26 -7.26 -6.00
N GLU A 17 -3.25 -7.68 -5.24
CA GLU A 17 -1.86 -7.65 -5.59
C GLU A 17 -1.58 -8.53 -6.81
N GLN A 18 -2.23 -9.67 -6.98
CA GLN A 18 -2.00 -10.53 -8.13
C GLN A 18 -2.65 -9.98 -9.40
N ARG A 19 -3.89 -9.45 -9.34
CA ARG A 19 -4.53 -8.88 -10.54
C ARG A 19 -3.69 -7.75 -11.08
N LEU A 20 -3.14 -6.91 -10.20
CA LEU A 20 -2.29 -5.82 -10.62
C LEU A 20 -0.94 -6.36 -11.09
N ARG A 21 -0.40 -7.41 -10.47
CA ARG A 21 0.88 -8.01 -10.85
C ARG A 21 0.84 -8.50 -12.29
N GLU A 22 -0.21 -9.24 -12.67
CA GLU A 22 -0.37 -9.78 -14.01
C GLU A 22 -0.25 -8.71 -15.09
N ILE A 23 -0.92 -7.58 -14.91
CA ILE A 23 -0.88 -6.48 -15.86
C ILE A 23 0.46 -5.74 -15.77
N PHE A 24 1.01 -5.59 -14.56
CA PHE A 24 2.27 -4.91 -14.30
C PHE A 24 3.42 -5.66 -14.98
N ASP A 25 3.32 -7.00 -15.10
CA ASP A 25 4.32 -7.88 -15.73
C ASP A 25 4.61 -7.45 -17.17
N LYS A 26 3.74 -6.64 -17.79
CA LYS A 26 3.85 -6.14 -19.15
C LYS A 26 4.48 -4.74 -19.22
N GLY A 27 4.81 -4.11 -18.09
CA GLY A 27 5.40 -2.78 -18.02
C GLY A 27 4.38 -1.70 -18.40
N ASP A 28 3.09 -2.02 -18.25
CA ASP A 28 1.94 -1.17 -18.56
C ASP A 28 1.78 -0.01 -17.58
N ASP A 29 2.47 1.09 -17.85
CA ASP A 29 2.47 2.32 -17.08
C ASP A 29 1.07 2.91 -16.92
N ASP A 30 0.18 2.70 -17.88
CA ASP A 30 -1.19 3.23 -17.80
C ASP A 30 -1.92 2.60 -16.61
N SER A 31 -1.69 1.30 -16.39
CA SER A 31 -2.31 0.56 -15.30
C SER A 31 -1.67 0.76 -13.94
N LEU A 32 -0.37 1.09 -13.87
CA LEU A 32 0.29 1.29 -12.57
C LEU A 32 -0.43 2.39 -11.79
N GLU A 33 -0.80 3.50 -12.45
CA GLU A 33 -1.50 4.57 -11.77
C GLU A 33 -2.95 4.22 -11.45
N GLN A 34 -3.56 3.35 -12.26
CA GLN A 34 -4.94 2.96 -12.10
C GLN A 34 -5.14 2.10 -10.84
N VAL A 35 -4.34 1.04 -10.70
CA VAL A 35 -4.45 0.15 -9.55
C VAL A 35 -4.09 0.86 -8.25
N LEU A 36 -3.17 1.82 -8.30
CA LEU A 36 -2.68 2.60 -7.18
C LEU A 36 -3.82 3.33 -6.44
N GLU A 37 -4.82 3.78 -7.17
CA GLU A 37 -5.97 4.46 -6.58
C GLU A 37 -6.92 3.45 -5.91
N GLU A 38 -7.07 2.24 -6.44
CA GLU A 38 -7.93 1.19 -5.90
C GLU A 38 -7.32 0.49 -4.68
N ILE A 39 -6.05 0.10 -4.78
CA ILE A 39 -5.27 -0.61 -3.76
C ILE A 39 -5.28 0.17 -2.44
N GLU A 40 -5.38 1.50 -2.46
CA GLU A 40 -5.42 2.32 -1.26
C GLU A 40 -6.48 1.83 -0.25
N GLU A 41 -7.57 1.24 -0.75
CA GLU A 41 -8.70 0.73 0.01
C GLU A 41 -8.23 -0.36 0.99
N LEU A 42 -7.24 -1.16 0.60
CA LEU A 42 -6.71 -2.22 1.44
C LEU A 42 -6.03 -1.57 2.65
N ILE A 43 -5.34 -0.44 2.45
CA ILE A 43 -4.68 0.28 3.54
C ILE A 43 -5.80 0.84 4.43
N GLN A 44 -6.88 1.38 3.84
CA GLN A 44 -7.98 1.92 4.64
C GLN A 44 -8.52 0.86 5.58
N LYS A 45 -8.60 -0.39 5.12
CA LYS A 45 -9.09 -1.48 5.94
C LYS A 45 -8.06 -1.83 7.00
N HIS A 46 -6.78 -2.05 6.63
CA HIS A 46 -5.71 -2.37 7.58
C HIS A 46 -5.61 -1.28 8.67
N ARG A 47 -5.90 0.00 8.36
CA ARG A 47 -5.87 1.10 9.33
C ARG A 47 -6.79 0.77 10.50
N GLN A 48 -8.02 0.33 10.22
CA GLN A 48 -8.99 -0.02 11.25
C GLN A 48 -8.47 -1.15 12.15
N LEU A 49 -7.57 -1.98 11.63
CA LEU A 49 -6.99 -3.10 12.35
C LEU A 49 -5.81 -2.63 13.18
N PHE A 50 -5.04 -1.69 12.65
CA PHE A 50 -3.90 -1.13 13.36
C PHE A 50 -4.44 -0.31 14.53
N ASP A 51 -5.56 0.39 14.31
CA ASP A 51 -6.27 1.24 15.26
C ASP A 51 -7.04 0.41 16.31
N ASN A 52 -6.73 -0.88 16.47
CA ASN A 52 -7.40 -1.73 17.47
C ASN A 52 -7.05 -1.24 18.89
N ARG A 53 -7.58 -1.92 19.91
CA ARG A 53 -7.35 -1.62 21.32
C ARG A 53 -5.85 -1.60 21.60
N GLN A 54 -5.29 -0.43 21.89
CA GLN A 54 -3.87 -0.25 22.17
C GLN A 54 -3.73 0.65 23.38
N GLU A 55 -2.66 0.44 24.15
CA GLU A 55 -2.31 1.17 25.35
C GLU A 55 -1.62 2.51 25.02
N ALA A 56 -1.96 3.12 23.88
CA ALA A 56 -1.40 4.37 23.40
C ALA A 56 -2.22 4.86 22.19
N ALA A 57 -1.94 6.08 21.72
CA ALA A 57 -2.64 6.69 20.58
C ALA A 57 -2.46 5.90 19.28
N ASP A 58 -3.32 6.17 18.29
CA ASP A 58 -3.35 5.56 16.96
C ASP A 58 -2.37 6.20 15.96
N THR A 59 -1.42 6.97 16.47
CA THR A 59 -0.40 7.67 15.69
C THR A 59 0.28 6.79 14.64
N GLU A 60 0.59 5.53 14.93
CA GLU A 60 1.24 4.68 13.94
C GLU A 60 0.30 4.46 12.76
N ALA A 61 -0.94 4.05 13.03
CA ALA A 61 -1.93 3.82 12.00
C ALA A 61 -2.11 5.10 11.17
N ALA A 62 -2.03 6.26 11.82
CA ALA A 62 -2.18 7.56 11.16
C ALA A 62 -0.98 7.85 10.25
N LYS A 63 0.27 7.72 10.72
CA LYS A 63 1.45 8.00 9.89
C LYS A 63 1.67 6.95 8.82
N GLN A 64 1.24 5.71 9.03
CA GLN A 64 1.42 4.64 8.06
C GLN A 64 0.73 5.01 6.76
N GLY A 65 -0.56 5.36 6.84
CA GLY A 65 -1.34 5.74 5.68
C GLY A 65 -0.93 7.11 5.16
N ASP A 66 -0.44 7.99 6.04
CA ASP A 66 0.01 9.33 5.64
C ASP A 66 1.16 9.20 4.64
N GLN A 67 2.10 8.30 4.91
CA GLN A 67 3.24 8.06 4.05
C GLN A 67 2.71 7.53 2.71
N TRP A 68 1.74 6.61 2.75
CA TRP A 68 1.14 6.03 1.56
C TRP A 68 0.51 7.13 0.69
N VAL A 69 -0.26 8.07 1.26
CA VAL A 69 -0.88 9.12 0.45
C VAL A 69 0.16 10.10 -0.08
N GLN A 70 1.24 10.36 0.67
CA GLN A 70 2.30 11.26 0.23
C GLN A 70 3.00 10.61 -0.95
N LEU A 71 3.10 9.28 -0.95
CA LEU A 71 3.73 8.54 -2.02
C LEU A 71 2.88 8.73 -3.27
N LYS A 72 1.58 8.52 -3.12
CA LYS A 72 0.58 8.67 -4.16
C LYS A 72 0.72 10.02 -4.86
N GLN A 73 0.84 11.11 -4.11
CA GLN A 73 1.00 12.45 -4.65
C GLN A 73 2.25 12.53 -5.54
N ARG A 74 3.43 12.10 -5.08
CA ARG A 74 4.62 12.15 -5.94
C ARG A 74 4.47 11.19 -7.11
N PHE A 75 3.84 10.04 -6.90
CA PHE A 75 3.62 9.01 -7.91
C PHE A 75 2.92 9.56 -9.15
N ARG A 76 1.75 10.17 -8.99
CA ARG A 76 0.97 10.74 -10.09
C ARG A 76 1.63 11.97 -10.69
N GLU A 77 2.37 12.72 -9.87
CA GLU A 77 3.05 13.92 -10.29
C GLU A 77 4.23 13.61 -11.20
N ALA A 78 4.94 12.50 -10.97
CA ALA A 78 6.08 12.18 -11.83
C ALA A 78 5.58 11.74 -13.20
N ILE A 79 4.37 11.18 -13.29
CA ILE A 79 3.83 10.70 -14.55
C ILE A 79 3.46 11.87 -15.44
N ASP A 80 2.80 12.90 -14.89
CA ASP A 80 2.38 14.09 -15.62
C ASP A 80 3.56 14.77 -16.32
N LYS A 81 4.71 14.76 -15.65
CA LYS A 81 5.95 15.34 -16.17
C LYS A 81 6.73 14.31 -17.00
N GLY A 82 6.49 13.02 -16.78
CA GLY A 82 7.18 11.94 -17.45
C GLY A 82 8.60 11.83 -16.87
N ASP A 83 8.75 12.02 -15.56
CA ASP A 83 10.05 11.95 -14.91
C ASP A 83 10.41 10.49 -14.66
N LYS A 84 11.00 9.84 -15.67
CA LYS A 84 11.43 8.45 -15.71
C LYS A 84 12.31 8.10 -14.52
N ASP A 85 13.24 8.99 -14.18
CA ASP A 85 14.14 8.81 -13.07
C ASP A 85 13.32 8.61 -11.80
N SER A 86 12.37 9.52 -11.57
CA SER A 86 11.50 9.45 -10.41
C SER A 86 10.57 8.25 -10.52
N LEU A 87 10.16 7.80 -11.73
CA LEU A 87 9.27 6.65 -11.89
C LEU A 87 9.93 5.41 -11.29
N GLU A 88 11.23 5.22 -11.51
CA GLU A 88 12.01 4.10 -11.00
C GLU A 88 11.89 4.06 -9.48
N GLN A 89 12.14 5.23 -8.88
CA GLN A 89 12.11 5.50 -7.45
C GLN A 89 10.69 5.34 -6.87
N LEU A 90 9.65 5.67 -7.64
CA LEU A 90 8.26 5.58 -7.22
C LEU A 90 7.80 4.12 -7.25
N LEU A 91 8.09 3.39 -8.32
CA LEU A 91 7.73 1.98 -8.50
C LEU A 91 8.31 1.15 -7.38
N GLU A 92 9.61 1.30 -7.10
CA GLU A 92 10.29 0.56 -6.06
C GLU A 92 9.78 0.93 -4.67
N GLU A 93 9.43 2.20 -4.46
CA GLU A 93 8.92 2.66 -3.18
C GLU A 93 7.51 2.14 -2.95
N LEU A 94 6.70 1.92 -4.00
CA LEU A 94 5.34 1.43 -3.86
C LEU A 94 5.33 0.06 -3.21
N GLU A 95 6.06 -0.92 -3.78
CA GLU A 95 6.09 -2.25 -3.19
C GLU A 95 6.72 -2.22 -1.80
N GLN A 96 7.62 -1.28 -1.55
CA GLN A 96 8.30 -1.15 -0.29
C GLN A 96 7.36 -0.52 0.75
N ALA A 97 6.44 0.36 0.35
CA ALA A 97 5.48 1.02 1.20
C ALA A 97 4.39 0.05 1.58
N LEU A 98 3.92 -0.78 0.64
CA LEU A 98 2.87 -1.76 0.91
C LEU A 98 3.43 -2.95 1.69
N GLN A 99 4.71 -3.28 1.58
CA GLN A 99 5.27 -4.40 2.33
C GLN A 99 5.50 -4.01 3.79
N LYS A 100 5.80 -2.72 4.05
CA LYS A 100 6.05 -2.22 5.40
C LYS A 100 4.86 -2.47 6.32
N ILE A 101 3.66 -2.45 5.75
CA ILE A 101 2.43 -2.66 6.48
C ILE A 101 2.40 -4.10 7.01
N ARG A 102 2.97 -5.05 6.28
CA ARG A 102 2.95 -6.46 6.67
C ARG A 102 3.68 -6.64 7.99
N GLU A 103 4.75 -5.88 8.19
CA GLU A 103 5.58 -5.93 9.38
C GLU A 103 4.69 -5.65 10.60
N LEU A 104 3.87 -4.59 10.51
CA LEU A 104 2.93 -4.18 11.56
C LEU A 104 1.64 -4.99 11.56
N ALA A 105 1.24 -5.56 10.43
CA ALA A 105 0.02 -6.35 10.40
C ALA A 105 0.28 -7.66 11.15
N GLU A 106 1.50 -8.20 11.03
CA GLU A 106 1.94 -9.44 11.65
C GLU A 106 2.54 -9.26 13.03
N LYS A 107 3.26 -8.16 13.24
CA LYS A 107 3.98 -7.80 14.49
C LYS A 107 4.79 -9.00 14.96
N LYS A 108 5.65 -9.48 14.06
CA LYS A 108 6.54 -10.63 14.25
C LYS A 108 8.00 -10.19 14.15
N ASN A 109 8.25 -8.92 14.48
CA ASN A 109 9.56 -8.28 14.46
C ASN A 109 10.27 -8.62 15.76
N SER A 1 -7.46 -9.57 20.09
CA SER A 1 -7.37 -10.70 19.16
C SER A 1 -8.23 -10.42 17.94
N GLU A 2 -7.62 -9.91 16.86
CA GLU A 2 -8.28 -9.56 15.59
C GLU A 2 -7.53 -10.20 14.40
N PHE A 3 -6.79 -11.28 14.63
CA PHE A 3 -6.05 -11.97 13.59
C PHE A 3 -6.99 -12.41 12.47
N GLU A 4 -8.05 -13.13 12.80
CA GLU A 4 -9.06 -13.59 11.83
C GLU A 4 -9.68 -12.38 11.12
N LYS A 5 -9.87 -11.27 11.84
CA LYS A 5 -10.44 -10.04 11.29
C LYS A 5 -9.52 -9.45 10.22
N LEU A 6 -8.19 -9.46 10.44
CA LEU A 6 -7.22 -8.93 9.48
C LEU A 6 -6.98 -9.91 8.33
N ARG A 7 -7.03 -11.22 8.60
CA ARG A 7 -6.83 -12.29 7.62
C ARG A 7 -7.73 -12.10 6.41
N GLN A 8 -8.94 -11.53 6.59
CA GLN A 8 -9.82 -11.32 5.47
C GLN A 8 -9.21 -10.34 4.48
N THR A 9 -8.77 -9.20 5.00
CA THR A 9 -8.15 -8.10 4.29
C THR A 9 -6.81 -8.55 3.70
N GLY A 10 -6.15 -9.50 4.36
CA GLY A 10 -4.89 -10.08 3.95
C GLY A 10 -5.03 -10.72 2.58
N ASP A 11 -6.07 -11.54 2.39
CA ASP A 11 -6.33 -12.24 1.13
C ASP A 11 -6.54 -11.26 -0.02
N GLU A 12 -7.24 -10.16 0.27
CA GLU A 12 -7.53 -9.10 -0.68
C GLU A 12 -6.22 -8.42 -1.09
N LEU A 13 -5.33 -8.20 -0.12
CA LEU A 13 -4.04 -7.56 -0.34
C LEU A 13 -3.13 -8.47 -1.18
N VAL A 14 -3.06 -9.76 -0.85
CA VAL A 14 -2.22 -10.69 -1.61
C VAL A 14 -2.75 -10.75 -3.04
N GLN A 15 -4.05 -11.01 -3.25
CA GLN A 15 -4.57 -11.08 -4.62
C GLN A 15 -4.38 -9.77 -5.37
N ALA A 16 -4.52 -8.62 -4.69
CA ALA A 16 -4.37 -7.31 -5.29
C ALA A 16 -2.98 -7.13 -5.89
N GLU A 17 -1.93 -7.62 -5.23
CA GLU A 17 -0.57 -7.52 -5.74
C GLU A 17 -0.37 -8.50 -6.91
N GLN A 18 -1.00 -9.68 -6.88
CA GLN A 18 -0.89 -10.66 -7.95
C GLN A 18 -1.56 -10.13 -9.23
N ARG A 19 -2.77 -9.57 -9.12
CA ARG A 19 -3.50 -9.05 -10.28
C ARG A 19 -2.72 -7.93 -10.96
N LEU A 20 -2.17 -6.99 -10.17
CA LEU A 20 -1.41 -5.89 -10.76
C LEU A 20 -0.08 -6.40 -11.31
N ARG A 21 0.55 -7.41 -10.70
CA ARG A 21 1.83 -7.95 -11.15
C ARG A 21 1.69 -8.46 -12.58
N GLU A 22 0.63 -9.19 -12.92
CA GLU A 22 0.44 -9.72 -14.26
C GLU A 22 0.52 -8.62 -15.33
N ILE A 23 -0.13 -7.48 -15.11
CA ILE A 23 -0.11 -6.36 -16.05
C ILE A 23 1.24 -5.62 -15.99
N PHE A 24 1.75 -5.38 -14.78
CA PHE A 24 3.02 -4.70 -14.52
C PHE A 24 4.17 -5.43 -15.24
N ASP A 25 4.07 -6.75 -15.36
CA ASP A 25 5.06 -7.62 -16.00
C ASP A 25 5.26 -7.25 -17.47
N LYS A 26 4.22 -6.71 -18.14
CA LYS A 26 4.30 -6.30 -19.54
C LYS A 26 4.90 -4.89 -19.67
N GLY A 27 5.12 -4.21 -18.54
CA GLY A 27 5.67 -2.87 -18.46
C GLY A 27 4.62 -1.77 -18.58
N ASP A 28 3.34 -2.09 -18.38
CA ASP A 28 2.17 -1.20 -18.49
C ASP A 28 2.06 -0.17 -17.37
N ASP A 29 2.86 0.90 -17.50
CA ASP A 29 2.88 2.01 -16.55
C ASP A 29 1.57 2.80 -16.56
N ASP A 30 0.81 2.74 -17.66
CA ASP A 30 -0.47 3.44 -17.80
C ASP A 30 -1.48 2.84 -16.82
N SER A 31 -1.54 1.51 -16.73
CA SER A 31 -2.44 0.80 -15.84
C SER A 31 -1.95 0.78 -14.40
N LEU A 32 -0.63 0.89 -14.17
CA LEU A 32 -0.05 0.86 -12.82
C LEU A 32 -0.70 1.93 -11.94
N GLU A 33 -0.85 3.17 -12.44
CA GLU A 33 -1.45 4.26 -11.69
C GLU A 33 -2.95 4.04 -11.48
N GLN A 34 -3.63 3.44 -12.47
CA GLN A 34 -5.05 3.17 -12.37
C GLN A 34 -5.33 2.25 -11.19
N VAL A 35 -4.46 1.25 -10.99
CA VAL A 35 -4.61 0.31 -9.89
C VAL A 35 -4.22 0.94 -8.55
N LEU A 36 -3.26 1.87 -8.54
CA LEU A 36 -2.76 2.58 -7.36
C LEU A 36 -3.90 3.30 -6.61
N GLU A 37 -4.93 3.67 -7.35
CA GLU A 37 -6.14 4.33 -6.88
C GLU A 37 -6.98 3.31 -6.11
N GLU A 38 -7.25 2.14 -6.72
CA GLU A 38 -8.07 1.09 -6.13
C GLU A 38 -7.42 0.45 -4.91
N ILE A 39 -6.13 0.10 -5.00
CA ILE A 39 -5.39 -0.51 -3.90
C ILE A 39 -5.46 0.37 -2.65
N GLU A 40 -5.55 1.70 -2.82
CA GLU A 40 -5.63 2.65 -1.71
C GLU A 40 -6.77 2.34 -0.74
N GLU A 41 -7.85 1.73 -1.25
CA GLU A 41 -9.05 1.38 -0.51
C GLU A 41 -8.75 0.24 0.46
N LEU A 42 -7.91 -0.72 0.06
CA LEU A 42 -7.54 -1.86 0.88
C LEU A 42 -6.80 -1.41 2.13
N ILE A 43 -5.97 -0.35 2.01
CA ILE A 43 -5.23 0.16 3.15
C ILE A 43 -6.25 0.68 4.16
N GLN A 44 -7.30 1.38 3.73
CA GLN A 44 -8.32 1.92 4.63
C GLN A 44 -8.96 0.80 5.45
N LYS A 45 -9.22 -0.38 4.87
CA LYS A 45 -9.81 -1.47 5.67
C LYS A 45 -8.82 -1.89 6.75
N HIS A 46 -7.56 -2.17 6.40
CA HIS A 46 -6.55 -2.57 7.37
C HIS A 46 -6.33 -1.45 8.42
N ARG A 47 -6.44 -0.19 8.04
CA ARG A 47 -6.27 0.98 8.91
C ARG A 47 -7.18 0.88 10.11
N GLN A 48 -8.48 0.61 9.92
CA GLN A 48 -9.40 0.50 11.05
C GLN A 48 -8.99 -0.60 12.04
N LEU A 49 -8.22 -1.58 11.59
CA LEU A 49 -7.74 -2.68 12.43
C LEU A 49 -6.45 -2.27 13.14
N PHE A 50 -5.58 -1.56 12.43
CA PHE A 50 -4.30 -1.07 12.92
C PHE A 50 -4.50 0.02 13.98
N ASP A 51 -5.59 0.78 13.86
CA ASP A 51 -5.99 1.87 14.74
C ASP A 51 -6.49 1.33 16.09
N ASN A 52 -6.41 0.01 16.33
CA ASN A 52 -6.82 -0.67 17.55
C ASN A 52 -5.69 -1.61 17.96
N ARG A 53 -5.78 -2.16 19.17
CA ARG A 53 -4.86 -3.11 19.78
C ARG A 53 -3.39 -2.70 19.67
N GLN A 54 -2.90 -1.94 20.64
CA GLN A 54 -1.51 -1.49 20.66
C GLN A 54 -1.09 -1.10 22.08
N GLU A 55 0.21 -1.11 22.35
CA GLU A 55 0.77 -0.74 23.65
C GLU A 55 1.21 0.73 23.67
N ALA A 56 1.13 1.40 22.52
CA ALA A 56 1.52 2.78 22.28
C ALA A 56 0.34 3.52 21.63
N ALA A 57 0.55 4.82 21.39
CA ALA A 57 -0.44 5.67 20.77
C ALA A 57 -0.70 5.24 19.32
N ASP A 58 -1.81 5.74 18.77
CA ASP A 58 -2.28 5.49 17.41
C ASP A 58 -1.37 6.13 16.36
N THR A 59 -0.33 6.86 16.78
CA THR A 59 0.59 7.53 15.89
C THR A 59 1.11 6.61 14.79
N GLU A 60 1.57 5.39 15.08
CA GLU A 60 2.09 4.49 14.05
C GLU A 60 1.02 4.18 13.01
N ALA A 61 -0.16 3.82 13.48
CA ALA A 61 -1.31 3.48 12.66
C ALA A 61 -1.72 4.67 11.77
N ALA A 62 -1.77 5.88 12.32
CA ALA A 62 -2.13 7.10 11.61
C ALA A 62 -1.07 7.48 10.59
N LYS A 63 0.20 7.50 11.02
CA LYS A 63 1.37 7.84 10.22
C LYS A 63 1.42 6.94 9.00
N GLN A 64 1.05 5.68 9.16
CA GLN A 64 1.04 4.70 8.10
C GLN A 64 0.15 5.15 6.94
N GLY A 65 -1.08 5.58 7.27
CA GLY A 65 -2.03 6.01 6.26
C GLY A 65 -1.52 7.23 5.51
N ASP A 66 -1.03 8.22 6.25
CA ASP A 66 -0.49 9.49 5.77
C ASP A 66 0.69 9.21 4.82
N GLN A 67 1.57 8.29 5.21
CA GLN A 67 2.74 7.88 4.43
C GLN A 67 2.31 7.35 3.06
N TRP A 68 1.29 6.49 3.02
CA TRP A 68 0.77 5.92 1.78
C TRP A 68 0.19 6.99 0.86
N VAL A 69 -0.70 7.85 1.35
CA VAL A 69 -1.30 8.87 0.49
C VAL A 69 -0.26 9.86 -0.04
N GLN A 70 0.73 10.25 0.78
CA GLN A 70 1.76 11.19 0.32
C GLN A 70 2.51 10.61 -0.88
N LEU A 71 2.70 9.28 -0.88
CA LEU A 71 3.39 8.60 -1.96
C LEU A 71 2.56 8.74 -3.22
N LYS A 72 1.27 8.44 -3.17
CA LYS A 72 0.40 8.53 -4.35
C LYS A 72 0.44 9.91 -5.00
N GLN A 73 0.46 10.98 -4.21
CA GLN A 73 0.49 12.34 -4.73
C GLN A 73 1.71 12.50 -5.63
N ARG A 74 2.92 12.14 -5.15
CA ARG A 74 4.13 12.27 -5.98
C ARG A 74 4.13 11.21 -7.09
N PHE A 75 3.54 10.04 -6.85
CA PHE A 75 3.47 8.94 -7.79
C PHE A 75 2.84 9.37 -9.10
N ARG A 76 1.63 9.94 -9.04
CA ARG A 76 0.95 10.37 -10.24
C ARG A 76 1.58 11.63 -10.81
N GLU A 77 2.15 12.48 -9.97
CA GLU A 77 2.79 13.70 -10.43
C GLU A 77 3.95 13.32 -11.36
N ALA A 78 4.76 12.32 -11.01
CA ALA A 78 5.88 11.92 -11.85
C ALA A 78 5.42 11.49 -13.23
N ILE A 79 4.18 11.00 -13.35
CA ILE A 79 3.63 10.55 -14.62
C ILE A 79 3.27 11.81 -15.41
N ASP A 80 2.56 12.73 -14.76
CA ASP A 80 2.10 14.01 -15.30
C ASP A 80 3.29 14.84 -15.82
N LYS A 81 4.45 14.69 -15.18
CA LYS A 81 5.70 15.37 -15.52
C LYS A 81 6.57 14.52 -16.45
N GLY A 82 6.36 13.22 -16.49
CA GLY A 82 7.11 12.28 -17.31
C GLY A 82 8.52 12.13 -16.74
N ASP A 83 8.63 12.06 -15.42
CA ASP A 83 9.90 11.94 -14.72
C ASP A 83 10.27 10.48 -14.57
N LYS A 84 11.01 9.95 -15.54
CA LYS A 84 11.46 8.57 -15.61
C LYS A 84 12.22 8.14 -14.36
N ASP A 85 13.15 8.99 -13.97
CA ASP A 85 14.00 8.82 -12.78
C ASP A 85 13.14 8.65 -11.55
N SER A 86 12.03 9.40 -11.48
CA SER A 86 11.14 9.33 -10.35
C SER A 86 10.34 8.03 -10.36
N LEU A 87 9.96 7.49 -11.53
CA LEU A 87 9.18 6.27 -11.66
C LEU A 87 9.90 5.10 -11.02
N GLU A 88 11.24 5.05 -11.17
CA GLU A 88 12.07 3.99 -10.60
C GLU A 88 11.87 3.93 -9.08
N GLN A 89 12.00 5.11 -8.45
CA GLN A 89 11.86 5.27 -7.00
C GLN A 89 10.41 5.08 -6.55
N LEU A 90 9.44 5.47 -7.37
CA LEU A 90 8.01 5.37 -7.06
C LEU A 90 7.58 3.90 -7.08
N LEU A 91 8.01 3.12 -8.07
CA LEU A 91 7.68 1.70 -8.19
C LEU A 91 8.18 0.97 -6.95
N GLU A 92 9.44 1.18 -6.58
CA GLU A 92 10.01 0.51 -5.41
C GLU A 92 9.27 0.98 -4.15
N GLU A 93 8.94 2.26 -4.03
CA GLU A 93 8.23 2.77 -2.85
C GLU A 93 6.84 2.13 -2.74
N LEU A 94 6.16 1.82 -3.86
CA LEU A 94 4.84 1.23 -3.83
C LEU A 94 4.90 -0.20 -3.33
N GLU A 95 5.75 -1.03 -3.94
CA GLU A 95 5.87 -2.42 -3.49
C GLU A 95 6.38 -2.47 -2.04
N GLN A 96 7.18 -1.50 -1.63
CA GLN A 96 7.70 -1.44 -0.27
C GLN A 96 6.61 -0.96 0.71
N ALA A 97 5.72 -0.09 0.25
CA ALA A 97 4.62 0.46 1.02
C ALA A 97 3.58 -0.59 1.32
N LEU A 98 3.29 -1.49 0.39
CA LEU A 98 2.31 -2.55 0.63
C LEU A 98 2.88 -3.63 1.58
N GLN A 99 4.19 -3.82 1.59
CA GLN A 99 4.94 -4.76 2.42
C GLN A 99 5.13 -4.29 3.86
N LYS A 100 5.43 -3.00 4.02
CA LYS A 100 5.68 -2.41 5.35
C LYS A 100 4.51 -2.62 6.30
N ILE A 101 3.28 -2.68 5.77
CA ILE A 101 2.09 -2.89 6.57
C ILE A 101 2.11 -4.25 7.23
N ARG A 102 2.72 -5.24 6.56
CA ARG A 102 2.78 -6.60 7.09
C ARG A 102 3.47 -6.61 8.45
N GLU A 103 4.42 -5.71 8.67
CA GLU A 103 5.18 -5.60 9.92
C GLU A 103 4.21 -5.39 11.09
N LEU A 104 3.28 -4.45 10.97
CA LEU A 104 2.27 -4.12 11.97
C LEU A 104 1.20 -5.19 12.02
N ALA A 105 0.80 -5.74 10.87
CA ALA A 105 -0.23 -6.75 10.82
C ALA A 105 0.22 -8.05 11.52
N GLU A 106 1.50 -8.43 11.40
CA GLU A 106 2.04 -9.63 12.02
C GLU A 106 2.54 -9.38 13.43
N LYS A 107 3.15 -8.21 13.62
CA LYS A 107 3.77 -7.74 14.87
C LYS A 107 4.65 -8.88 15.38
N LYS A 108 5.71 -9.16 14.63
CA LYS A 108 6.64 -10.21 15.00
C LYS A 108 7.29 -9.82 16.32
N ASN A 109 7.71 -8.55 16.40
CA ASN A 109 8.32 -7.95 17.59
C ASN A 109 7.20 -7.65 18.58
N SER A 1 -7.22 -6.89 17.56
CA SER A 1 -7.71 -7.14 16.20
C SER A 1 -7.84 -8.64 16.06
N GLU A 2 -9.07 -9.17 16.10
CA GLU A 2 -9.27 -10.62 15.98
C GLU A 2 -8.65 -11.12 14.69
N PHE A 3 -8.19 -12.37 14.74
CA PHE A 3 -7.52 -13.01 13.62
C PHE A 3 -8.28 -12.95 12.31
N GLU A 4 -9.57 -13.26 12.35
CA GLU A 4 -10.42 -13.26 11.17
C GLU A 4 -10.46 -11.88 10.47
N LYS A 5 -10.37 -10.78 11.23
CA LYS A 5 -10.40 -9.44 10.65
C LYS A 5 -9.12 -9.18 9.85
N LEU A 6 -7.96 -9.46 10.45
CA LEU A 6 -6.68 -9.26 9.76
C LEU A 6 -6.50 -10.31 8.68
N ARG A 7 -7.11 -11.50 8.81
CA ARG A 7 -6.99 -12.55 7.82
C ARG A 7 -7.76 -12.15 6.57
N GLN A 8 -8.97 -11.63 6.73
CA GLN A 8 -9.81 -11.22 5.61
C GLN A 8 -9.07 -10.19 4.76
N THR A 9 -8.53 -9.16 5.41
CA THR A 9 -7.81 -8.09 4.73
C THR A 9 -6.45 -8.55 4.19
N GLY A 10 -5.71 -9.33 4.97
CA GLY A 10 -4.40 -9.84 4.59
C GLY A 10 -4.50 -10.67 3.33
N ASP A 11 -5.38 -11.67 3.32
CA ASP A 11 -5.60 -12.57 2.18
C ASP A 11 -6.13 -11.79 0.99
N GLU A 12 -7.04 -10.85 1.20
CA GLU A 12 -7.56 -10.05 0.10
C GLU A 12 -6.40 -9.29 -0.53
N LEU A 13 -5.49 -8.73 0.28
CA LEU A 13 -4.35 -7.98 -0.21
C LEU A 13 -3.44 -8.93 -0.98
N VAL A 14 -3.24 -10.16 -0.51
CA VAL A 14 -2.42 -11.18 -1.18
C VAL A 14 -2.96 -11.40 -2.60
N GLN A 15 -4.26 -11.67 -2.78
CA GLN A 15 -4.81 -11.87 -4.12
C GLN A 15 -4.83 -10.56 -4.93
N ALA A 16 -5.10 -9.42 -4.28
CA ALA A 16 -5.15 -8.12 -4.94
C ALA A 16 -3.77 -7.79 -5.53
N GLU A 17 -2.69 -7.96 -4.76
CA GLU A 17 -1.36 -7.68 -5.25
C GLU A 17 -1.00 -8.64 -6.39
N GLN A 18 -1.52 -9.87 -6.40
CA GLN A 18 -1.24 -10.84 -7.45
C GLN A 18 -1.91 -10.44 -8.77
N ARG A 19 -3.20 -10.02 -8.74
CA ARG A 19 -3.89 -9.62 -9.97
C ARG A 19 -3.17 -8.45 -10.64
N LEU A 20 -2.78 -7.43 -9.86
CA LEU A 20 -2.09 -6.27 -10.41
C LEU A 20 -0.65 -6.60 -10.80
N ARG A 21 0.04 -7.50 -10.07
CA ARG A 21 1.42 -7.84 -10.42
C ARG A 21 1.50 -8.38 -11.84
N GLU A 22 0.53 -9.19 -12.26
CA GLU A 22 0.51 -9.78 -13.59
C GLU A 22 0.64 -8.71 -14.67
N ILE A 23 -0.12 -7.63 -14.59
CA ILE A 23 -0.05 -6.56 -15.58
C ILE A 23 1.21 -5.73 -15.38
N PHE A 24 1.52 -5.36 -14.14
CA PHE A 24 2.69 -4.57 -13.78
C PHE A 24 4.01 -5.19 -14.25
N ASP A 25 4.09 -6.52 -14.32
CA ASP A 25 5.27 -7.26 -14.74
C ASP A 25 5.75 -6.83 -16.12
N LYS A 26 4.85 -6.46 -17.04
CA LYS A 26 5.24 -6.02 -18.38
C LYS A 26 5.78 -4.58 -18.37
N GLY A 27 5.60 -3.85 -17.27
CA GLY A 27 6.02 -2.46 -17.13
C GLY A 27 4.91 -1.55 -17.65
N ASP A 28 3.65 -1.89 -17.31
CA ASP A 28 2.47 -1.14 -17.73
C ASP A 28 2.26 0.10 -16.88
N ASP A 29 2.85 1.22 -17.30
CA ASP A 29 2.74 2.49 -16.59
C ASP A 29 1.30 2.98 -16.54
N ASP A 30 0.53 2.78 -17.61
CA ASP A 30 -0.87 3.20 -17.70
C ASP A 30 -1.72 2.46 -16.67
N SER A 31 -1.52 1.15 -16.51
CA SER A 31 -2.27 0.38 -15.53
C SER A 31 -1.71 0.57 -14.10
N LEU A 32 -0.42 0.90 -13.95
CA LEU A 32 0.26 1.10 -12.67
C LEU A 32 -0.47 2.14 -11.82
N GLU A 33 -0.88 3.25 -12.42
CA GLU A 33 -1.60 4.30 -11.73
C GLU A 33 -3.03 3.86 -11.38
N GLN A 34 -3.66 3.06 -12.25
CA GLN A 34 -5.03 2.58 -12.09
C GLN A 34 -5.18 1.65 -10.89
N VAL A 35 -4.25 0.73 -10.69
CA VAL A 35 -4.32 -0.21 -9.57
C VAL A 35 -3.99 0.45 -8.23
N LEU A 36 -3.12 1.46 -8.25
CA LEU A 36 -2.68 2.23 -7.08
C LEU A 36 -3.85 2.88 -6.35
N GLU A 37 -4.87 3.29 -7.09
CA GLU A 37 -6.05 3.90 -6.47
C GLU A 37 -6.95 2.81 -5.85
N GLU A 38 -6.97 1.58 -6.39
CA GLU A 38 -7.80 0.50 -5.84
C GLU A 38 -7.18 -0.10 -4.59
N ILE A 39 -5.88 -0.38 -4.62
CA ILE A 39 -5.13 -0.93 -3.50
C ILE A 39 -5.30 -0.02 -2.27
N GLU A 40 -5.46 1.29 -2.48
CA GLU A 40 -5.63 2.28 -1.42
C GLU A 40 -6.75 1.91 -0.45
N GLU A 41 -7.76 1.17 -0.91
CA GLU A 41 -8.88 0.73 -0.09
C GLU A 41 -8.38 -0.26 0.96
N LEU A 42 -7.52 -1.19 0.56
CA LEU A 42 -6.95 -2.21 1.44
C LEU A 42 -6.15 -1.53 2.53
N ILE A 43 -5.52 -0.39 2.23
CA ILE A 43 -4.77 0.33 3.25
C ILE A 43 -5.82 0.84 4.24
N GLN A 44 -6.95 1.38 3.78
CA GLN A 44 -7.99 1.88 4.67
C GLN A 44 -8.55 0.74 5.52
N LYS A 45 -8.78 -0.44 4.94
CA LYS A 45 -9.29 -1.55 5.73
C LYS A 45 -8.26 -1.95 6.77
N HIS A 46 -7.00 -2.18 6.38
CA HIS A 46 -5.97 -2.57 7.34
C HIS A 46 -5.79 -1.47 8.39
N ARG A 47 -5.98 -0.19 8.04
CA ARG A 47 -5.84 0.94 8.96
C ARG A 47 -6.71 0.76 10.18
N GLN A 48 -7.97 0.39 10.01
CA GLN A 48 -8.87 0.18 11.16
C GLN A 48 -8.35 -0.91 12.09
N LEU A 49 -7.69 -1.91 11.54
CA LEU A 49 -7.15 -3.04 12.29
C LEU A 49 -5.80 -2.71 12.91
N PHE A 50 -5.05 -1.82 12.28
CA PHE A 50 -3.75 -1.36 12.78
C PHE A 50 -4.04 -0.39 13.92
N ASP A 51 -5.10 0.41 13.80
CA ASP A 51 -5.57 1.39 14.78
C ASP A 51 -6.28 0.67 15.94
N ASN A 52 -5.94 -0.59 16.15
CA ASN A 52 -6.45 -1.39 17.24
C ASN A 52 -5.63 -0.98 18.47
N ARG A 53 -6.20 -1.12 19.67
CA ARG A 53 -5.52 -0.76 20.91
C ARG A 53 -4.11 -1.36 20.98
N GLN A 54 -3.18 -0.62 21.59
CA GLN A 54 -1.79 -1.01 21.71
C GLN A 54 -1.18 -0.37 22.96
N GLU A 55 0.00 -0.84 23.36
CA GLU A 55 0.74 -0.30 24.50
C GLU A 55 1.37 1.06 24.17
N ALA A 56 1.29 1.47 22.91
CA ALA A 56 1.80 2.71 22.35
C ALA A 56 0.63 3.50 21.76
N ALA A 57 0.95 4.61 21.08
CA ALA A 57 -0.05 5.45 20.45
C ALA A 57 -0.47 4.81 19.12
N ASP A 58 -1.59 5.26 18.56
CA ASP A 58 -2.09 4.78 17.27
C ASP A 58 -1.41 5.51 16.12
N THR A 59 -0.46 6.38 16.43
CA THR A 59 0.32 7.17 15.50
C THR A 59 1.03 6.27 14.49
N GLU A 60 1.32 5.01 14.83
CA GLU A 60 1.94 4.04 13.95
C GLU A 60 1.00 3.83 12.76
N ALA A 61 -0.27 3.56 13.07
CA ALA A 61 -1.32 3.33 12.08
C ALA A 61 -1.55 4.59 11.24
N ALA A 62 -1.52 5.77 11.86
CA ALA A 62 -1.73 7.04 11.19
C ALA A 62 -0.58 7.38 10.23
N LYS A 63 0.68 7.32 10.68
CA LYS A 63 1.83 7.65 9.84
C LYS A 63 1.95 6.66 8.69
N GLN A 64 1.61 5.39 8.90
CA GLN A 64 1.66 4.38 7.84
C GLN A 64 0.74 4.84 6.69
N GLY A 65 -0.42 5.40 7.02
CA GLY A 65 -1.38 5.89 6.03
C GLY A 65 -0.96 7.20 5.39
N ASP A 66 -0.31 8.09 6.14
CA ASP A 66 0.14 9.38 5.60
C ASP A 66 1.25 9.13 4.57
N GLN A 67 2.18 8.23 4.91
CA GLN A 67 3.29 7.88 4.04
C GLN A 67 2.75 7.38 2.68
N TRP A 68 1.70 6.55 2.72
CA TRP A 68 1.03 5.99 1.56
C TRP A 68 0.44 7.09 0.67
N VAL A 69 -0.41 7.95 1.22
CA VAL A 69 -1.03 9.01 0.42
C VAL A 69 0.01 10.02 -0.08
N GLN A 70 1.03 10.33 0.71
CA GLN A 70 2.08 11.27 0.30
C GLN A 70 2.77 10.74 -0.94
N LEU A 71 2.97 9.42 -0.99
CA LEU A 71 3.61 8.80 -2.12
C LEU A 71 2.70 8.96 -3.33
N LYS A 72 1.41 8.67 -3.20
CA LYS A 72 0.45 8.82 -4.30
C LYS A 72 0.42 10.24 -4.84
N GLN A 73 0.63 11.26 -3.99
CA GLN A 73 0.64 12.64 -4.44
C GLN A 73 1.79 12.83 -5.44
N ARG A 74 3.01 12.42 -5.07
CA ARG A 74 4.16 12.54 -5.97
C ARG A 74 4.02 11.59 -7.15
N PHE A 75 3.41 10.42 -6.96
CA PHE A 75 3.24 9.41 -8.00
C PHE A 75 2.44 9.95 -9.19
N ARG A 76 1.21 10.43 -8.96
CA ARG A 76 0.37 10.93 -10.05
C ARG A 76 0.97 12.17 -10.67
N GLU A 77 1.63 12.98 -9.84
CA GLU A 77 2.26 14.21 -10.28
C GLU A 77 3.48 13.93 -11.15
N ALA A 78 4.28 12.90 -10.87
CA ALA A 78 5.46 12.65 -11.70
C ALA A 78 5.05 12.21 -13.09
N ILE A 79 3.91 11.54 -13.21
CA ILE A 79 3.42 11.05 -14.49
C ILE A 79 2.99 12.24 -15.34
N ASP A 80 2.25 13.18 -14.74
CA ASP A 80 1.78 14.40 -15.40
C ASP A 80 2.95 15.25 -15.90
N LYS A 81 4.02 15.27 -15.11
CA LYS A 81 5.23 16.01 -15.44
C LYS A 81 6.12 15.23 -16.41
N GLY A 82 5.94 13.92 -16.47
CA GLY A 82 6.71 13.03 -17.32
C GLY A 82 8.10 12.82 -16.75
N ASP A 83 8.23 12.82 -15.42
CA ASP A 83 9.49 12.65 -14.73
C ASP A 83 9.79 11.16 -14.61
N LYS A 84 10.35 10.60 -15.68
CA LYS A 84 10.74 9.20 -15.84
C LYS A 84 11.65 8.72 -14.72
N ASP A 85 12.62 9.55 -14.37
CA ASP A 85 13.61 9.25 -13.35
C ASP A 85 12.89 9.02 -12.02
N SER A 86 11.98 9.93 -11.65
CA SER A 86 11.22 9.82 -10.42
C SER A 86 10.31 8.58 -10.46
N LEU A 87 9.84 8.14 -11.64
CA LEU A 87 8.97 6.97 -11.73
C LEU A 87 9.68 5.72 -11.19
N GLU A 88 10.99 5.62 -11.40
CA GLU A 88 11.79 4.49 -10.95
C GLU A 88 11.67 4.38 -9.43
N GLN A 89 11.90 5.52 -8.79
CA GLN A 89 11.87 5.75 -7.35
C GLN A 89 10.47 5.53 -6.78
N LEU A 90 9.45 6.04 -7.47
CA LEU A 90 8.06 5.92 -7.08
C LEU A 90 7.65 4.45 -7.09
N LEU A 91 8.02 3.70 -8.14
CA LEU A 91 7.73 2.28 -8.29
C LEU A 91 8.34 1.44 -7.17
N GLU A 92 9.63 1.61 -6.87
CA GLU A 92 10.31 0.84 -5.82
C GLU A 92 9.72 1.19 -4.44
N GLU A 93 9.26 2.42 -4.26
CA GLU A 93 8.67 2.88 -3.02
C GLU A 93 7.24 2.37 -2.86
N LEU A 94 6.44 2.24 -3.93
CA LEU A 94 5.06 1.76 -3.87
C LEU A 94 5.05 0.32 -3.36
N GLU A 95 5.86 -0.54 -3.98
CA GLU A 95 5.96 -1.93 -3.56
C GLU A 95 6.50 -2.04 -2.14
N GLN A 96 7.35 -1.13 -1.69
CA GLN A 96 7.89 -1.19 -0.34
C GLN A 96 6.80 -0.74 0.64
N ALA A 97 5.93 0.16 0.21
CA ALA A 97 4.85 0.65 1.04
C ALA A 97 3.81 -0.42 1.28
N LEU A 98 3.54 -1.30 0.32
CA LEU A 98 2.59 -2.38 0.50
C LEU A 98 3.24 -3.51 1.33
N GLN A 99 4.56 -3.67 1.27
CA GLN A 99 5.34 -4.68 1.99
C GLN A 99 5.53 -4.34 3.46
N LYS A 100 5.84 -3.08 3.73
CA LYS A 100 6.10 -2.62 5.11
C LYS A 100 4.94 -2.90 6.06
N ILE A 101 3.73 -2.88 5.54
CA ILE A 101 2.53 -3.15 6.32
C ILE A 101 2.52 -4.60 6.77
N ARG A 102 3.07 -5.51 5.96
CA ARG A 102 3.09 -6.93 6.31
C ARG A 102 3.82 -7.12 7.63
N GLU A 103 4.82 -6.30 7.93
CA GLU A 103 5.59 -6.38 9.16
C GLU A 103 4.68 -6.13 10.37
N LEU A 104 3.87 -5.07 10.28
CA LEU A 104 2.91 -4.63 11.29
C LEU A 104 1.70 -5.57 11.35
N ALA A 105 1.26 -6.09 10.19
CA ALA A 105 0.11 -6.98 10.14
C ALA A 105 0.48 -8.34 10.74
N GLU A 106 1.70 -8.81 10.51
CA GLU A 106 2.16 -10.08 11.04
C GLU A 106 2.59 -9.90 12.48
N LYS A 107 3.36 -8.86 12.77
CA LYS A 107 3.93 -8.49 14.07
C LYS A 107 4.69 -9.70 14.63
N LYS A 108 5.58 -10.20 13.79
CA LYS A 108 6.45 -11.35 13.98
C LYS A 108 7.91 -10.94 13.67
N ASN A 109 8.17 -9.64 13.76
CA ASN A 109 9.47 -9.04 13.50
C ASN A 109 10.31 -9.12 14.76
N SER A 1 -4.25 -9.64 17.98
CA SER A 1 -5.69 -9.39 18.04
C SER A 1 -6.23 -9.24 16.63
N GLU A 2 -7.55 -9.34 16.46
CA GLU A 2 -8.28 -9.24 15.19
C GLU A 2 -7.59 -10.02 14.07
N PHE A 3 -7.07 -11.20 14.43
CA PHE A 3 -6.36 -12.07 13.51
C PHE A 3 -7.17 -12.41 12.30
N GLU A 4 -8.41 -12.79 12.53
CA GLU A 4 -9.38 -13.17 11.51
C GLU A 4 -9.61 -12.02 10.51
N LYS A 5 -9.63 -10.76 10.98
CA LYS A 5 -9.82 -9.61 10.10
C LYS A 5 -8.58 -9.45 9.22
N LEU A 6 -7.38 -9.44 9.81
CA LEU A 6 -6.14 -9.25 9.07
C LEU A 6 -5.85 -10.46 8.17
N ARG A 7 -6.37 -11.64 8.53
CA ARG A 7 -6.21 -12.88 7.77
C ARG A 7 -6.88 -12.66 6.43
N GLN A 8 -8.16 -12.24 6.46
CA GLN A 8 -8.91 -11.97 5.24
C GLN A 8 -8.25 -10.81 4.50
N THR A 9 -7.96 -9.69 5.18
CA THR A 9 -7.37 -8.54 4.51
C THR A 9 -6.06 -8.89 3.79
N GLY A 10 -5.28 -9.85 4.31
CA GLY A 10 -4.05 -10.29 3.68
C GLY A 10 -4.41 -10.98 2.37
N ASP A 11 -5.41 -11.87 2.38
CA ASP A 11 -5.89 -12.62 1.23
C ASP A 11 -6.45 -11.70 0.13
N GLU A 12 -7.14 -10.62 0.51
CA GLU A 12 -7.71 -9.63 -0.43
C GLU A 12 -6.59 -8.85 -1.11
N LEU A 13 -5.56 -8.52 -0.33
CA LEU A 13 -4.40 -7.77 -0.78
C LEU A 13 -3.56 -8.66 -1.69
N VAL A 14 -3.43 -9.94 -1.35
CA VAL A 14 -2.67 -10.90 -2.14
C VAL A 14 -3.34 -11.02 -3.51
N GLN A 15 -4.65 -11.28 -3.59
CA GLN A 15 -5.30 -11.41 -4.90
C GLN A 15 -5.19 -10.13 -5.74
N ALA A 16 -5.20 -8.95 -5.11
CA ALA A 16 -5.06 -7.65 -5.77
C ALA A 16 -3.65 -7.57 -6.40
N GLU A 17 -2.60 -7.99 -5.68
CA GLU A 17 -1.25 -7.97 -6.22
C GLU A 17 -1.16 -8.91 -7.44
N GLN A 18 -1.84 -10.07 -7.39
CA GLN A 18 -1.82 -11.03 -8.50
C GLN A 18 -2.44 -10.46 -9.78
N ARG A 19 -3.60 -9.79 -9.67
CA ARG A 19 -4.29 -9.20 -10.83
C ARG A 19 -3.49 -8.07 -11.42
N LEU A 20 -2.92 -7.18 -10.58
CA LEU A 20 -2.15 -6.07 -11.13
C LEU A 20 -0.82 -6.55 -11.67
N ARG A 21 -0.19 -7.58 -11.08
CA ARG A 21 1.10 -8.08 -11.57
C ARG A 21 1.05 -8.44 -13.04
N GLU A 22 -0.04 -9.09 -13.47
CA GLU A 22 -0.22 -9.49 -14.86
C GLU A 22 -0.04 -8.29 -15.79
N ILE A 23 -0.72 -7.18 -15.50
CA ILE A 23 -0.63 -5.97 -16.32
C ILE A 23 0.67 -5.21 -16.10
N PHE A 24 1.14 -5.12 -14.87
CA PHE A 24 2.38 -4.43 -14.51
C PHE A 24 3.54 -5.07 -15.28
N ASP A 25 3.47 -6.37 -15.56
CA ASP A 25 4.49 -7.11 -16.31
C ASP A 25 4.66 -6.59 -17.74
N LYS A 26 3.68 -5.85 -18.24
CA LYS A 26 3.65 -5.25 -19.57
C LYS A 26 4.17 -3.81 -19.55
N GLY A 27 4.53 -3.26 -18.38
CA GLY A 27 5.00 -1.89 -18.28
C GLY A 27 3.83 -0.96 -18.65
N ASP A 28 2.64 -1.31 -18.16
CA ASP A 28 1.37 -0.63 -18.38
C ASP A 28 1.30 0.62 -17.50
N ASP A 29 1.96 1.69 -17.95
CA ASP A 29 2.07 2.98 -17.27
C ASP A 29 0.74 3.58 -16.83
N ASP A 30 -0.24 3.60 -17.72
CA ASP A 30 -1.54 4.19 -17.40
C ASP A 30 -2.30 3.32 -16.39
N SER A 31 -2.07 2.02 -16.37
CA SER A 31 -2.74 1.15 -15.41
C SER A 31 -2.06 1.22 -14.04
N LEU A 32 -0.77 1.53 -13.95
CA LEU A 32 -0.02 1.62 -12.70
C LEU A 32 -0.69 2.58 -11.73
N GLU A 33 -1.12 3.75 -12.21
CA GLU A 33 -1.79 4.76 -11.38
C GLU A 33 -3.22 4.32 -11.01
N GLN A 34 -3.87 3.50 -11.84
CA GLN A 34 -5.23 3.01 -11.60
C GLN A 34 -5.20 1.96 -10.48
N VAL A 35 -4.35 0.94 -10.58
CA VAL A 35 -4.27 -0.12 -9.56
C VAL A 35 -3.85 0.47 -8.21
N LEU A 36 -3.03 1.52 -8.22
CA LEU A 36 -2.50 2.25 -7.07
C LEU A 36 -3.64 2.88 -6.26
N GLU A 37 -4.70 3.31 -6.93
CA GLU A 37 -5.87 3.87 -6.26
C GLU A 37 -6.69 2.72 -5.67
N GLU A 38 -6.95 1.68 -6.48
CA GLU A 38 -7.72 0.51 -6.08
C GLU A 38 -7.15 -0.19 -4.85
N ILE A 39 -5.82 -0.29 -4.77
CA ILE A 39 -5.10 -0.92 -3.66
C ILE A 39 -5.25 -0.11 -2.37
N GLU A 40 -5.37 1.23 -2.41
CA GLU A 40 -5.49 2.04 -1.19
C GLU A 40 -6.60 1.54 -0.26
N GLU A 41 -7.65 0.96 -0.83
CA GLU A 41 -8.80 0.44 -0.11
C GLU A 41 -8.39 -0.67 0.88
N LEU A 42 -7.41 -1.48 0.50
CA LEU A 42 -6.88 -2.58 1.32
C LEU A 42 -6.19 -1.98 2.54
N ILE A 43 -5.48 -0.86 2.34
CA ILE A 43 -4.79 -0.17 3.41
C ILE A 43 -5.86 0.37 4.36
N GLN A 44 -6.98 0.92 3.87
CA GLN A 44 -8.03 1.46 4.73
C GLN A 44 -8.61 0.37 5.63
N LYS A 45 -8.80 -0.82 5.05
CA LYS A 45 -9.32 -1.97 5.76
C LYS A 45 -8.34 -2.35 6.88
N HIS A 46 -7.06 -2.48 6.56
CA HIS A 46 -6.02 -2.82 7.53
C HIS A 46 -5.83 -1.73 8.59
N ARG A 47 -6.08 -0.45 8.26
CA ARG A 47 -5.92 0.69 9.18
C ARG A 47 -6.68 0.50 10.48
N GLN A 48 -7.95 0.07 10.43
CA GLN A 48 -8.73 -0.12 11.65
C GLN A 48 -8.02 -1.11 12.58
N LEU A 49 -7.52 -2.19 12.00
CA LEU A 49 -6.86 -3.29 12.67
C LEU A 49 -5.53 -2.86 13.23
N PHE A 50 -4.82 -2.00 12.50
CA PHE A 50 -3.52 -1.51 12.88
C PHE A 50 -3.62 -0.57 14.09
N ASP A 51 -4.73 0.16 14.20
CA ASP A 51 -4.98 1.09 15.30
C ASP A 51 -5.72 0.43 16.48
N ASN A 52 -6.14 -0.83 16.36
CA ASN A 52 -6.86 -1.53 17.43
C ASN A 52 -5.88 -1.92 18.55
N ARG A 53 -5.53 -0.99 19.44
CA ARG A 53 -4.60 -1.23 20.56
C ARG A 53 -4.85 -0.25 21.70
N GLN A 54 -4.01 -0.31 22.73
CA GLN A 54 -3.94 0.47 23.95
C GLN A 54 -2.44 0.70 24.21
N GLU A 55 -2.08 1.47 25.25
CA GLU A 55 -0.70 1.81 25.67
C GLU A 55 0.06 2.70 24.67
N ALA A 56 -0.40 2.79 23.42
CA ALA A 56 0.16 3.57 22.32
C ALA A 56 -0.90 4.56 21.83
N ALA A 57 -0.52 5.45 20.92
CA ALA A 57 -1.40 6.46 20.33
C ALA A 57 -1.76 6.08 18.90
N ASP A 58 -2.75 6.77 18.34
CA ASP A 58 -3.23 6.55 16.98
C ASP A 58 -2.28 6.98 15.89
N THR A 59 -1.24 7.75 16.23
CA THR A 59 -0.25 8.23 15.29
C THR A 59 0.49 7.08 14.62
N GLU A 60 0.72 5.97 15.31
CA GLU A 60 1.45 4.84 14.78
C GLU A 60 0.78 4.28 13.52
N ALA A 61 -0.53 4.00 13.59
CA ALA A 61 -1.27 3.49 12.46
C ALA A 61 -1.60 4.61 11.47
N ALA A 62 -1.85 5.83 11.98
CA ALA A 62 -2.18 6.97 11.15
C ALA A 62 -1.03 7.27 10.18
N LYS A 63 0.20 7.31 10.69
CA LYS A 63 1.40 7.57 9.91
C LYS A 63 1.59 6.50 8.86
N GLN A 64 1.17 5.25 9.13
CA GLN A 64 1.29 4.16 8.17
C GLN A 64 0.47 4.50 6.93
N GLY A 65 -0.71 5.10 7.14
CA GLY A 65 -1.63 5.51 6.09
C GLY A 65 -1.14 6.79 5.40
N ASP A 66 -0.68 7.78 6.17
CA ASP A 66 -0.18 9.06 5.63
C ASP A 66 1.00 8.82 4.70
N GLN A 67 1.97 8.00 5.14
CA GLN A 67 3.14 7.68 4.34
C GLN A 67 2.74 7.05 3.00
N TRP A 68 1.63 6.30 2.97
CA TRP A 68 1.15 5.67 1.76
C TRP A 68 0.56 6.71 0.81
N VAL A 69 -0.39 7.53 1.28
CA VAL A 69 -1.02 8.54 0.44
C VAL A 69 -0.02 9.59 -0.04
N GLN A 70 0.97 9.96 0.79
CA GLN A 70 1.98 10.94 0.40
C GLN A 70 2.76 10.39 -0.78
N LEU A 71 2.97 9.06 -0.83
CA LEU A 71 3.69 8.48 -1.95
C LEU A 71 2.81 8.61 -3.18
N LYS A 72 1.53 8.24 -3.08
CA LYS A 72 0.62 8.32 -4.23
C LYS A 72 0.58 9.72 -4.82
N GLN A 73 0.60 10.77 -3.99
CA GLN A 73 0.56 12.15 -4.46
C GLN A 73 1.74 12.39 -5.41
N ARG A 74 2.97 12.06 -4.99
CA ARG A 74 4.14 12.25 -5.86
C ARG A 74 4.15 11.23 -6.99
N PHE A 75 3.61 10.03 -6.76
CA PHE A 75 3.53 8.98 -7.74
C PHE A 75 2.83 9.53 -8.97
N ARG A 76 1.62 10.06 -8.79
CA ARG A 76 0.84 10.62 -9.88
C ARG A 76 1.53 11.87 -10.44
N GLU A 77 2.19 12.67 -9.61
CA GLU A 77 2.89 13.88 -10.06
C GLU A 77 3.98 13.53 -11.07
N ALA A 78 4.77 12.49 -10.79
CA ALA A 78 5.84 12.08 -11.67
C ALA A 78 5.31 11.70 -13.04
N ILE A 79 4.07 11.24 -13.12
CA ILE A 79 3.48 10.86 -14.39
C ILE A 79 3.11 12.13 -15.15
N ASP A 80 2.46 13.07 -14.45
CA ASP A 80 2.02 14.35 -15.01
C ASP A 80 3.17 15.15 -15.61
N LYS A 81 4.34 15.11 -14.97
CA LYS A 81 5.55 15.81 -15.43
C LYS A 81 6.42 14.95 -16.33
N GLY A 82 6.29 13.63 -16.22
CA GLY A 82 7.10 12.70 -17.01
C GLY A 82 8.47 12.52 -16.35
N ASP A 83 8.52 12.52 -15.01
CA ASP A 83 9.74 12.38 -14.23
C ASP A 83 10.13 10.90 -14.16
N LYS A 84 10.79 10.38 -15.20
CA LYS A 84 11.25 9.00 -15.29
C LYS A 84 12.10 8.58 -14.09
N ASP A 85 13.01 9.46 -13.71
CA ASP A 85 13.93 9.25 -12.59
C ASP A 85 13.16 9.06 -11.30
N SER A 86 12.07 9.80 -11.12
CA SER A 86 11.24 9.67 -9.92
C SER A 86 10.41 8.40 -10.03
N LEU A 87 10.00 8.02 -11.24
CA LEU A 87 9.18 6.86 -11.53
C LEU A 87 9.80 5.60 -10.98
N GLU A 88 11.11 5.46 -11.18
CA GLU A 88 11.93 4.36 -10.74
C GLU A 88 11.83 4.20 -9.23
N GLN A 89 12.03 5.31 -8.52
CA GLN A 89 11.99 5.37 -7.06
C GLN A 89 10.56 5.18 -6.53
N LEU A 90 9.56 5.67 -7.25
CA LEU A 90 8.16 5.58 -6.90
C LEU A 90 7.70 4.13 -7.01
N LEU A 91 8.06 3.42 -8.08
CA LEU A 91 7.72 2.02 -8.31
C LEU A 91 8.22 1.18 -7.15
N GLU A 92 9.50 1.33 -6.76
CA GLU A 92 10.07 0.55 -5.65
C GLU A 92 9.41 0.94 -4.33
N GLU A 93 9.12 2.24 -4.11
CA GLU A 93 8.48 2.70 -2.88
C GLU A 93 7.06 2.17 -2.75
N LEU A 94 6.33 1.96 -3.85
CA LEU A 94 4.96 1.49 -3.82
C LEU A 94 4.93 0.04 -3.38
N GLU A 95 5.68 -0.81 -4.08
CA GLU A 95 5.74 -2.22 -3.73
C GLU A 95 6.31 -2.41 -2.33
N GLN A 96 7.19 -1.53 -1.86
CA GLN A 96 7.75 -1.65 -0.53
C GLN A 96 6.70 -1.20 0.50
N ALA A 97 5.90 -0.18 0.16
CA ALA A 97 4.87 0.36 1.04
C ALA A 97 3.77 -0.65 1.30
N LEU A 98 3.43 -1.49 0.33
CA LEU A 98 2.42 -2.53 0.53
C LEU A 98 3.03 -3.70 1.32
N GLN A 99 4.36 -3.90 1.25
CA GLN A 99 5.11 -4.95 1.95
C GLN A 99 5.35 -4.62 3.42
N LYS A 100 5.63 -3.37 3.72
CA LYS A 100 5.92 -2.91 5.10
C LYS A 100 4.79 -3.25 6.06
N ILE A 101 3.55 -3.19 5.58
CA ILE A 101 2.35 -3.46 6.35
C ILE A 101 2.32 -4.93 6.75
N ARG A 102 2.85 -5.83 5.91
CA ARG A 102 2.85 -7.26 6.18
C ARG A 102 3.61 -7.57 7.45
N GLU A 103 4.61 -6.76 7.76
CA GLU A 103 5.41 -6.94 8.96
C GLU A 103 4.53 -6.70 10.18
N LEU A 104 3.75 -5.62 10.13
CA LEU A 104 2.81 -5.21 11.17
C LEU A 104 1.68 -6.23 11.31
N ALA A 105 1.23 -6.82 10.20
CA ALA A 105 0.15 -7.80 10.18
C ALA A 105 0.50 -8.99 11.07
N GLU A 106 1.77 -9.39 11.13
CA GLU A 106 2.25 -10.51 11.93
C GLU A 106 3.43 -10.16 12.84
N LYS A 107 3.48 -8.92 13.34
CA LYS A 107 4.50 -8.32 14.21
C LYS A 107 4.76 -9.11 15.51
N LYS A 108 5.37 -10.29 15.43
CA LYS A 108 5.66 -11.12 16.61
C LYS A 108 7.13 -10.99 17.01
N ASN A 109 7.49 -9.73 17.22
CA ASN A 109 8.75 -9.15 17.64
C ASN A 109 8.26 -8.07 18.57
N SER A 1 -4.78 -10.56 19.48
CA SER A 1 -5.32 -9.86 18.32
C SER A 1 -6.24 -10.79 17.54
N GLU A 2 -7.35 -10.27 17.02
CA GLU A 2 -8.32 -11.01 16.23
C GLU A 2 -7.68 -11.24 14.85
N PHE A 3 -7.05 -12.39 14.69
CA PHE A 3 -6.35 -12.84 13.51
C PHE A 3 -7.20 -12.88 12.24
N GLU A 4 -8.40 -13.41 12.34
CA GLU A 4 -9.29 -13.53 11.19
C GLU A 4 -9.64 -12.16 10.60
N LYS A 5 -9.74 -11.11 11.43
CA LYS A 5 -10.07 -9.77 10.97
C LYS A 5 -8.98 -9.27 10.02
N LEU A 6 -7.70 -9.50 10.36
CA LEU A 6 -6.60 -9.07 9.51
C LEU A 6 -6.49 -10.01 8.31
N ARG A 7 -6.62 -11.33 8.50
CA ARG A 7 -6.50 -12.28 7.39
C ARG A 7 -7.58 -12.03 6.35
N GLN A 8 -8.77 -11.53 6.72
CA GLN A 8 -9.84 -11.25 5.76
C GLN A 8 -9.29 -10.25 4.73
N THR A 9 -8.69 -9.16 5.21
CA THR A 9 -8.10 -8.14 4.37
C THR A 9 -6.81 -8.69 3.74
N GLY A 10 -6.11 -9.59 4.42
CA GLY A 10 -4.89 -10.21 3.94
C GLY A 10 -5.17 -10.98 2.66
N ASP A 11 -6.26 -11.75 2.60
CA ASP A 11 -6.65 -12.54 1.43
C ASP A 11 -6.98 -11.62 0.26
N GLU A 12 -7.72 -10.55 0.58
CA GLU A 12 -8.17 -9.53 -0.36
C GLU A 12 -6.96 -8.76 -0.92
N LEU A 13 -5.96 -8.50 -0.08
CA LEU A 13 -4.74 -7.77 -0.39
C LEU A 13 -3.85 -8.62 -1.28
N VAL A 14 -3.75 -9.93 -0.98
CA VAL A 14 -2.94 -10.85 -1.78
C VAL A 14 -3.55 -10.91 -3.18
N GLN A 15 -4.85 -11.21 -3.30
CA GLN A 15 -5.45 -11.29 -4.62
C GLN A 15 -5.35 -9.98 -5.39
N ALA A 16 -5.61 -8.83 -4.76
CA ALA A 16 -5.54 -7.52 -5.41
C ALA A 16 -4.13 -7.22 -5.92
N GLU A 17 -3.07 -7.57 -5.18
CA GLU A 17 -1.70 -7.36 -5.58
C GLU A 17 -1.35 -8.36 -6.70
N GLN A 18 -1.93 -9.54 -6.69
CA GLN A 18 -1.71 -10.60 -7.67
C GLN A 18 -2.29 -10.22 -9.03
N ARG A 19 -3.55 -9.77 -9.06
CA ARG A 19 -4.23 -9.37 -10.29
C ARG A 19 -3.45 -8.25 -10.95
N LEU A 20 -3.02 -7.24 -10.17
CA LEU A 20 -2.25 -6.15 -10.75
C LEU A 20 -0.83 -6.62 -11.11
N ARG A 21 -0.20 -7.52 -10.34
CA ARG A 21 1.15 -8.01 -10.63
C ARG A 21 1.22 -8.58 -12.03
N GLU A 22 0.19 -9.29 -12.47
CA GLU A 22 0.16 -9.88 -13.80
C GLU A 22 0.33 -8.82 -14.88
N ILE A 23 -0.36 -7.68 -14.79
CA ILE A 23 -0.23 -6.61 -15.77
C ILE A 23 1.10 -5.86 -15.55
N PHE A 24 1.39 -5.51 -14.29
CA PHE A 24 2.56 -4.79 -13.83
C PHE A 24 3.86 -5.48 -14.30
N ASP A 25 3.85 -6.82 -14.44
CA ASP A 25 5.00 -7.61 -14.88
C ASP A 25 5.48 -7.16 -16.26
N LYS A 26 4.57 -6.67 -17.11
CA LYS A 26 4.85 -6.18 -18.47
C LYS A 26 5.34 -4.72 -18.44
N GLY A 27 5.32 -4.08 -17.27
CA GLY A 27 5.70 -2.70 -17.08
C GLY A 27 4.57 -1.83 -17.58
N ASP A 28 3.31 -2.20 -17.34
CA ASP A 28 2.12 -1.47 -17.78
C ASP A 28 1.92 -0.23 -16.90
N ASP A 29 2.71 0.81 -17.16
CA ASP A 29 2.73 2.10 -16.46
C ASP A 29 1.35 2.74 -16.39
N ASP A 30 0.63 2.83 -17.51
CA ASP A 30 -0.70 3.44 -17.58
C ASP A 30 -1.71 2.68 -16.73
N SER A 31 -1.55 1.36 -16.59
CA SER A 31 -2.46 0.58 -15.74
C SER A 31 -2.05 0.67 -14.28
N LEU A 32 -0.76 0.88 -14.00
CA LEU A 32 -0.18 0.98 -12.67
C LEU A 32 -0.84 2.08 -11.85
N GLU A 33 -1.07 3.24 -12.48
CA GLU A 33 -1.73 4.39 -11.85
C GLU A 33 -3.20 4.10 -11.56
N GLN A 34 -3.85 3.22 -12.33
CA GLN A 34 -5.23 2.87 -12.14
C GLN A 34 -5.38 1.94 -10.93
N VAL A 35 -4.60 0.86 -10.89
CA VAL A 35 -4.64 -0.12 -9.80
C VAL A 35 -4.19 0.51 -8.47
N LEU A 36 -3.30 1.51 -8.52
CA LEU A 36 -2.77 2.26 -7.38
C LEU A 36 -3.93 2.86 -6.57
N GLU A 37 -5.00 3.28 -7.23
CA GLU A 37 -6.18 3.81 -6.54
C GLU A 37 -7.01 2.67 -5.95
N GLU A 38 -7.15 1.54 -6.66
CA GLU A 38 -7.91 0.38 -6.18
C GLU A 38 -7.27 -0.15 -4.89
N ILE A 39 -5.94 -0.25 -4.86
CA ILE A 39 -5.16 -0.73 -3.72
C ILE A 39 -5.28 0.25 -2.54
N GLU A 40 -5.44 1.56 -2.77
CA GLU A 40 -5.55 2.54 -1.70
C GLU A 40 -6.62 2.14 -0.68
N GLU A 41 -7.70 1.50 -1.17
CA GLU A 41 -8.82 1.05 -0.35
C GLU A 41 -8.39 -0.06 0.61
N LEU A 42 -7.46 -0.93 0.20
CA LEU A 42 -6.97 -2.02 1.03
C LEU A 42 -6.31 -1.42 2.26
N ILE A 43 -5.61 -0.29 2.12
CA ILE A 43 -4.98 0.38 3.25
C ILE A 43 -6.11 0.95 4.11
N GLN A 44 -7.13 1.57 3.51
CA GLN A 44 -8.25 2.14 4.27
C GLN A 44 -8.89 1.06 5.16
N LYS A 45 -9.02 -0.17 4.67
CA LYS A 45 -9.59 -1.26 5.46
C LYS A 45 -8.63 -1.69 6.56
N HIS A 46 -7.37 -2.00 6.23
CA HIS A 46 -6.43 -2.44 7.25
C HIS A 46 -6.21 -1.37 8.33
N ARG A 47 -6.33 -0.09 8.01
CA ARG A 47 -6.17 1.03 8.91
C ARG A 47 -7.08 0.87 10.13
N GLN A 48 -8.34 0.50 9.93
CA GLN A 48 -9.27 0.32 11.04
C GLN A 48 -8.73 -0.73 12.02
N LEU A 49 -8.11 -1.79 11.50
CA LEU A 49 -7.54 -2.90 12.28
C LEU A 49 -6.20 -2.50 12.91
N PHE A 50 -5.49 -1.55 12.32
CA PHE A 50 -4.21 -1.11 12.85
C PHE A 50 -4.43 -0.37 14.17
N ASP A 51 -5.59 0.26 14.34
CA ASP A 51 -5.94 0.97 15.58
C ASP A 51 -5.96 0.01 16.77
N ASN A 52 -6.16 -1.29 16.52
CA ASN A 52 -6.20 -2.37 17.53
C ASN A 52 -4.83 -2.53 18.23
N ARG A 53 -3.80 -1.83 17.77
CA ARG A 53 -2.44 -1.84 18.32
C ARG A 53 -2.41 -1.07 19.64
N GLN A 54 -2.56 -1.81 20.74
CA GLN A 54 -2.51 -1.27 22.08
C GLN A 54 -1.03 -0.95 22.39
N GLU A 55 -0.75 -0.37 23.56
CA GLU A 55 0.59 0.00 24.05
C GLU A 55 1.24 1.16 23.27
N ALA A 56 0.49 1.73 22.34
CA ALA A 56 0.88 2.83 21.49
C ALA A 56 -0.35 3.72 21.24
N ALA A 57 -0.17 4.79 20.47
CA ALA A 57 -1.22 5.73 20.12
C ALA A 57 -1.54 5.59 18.63
N ASP A 58 -2.70 6.12 18.22
CA ASP A 58 -3.19 6.09 16.84
C ASP A 58 -2.22 6.76 15.87
N THR A 59 -1.25 7.51 16.37
CA THR A 59 -0.25 8.19 15.56
C THR A 59 0.46 7.22 14.62
N GLU A 60 0.71 5.98 15.05
CA GLU A 60 1.38 5.02 14.20
C GLU A 60 0.47 4.64 13.03
N ALA A 61 -0.81 4.38 13.29
CA ALA A 61 -1.77 4.04 12.24
C ALA A 61 -1.95 5.23 11.30
N ALA A 62 -2.04 6.45 11.87
CA ALA A 62 -2.22 7.69 11.14
C ALA A 62 -1.05 7.98 10.21
N LYS A 63 0.19 7.93 10.71
CA LYS A 63 1.37 8.18 9.87
C LYS A 63 1.49 7.13 8.77
N GLN A 64 0.99 5.91 9.01
CA GLN A 64 1.02 4.83 8.05
C GLN A 64 0.15 5.19 6.85
N GLY A 65 -1.07 5.63 7.13
CA GLY A 65 -2.02 6.00 6.11
C GLY A 65 -1.55 7.23 5.35
N ASP A 66 -1.03 8.23 6.08
CA ASP A 66 -0.52 9.48 5.52
C ASP A 66 0.59 9.24 4.52
N GLN A 67 1.56 8.40 4.86
CA GLN A 67 2.68 8.08 3.98
C GLN A 67 2.17 7.50 2.66
N TRP A 68 1.25 6.54 2.75
CA TRP A 68 0.68 5.91 1.57
C TRP A 68 -0.05 6.92 0.68
N VAL A 69 -0.94 7.75 1.23
CA VAL A 69 -1.66 8.71 0.39
C VAL A 69 -0.70 9.76 -0.19
N GLN A 70 0.28 10.24 0.59
CA GLN A 70 1.25 11.22 0.15
C GLN A 70 2.08 10.68 -1.00
N LEU A 71 2.30 9.36 -1.05
CA LEU A 71 3.07 8.76 -2.12
C LEU A 71 2.31 8.95 -3.42
N LYS A 72 1.01 8.64 -3.46
CA LYS A 72 0.19 8.79 -4.68
C LYS A 72 0.28 10.21 -5.26
N GLN A 73 0.35 11.24 -4.40
CA GLN A 73 0.44 12.64 -4.84
C GLN A 73 1.65 12.84 -5.76
N ARG A 74 2.83 12.39 -5.32
CA ARG A 74 4.06 12.50 -6.09
C ARG A 74 4.09 11.48 -7.21
N PHE A 75 3.47 10.32 -7.01
CA PHE A 75 3.41 9.23 -7.96
C PHE A 75 2.80 9.69 -9.27
N ARG A 76 1.57 10.23 -9.22
CA ARG A 76 0.91 10.70 -10.44
C ARG A 76 1.61 11.93 -11.00
N GLU A 77 2.22 12.74 -10.14
CA GLU A 77 2.91 13.94 -10.58
C GLU A 77 4.13 13.55 -11.44
N ALA A 78 4.83 12.47 -11.10
CA ALA A 78 5.98 12.08 -11.90
C ALA A 78 5.52 11.61 -13.27
N ILE A 79 4.30 11.10 -13.40
CA ILE A 79 3.75 10.63 -14.66
C ILE A 79 3.37 11.87 -15.48
N ASP A 80 2.72 12.84 -14.82
CA ASP A 80 2.29 14.10 -15.38
C ASP A 80 3.47 14.88 -15.98
N LYS A 81 4.67 14.71 -15.41
CA LYS A 81 5.93 15.33 -15.80
C LYS A 81 6.82 14.40 -16.63
N GLY A 82 6.49 13.11 -16.67
CA GLY A 82 7.21 12.08 -17.38
C GLY A 82 8.61 11.96 -16.80
N ASP A 83 8.74 12.07 -15.48
CA ASP A 83 10.00 12.02 -14.76
C ASP A 83 10.40 10.56 -14.55
N LYS A 84 11.22 10.03 -15.45
CA LYS A 84 11.71 8.65 -15.42
C LYS A 84 12.42 8.28 -14.14
N ASP A 85 13.30 9.18 -13.76
CA ASP A 85 14.15 9.10 -12.57
C ASP A 85 13.30 9.03 -11.31
N SER A 86 12.23 9.83 -11.26
CA SER A 86 11.35 9.81 -10.11
C SER A 86 10.53 8.53 -10.13
N LEU A 87 10.18 8.02 -11.33
CA LEU A 87 9.40 6.81 -11.52
C LEU A 87 10.07 5.63 -10.84
N GLU A 88 11.39 5.49 -11.01
CA GLU A 88 12.17 4.41 -10.42
C GLU A 88 11.99 4.42 -8.90
N GLN A 89 12.20 5.59 -8.30
CA GLN A 89 12.11 5.85 -6.87
C GLN A 89 10.70 5.67 -6.32
N LEU A 90 9.69 5.94 -7.14
CA LEU A 90 8.27 5.83 -6.83
C LEU A 90 7.85 4.37 -6.84
N LEU A 91 8.23 3.63 -7.87
CA LEU A 91 7.91 2.22 -8.05
C LEU A 91 8.44 1.39 -6.90
N GLU A 92 9.71 1.58 -6.54
CA GLU A 92 10.32 0.86 -5.43
C GLU A 92 9.68 1.23 -4.09
N GLU A 93 9.22 2.46 -3.92
CA GLU A 93 8.57 2.90 -2.69
C GLU A 93 7.15 2.35 -2.62
N LEU A 94 6.43 2.22 -3.73
CA LEU A 94 5.06 1.72 -3.77
C LEU A 94 5.05 0.28 -3.29
N GLU A 95 5.89 -0.56 -3.89
CA GLU A 95 5.98 -1.95 -3.49
C GLU A 95 6.48 -2.06 -2.04
N GLN A 96 7.29 -1.12 -1.57
CA GLN A 96 7.76 -1.18 -0.20
C GLN A 96 6.67 -0.73 0.75
N ALA A 97 5.82 0.21 0.35
CA ALA A 97 4.73 0.72 1.17
C ALA A 97 3.75 -0.40 1.49
N LEU A 98 3.28 -1.12 0.47
CA LEU A 98 2.32 -2.21 0.65
C LEU A 98 2.92 -3.35 1.48
N GLN A 99 4.23 -3.55 1.43
CA GLN A 99 4.94 -4.58 2.19
C GLN A 99 5.15 -4.17 3.64
N LYS A 100 5.34 -2.88 3.87
CA LYS A 100 5.58 -2.33 5.20
C LYS A 100 4.42 -2.67 6.13
N ILE A 101 3.19 -2.65 5.62
CA ILE A 101 2.00 -2.97 6.39
C ILE A 101 2.08 -4.38 6.95
N ARG A 102 2.71 -5.32 6.23
CA ARG A 102 2.81 -6.71 6.68
C ARG A 102 3.57 -6.76 8.00
N GLU A 103 4.53 -5.87 8.24
CA GLU A 103 5.31 -5.86 9.48
C GLU A 103 4.39 -5.70 10.69
N LEU A 104 3.51 -4.72 10.58
CA LEU A 104 2.53 -4.35 11.59
C LEU A 104 1.40 -5.37 11.66
N ALA A 105 0.93 -5.91 10.53
CA ALA A 105 -0.16 -6.87 10.55
C ALA A 105 0.26 -8.24 11.09
N GLU A 106 1.48 -8.70 10.78
CA GLU A 106 2.00 -9.99 11.22
C GLU A 106 2.52 -9.86 12.66
N LYS A 107 3.10 -8.71 13.00
CA LYS A 107 3.69 -8.31 14.29
C LYS A 107 4.40 -9.44 15.02
N LYS A 108 5.11 -10.33 14.30
CA LYS A 108 5.83 -11.43 14.92
C LYS A 108 7.21 -10.99 15.41
N ASN A 109 7.64 -9.80 14.98
CA ASN A 109 8.91 -9.18 15.33
C ASN A 109 8.93 -8.84 16.81
N SER A 1 -7.50 -8.04 17.08
CA SER A 1 -7.15 -9.32 17.72
C SER A 1 -7.69 -10.51 16.93
N GLU A 2 -8.96 -10.50 16.50
CA GLU A 2 -9.59 -11.58 15.73
C GLU A 2 -8.78 -11.73 14.45
N PHE A 3 -8.02 -12.82 14.33
CA PHE A 3 -7.17 -13.10 13.18
C PHE A 3 -7.92 -13.04 11.85
N GLU A 4 -9.16 -13.48 11.85
CA GLU A 4 -10.02 -13.48 10.69
C GLU A 4 -10.34 -12.05 10.22
N LYS A 5 -10.42 -11.08 11.14
CA LYS A 5 -10.70 -9.69 10.78
C LYS A 5 -9.60 -9.15 9.88
N LEU A 6 -8.34 -9.45 10.20
CA LEU A 6 -7.22 -9.00 9.39
C LEU A 6 -7.12 -9.89 8.15
N ARG A 7 -7.50 -11.18 8.23
CA ARG A 7 -7.45 -12.11 7.09
C ARG A 7 -8.23 -11.57 5.91
N GLN A 8 -9.38 -10.94 6.14
CA GLN A 8 -10.20 -10.42 5.06
C GLN A 8 -9.40 -9.44 4.20
N THR A 9 -8.68 -8.50 4.81
CA THR A 9 -7.86 -7.53 4.10
C THR A 9 -6.56 -8.18 3.63
N GLY A 10 -5.95 -9.03 4.45
CA GLY A 10 -4.70 -9.71 4.15
C GLY A 10 -4.77 -10.57 2.89
N ASP A 11 -5.78 -11.45 2.80
CA ASP A 11 -6.01 -12.36 1.69
C ASP A 11 -6.22 -11.61 0.38
N GLU A 12 -7.04 -10.55 0.45
CA GLU A 12 -7.33 -9.70 -0.69
C GLU A 12 -6.05 -8.96 -1.13
N LEU A 13 -5.23 -8.52 -0.16
CA LEU A 13 -3.99 -7.82 -0.41
C LEU A 13 -2.99 -8.75 -1.10
N VAL A 14 -2.96 -10.03 -0.70
CA VAL A 14 -2.06 -11.03 -1.31
C VAL A 14 -2.39 -11.12 -2.79
N GLN A 15 -3.66 -11.38 -3.14
CA GLN A 15 -4.03 -11.49 -4.55
C GLN A 15 -3.94 -10.19 -5.32
N ALA A 16 -4.15 -9.04 -4.67
CA ALA A 16 -4.08 -7.70 -5.27
C ALA A 16 -2.70 -7.45 -5.88
N GLU A 17 -1.64 -7.69 -5.09
CA GLU A 17 -0.28 -7.47 -5.60
C GLU A 17 0.03 -8.43 -6.75
N GLN A 18 -0.49 -9.67 -6.72
CA GLN A 18 -0.25 -10.64 -7.77
C GLN A 18 -0.83 -10.14 -9.11
N ARG A 19 -2.08 -9.68 -9.12
CA ARG A 19 -2.74 -9.19 -10.33
C ARG A 19 -2.04 -7.97 -10.88
N LEU A 20 -1.71 -6.99 -10.04
CA LEU A 20 -1.03 -5.81 -10.56
C LEU A 20 0.40 -6.15 -11.02
N ARG A 21 1.10 -7.06 -10.34
CA ARG A 21 2.46 -7.43 -10.73
C ARG A 21 2.46 -8.05 -12.13
N GLU A 22 1.48 -8.91 -12.44
CA GLU A 22 1.41 -9.56 -13.76
C GLU A 22 1.42 -8.52 -14.89
N ILE A 23 0.65 -7.44 -14.78
CA ILE A 23 0.61 -6.39 -15.80
C ILE A 23 1.87 -5.52 -15.72
N PHE A 24 2.33 -5.18 -14.52
CA PHE A 24 3.52 -4.37 -14.29
C PHE A 24 4.76 -5.04 -14.92
N ASP A 25 4.79 -6.37 -14.97
CA ASP A 25 5.87 -7.16 -15.57
C ASP A 25 6.01 -6.87 -17.07
N LYS A 26 4.97 -6.30 -17.70
CA LYS A 26 4.90 -5.92 -19.11
C LYS A 26 5.18 -4.42 -19.27
N GLY A 27 5.38 -3.69 -18.17
CA GLY A 27 5.63 -2.25 -18.17
C GLY A 27 4.31 -1.48 -18.28
N ASP A 28 3.17 -2.07 -17.90
CA ASP A 28 1.86 -1.42 -17.97
C ASP A 28 1.67 -0.39 -16.86
N ASP A 29 2.41 0.71 -16.92
CA ASP A 29 2.32 1.81 -15.94
C ASP A 29 0.96 2.49 -16.01
N ASP A 30 0.36 2.61 -17.21
CA ASP A 30 -0.94 3.24 -17.43
C ASP A 30 -1.99 2.54 -16.56
N SER A 31 -1.94 1.20 -16.54
CA SER A 31 -2.85 0.38 -15.76
C SER A 31 -2.44 0.30 -14.29
N LEU A 32 -1.15 0.42 -13.96
CA LEU A 32 -0.68 0.36 -12.58
C LEU A 32 -1.22 1.52 -11.75
N GLU A 33 -1.18 2.74 -12.28
CA GLU A 33 -1.70 3.90 -11.55
C GLU A 33 -3.19 3.73 -11.24
N GLN A 34 -3.88 2.95 -12.09
CA GLN A 34 -5.30 2.69 -11.90
C GLN A 34 -5.48 1.76 -10.69
N VAL A 35 -4.73 0.65 -10.64
CA VAL A 35 -4.85 -0.30 -9.53
C VAL A 35 -4.42 0.36 -8.21
N LEU A 36 -3.47 1.29 -8.25
CA LEU A 36 -2.97 2.02 -7.08
C LEU A 36 -4.11 2.73 -6.34
N GLU A 37 -5.17 3.09 -7.07
CA GLU A 37 -6.38 3.75 -6.54
C GLU A 37 -7.27 2.73 -5.82
N GLU A 38 -7.44 1.56 -6.45
CA GLU A 38 -8.26 0.45 -5.96
C GLU A 38 -7.65 -0.17 -4.71
N ILE A 39 -6.35 -0.41 -4.75
CA ILE A 39 -5.57 -0.99 -3.68
C ILE A 39 -5.58 -0.09 -2.44
N GLU A 40 -5.69 1.24 -2.62
CA GLU A 40 -5.74 2.22 -1.54
C GLU A 40 -6.79 1.83 -0.48
N GLU A 41 -7.86 1.15 -0.90
CA GLU A 41 -8.95 0.71 -0.03
C GLU A 41 -8.43 -0.21 1.09
N LEU A 42 -7.55 -1.14 0.71
CA LEU A 42 -6.95 -2.13 1.60
C LEU A 42 -6.22 -1.44 2.74
N ILE A 43 -5.45 -0.40 2.43
CA ILE A 43 -4.69 0.34 3.43
C ILE A 43 -5.66 0.93 4.45
N GLN A 44 -6.73 1.59 3.98
CA GLN A 44 -7.71 2.20 4.88
C GLN A 44 -8.37 1.14 5.76
N LYS A 45 -8.76 -0.01 5.18
CA LYS A 45 -9.38 -1.08 5.95
C LYS A 45 -8.41 -1.58 7.00
N HIS A 46 -7.14 -1.83 6.64
CA HIS A 46 -6.14 -2.29 7.59
C HIS A 46 -5.90 -1.22 8.67
N ARG A 47 -6.02 0.08 8.36
CA ARG A 47 -5.79 1.19 9.30
C ARG A 47 -6.64 1.00 10.55
N GLN A 48 -7.91 0.66 10.41
CA GLN A 48 -8.84 0.46 11.53
C GLN A 48 -8.29 -0.60 12.50
N LEU A 49 -7.67 -1.65 11.96
CA LEU A 49 -7.10 -2.76 12.71
C LEU A 49 -5.73 -2.40 13.26
N PHE A 50 -4.95 -1.63 12.53
CA PHE A 50 -3.62 -1.18 12.92
C PHE A 50 -3.71 -0.22 14.10
N ASP A 51 -4.75 0.59 14.14
CA ASP A 51 -5.04 1.58 15.17
C ASP A 51 -5.75 0.97 16.38
N ASN A 52 -6.18 -0.28 16.25
CA ASN A 52 -6.93 -0.99 17.29
C ASN A 52 -6.31 -1.05 18.69
N ARG A 53 -5.08 -1.53 18.88
CA ARG A 53 -4.50 -1.63 20.22
C ARG A 53 -4.40 -0.26 20.89
N GLN A 54 -4.48 -0.23 22.23
CA GLN A 54 -4.43 0.99 23.01
C GLN A 54 -3.36 0.83 24.11
N GLU A 55 -2.12 0.58 23.70
CA GLU A 55 -0.96 0.38 24.58
C GLU A 55 0.26 1.22 24.21
N ALA A 56 0.27 1.79 23.02
CA ALA A 56 1.33 2.65 22.48
C ALA A 56 0.68 3.81 21.73
N ALA A 57 1.47 4.83 21.37
CA ALA A 57 0.96 6.00 20.67
C ALA A 57 0.33 5.60 19.33
N ASP A 58 -0.75 6.27 18.94
CA ASP A 58 -1.47 6.03 17.68
C ASP A 58 -0.68 6.46 16.45
N THR A 59 0.43 7.17 16.68
CA THR A 59 1.30 7.67 15.64
C THR A 59 1.71 6.61 14.65
N GLU A 60 2.03 5.39 15.05
CA GLU A 60 2.47 4.39 14.08
C GLU A 60 1.44 4.04 13.02
N ALA A 61 0.19 3.76 13.42
CA ALA A 61 -0.87 3.43 12.47
C ALA A 61 -1.17 4.63 11.58
N ALA A 62 -1.23 5.81 12.20
CA ALA A 62 -1.52 7.06 11.53
C ALA A 62 -0.42 7.37 10.51
N LYS A 63 0.84 7.26 10.90
CA LYS A 63 2.04 7.51 10.11
C LYS A 63 2.07 6.57 8.92
N GLN A 64 1.80 5.28 9.16
CA GLN A 64 1.80 4.28 8.10
C GLN A 64 0.78 4.71 7.03
N GLY A 65 -0.43 5.11 7.47
CA GLY A 65 -1.47 5.55 6.56
C GLY A 65 -1.10 6.85 5.85
N ASP A 66 -0.55 7.82 6.58
CA ASP A 66 -0.14 9.14 6.08
C ASP A 66 0.87 8.98 4.94
N GLN A 67 1.86 8.12 5.15
CA GLN A 67 2.89 7.85 4.16
C GLN A 67 2.26 7.28 2.88
N TRP A 68 1.21 6.46 2.99
CA TRP A 68 0.54 5.88 1.83
C TRP A 68 -0.25 6.96 1.08
N VAL A 69 -1.06 7.77 1.76
CA VAL A 69 -1.84 8.78 1.06
C VAL A 69 -0.92 9.81 0.40
N GLN A 70 0.17 10.24 1.06
CA GLN A 70 1.11 11.21 0.49
C GLN A 70 1.84 10.64 -0.72
N LEU A 71 2.07 9.32 -0.76
CA LEU A 71 2.75 8.69 -1.88
C LEU A 71 2.03 9.03 -3.18
N LYS A 72 0.69 8.93 -3.22
CA LYS A 72 -0.11 9.26 -4.41
C LYS A 72 0.18 10.67 -4.92
N GLN A 73 0.39 11.66 -4.04
CA GLN A 73 0.66 13.02 -4.48
C GLN A 73 1.90 13.06 -5.38
N ARG A 74 3.02 12.47 -4.95
CA ARG A 74 4.23 12.45 -5.76
C ARG A 74 4.09 11.44 -6.91
N PHE A 75 3.33 10.36 -6.71
CA PHE A 75 3.13 9.32 -7.71
C PHE A 75 2.50 9.90 -8.96
N ARG A 76 1.34 10.55 -8.84
CA ARG A 76 0.67 11.14 -10.00
C ARG A 76 1.47 12.29 -10.57
N GLU A 77 2.19 13.01 -9.71
CA GLU A 77 2.98 14.15 -10.14
C GLU A 77 4.08 13.71 -11.09
N ALA A 78 4.74 12.57 -10.82
CA ALA A 78 5.80 12.13 -11.70
C ALA A 78 5.22 11.74 -13.07
N ILE A 79 3.99 11.25 -13.11
CA ILE A 79 3.35 10.86 -14.36
C ILE A 79 3.05 12.15 -15.13
N ASP A 80 2.42 13.11 -14.45
CA ASP A 80 2.01 14.43 -14.96
C ASP A 80 3.21 15.19 -15.52
N LYS A 81 4.37 15.10 -14.87
CA LYS A 81 5.62 15.75 -15.26
C LYS A 81 6.41 14.94 -16.27
N GLY A 82 6.16 13.63 -16.36
CA GLY A 82 6.90 12.77 -17.27
C GLY A 82 8.29 12.58 -16.68
N ASP A 83 8.38 12.39 -15.36
CA ASP A 83 9.63 12.18 -14.64
C ASP A 83 9.82 10.66 -14.67
N LYS A 84 10.36 10.16 -15.78
CA LYS A 84 10.62 8.76 -16.05
C LYS A 84 11.44 8.11 -14.95
N ASP A 85 12.47 8.80 -14.49
CA ASP A 85 13.34 8.32 -13.43
C ASP A 85 12.55 8.12 -12.14
N SER A 86 11.74 9.12 -11.78
CA SER A 86 10.93 9.05 -10.58
C SER A 86 9.91 7.92 -10.67
N LEU A 87 9.46 7.54 -11.86
CA LEU A 87 8.49 6.46 -12.03
C LEU A 87 9.04 5.18 -11.45
N GLU A 88 10.34 4.92 -11.62
CA GLU A 88 11.06 3.76 -11.12
C GLU A 88 11.08 3.84 -9.59
N GLN A 89 11.50 4.99 -9.07
CA GLN A 89 11.58 5.25 -7.63
C GLN A 89 10.21 5.13 -6.94
N LEU A 90 9.14 5.50 -7.64
CA LEU A 90 7.75 5.44 -7.17
C LEU A 90 7.26 4.00 -7.16
N LEU A 91 7.56 3.25 -8.22
CA LEU A 91 7.16 1.85 -8.34
C LEU A 91 7.78 1.04 -7.20
N GLU A 92 9.08 1.20 -6.94
CA GLU A 92 9.74 0.47 -5.86
C GLU A 92 9.16 0.89 -4.49
N GLU A 93 8.74 2.15 -4.34
CA GLU A 93 8.17 2.63 -3.10
C GLU A 93 6.77 2.08 -2.89
N LEU A 94 5.99 1.88 -3.96
CA LEU A 94 4.64 1.35 -3.85
C LEU A 94 4.70 -0.06 -3.30
N GLU A 95 5.50 -0.93 -3.94
CA GLU A 95 5.63 -2.31 -3.51
C GLU A 95 6.25 -2.40 -2.11
N GLN A 96 7.09 -1.45 -1.69
CA GLN A 96 7.69 -1.46 -0.38
C GLN A 96 6.63 -1.01 0.64
N ALA A 97 5.79 -0.04 0.26
CA ALA A 97 4.77 0.50 1.12
C ALA A 97 3.67 -0.49 1.42
N LEU A 98 3.32 -1.36 0.47
CA LEU A 98 2.29 -2.36 0.71
C LEU A 98 2.85 -3.52 1.56
N GLN A 99 4.14 -3.83 1.42
CA GLN A 99 4.83 -4.90 2.16
C GLN A 99 5.23 -4.54 3.57
N LYS A 100 5.63 -3.29 3.77
CA LYS A 100 6.05 -2.84 5.11
C LYS A 100 4.96 -3.02 6.15
N ILE A 101 3.71 -2.90 5.71
CA ILE A 101 2.54 -3.05 6.56
C ILE A 101 2.48 -4.45 7.13
N ARG A 102 2.94 -5.46 6.39
CA ARG A 102 2.89 -6.84 6.86
C ARG A 102 3.66 -6.98 8.18
N GLU A 103 4.74 -6.21 8.32
CA GLU A 103 5.59 -6.22 9.50
C GLU A 103 4.81 -5.71 10.70
N LEU A 104 3.97 -4.70 10.49
CA LEU A 104 3.12 -4.11 11.52
C LEU A 104 1.90 -4.99 11.79
N ALA A 105 1.30 -5.57 10.74
CA ALA A 105 0.11 -6.41 10.83
C ALA A 105 0.35 -7.68 11.62
N GLU A 106 1.56 -8.25 11.51
CA GLU A 106 1.96 -9.49 12.17
C GLU A 106 2.73 -9.23 13.45
N LYS A 107 3.57 -8.20 13.40
CA LYS A 107 4.45 -7.74 14.46
C LYS A 107 5.22 -8.89 15.08
N LYS A 108 5.88 -9.64 14.22
CA LYS A 108 6.71 -10.78 14.56
C LYS A 108 8.17 -10.32 14.43
N ASN A 109 8.45 -9.10 14.88
CA ASN A 109 9.75 -8.43 14.86
C ASN A 109 9.92 -7.73 16.20
N SER A 1 -8.05 -11.17 19.92
CA SER A 1 -8.82 -11.98 18.97
C SER A 1 -9.28 -11.18 17.75
N GLU A 2 -8.37 -10.67 16.92
CA GLU A 2 -8.67 -9.88 15.71
C GLU A 2 -8.12 -10.60 14.47
N PHE A 3 -7.87 -11.90 14.59
CA PHE A 3 -7.31 -12.72 13.54
C PHE A 3 -8.09 -12.72 12.23
N GLU A 4 -9.37 -13.06 12.26
CA GLU A 4 -10.17 -13.09 11.04
C GLU A 4 -10.29 -11.69 10.41
N LYS A 5 -10.09 -10.62 11.20
CA LYS A 5 -10.14 -9.25 10.70
C LYS A 5 -8.96 -9.03 9.76
N LEU A 6 -7.76 -9.40 10.21
CA LEU A 6 -6.55 -9.25 9.42
C LEU A 6 -6.48 -10.30 8.33
N ARG A 7 -6.94 -11.54 8.57
CA ARG A 7 -6.91 -12.61 7.58
C ARG A 7 -7.66 -12.20 6.31
N GLN A 8 -8.87 -11.67 6.48
CA GLN A 8 -9.68 -11.24 5.34
C GLN A 8 -8.95 -10.17 4.54
N THR A 9 -8.44 -9.14 5.20
CA THR A 9 -7.74 -8.04 4.56
C THR A 9 -6.43 -8.52 3.90
N GLY A 10 -5.73 -9.46 4.53
CA GLY A 10 -4.48 -10.01 4.05
C GLY A 10 -4.70 -10.85 2.80
N ASP A 11 -5.65 -11.79 2.83
CA ASP A 11 -5.95 -12.67 1.71
C ASP A 11 -6.43 -11.86 0.52
N GLU A 12 -7.25 -10.84 0.78
CA GLU A 12 -7.80 -9.94 -0.22
C GLU A 12 -6.67 -9.13 -0.86
N LEU A 13 -5.73 -8.64 -0.05
CA LEU A 13 -4.60 -7.86 -0.52
C LEU A 13 -3.72 -8.74 -1.40
N VAL A 14 -3.45 -9.97 -0.96
CA VAL A 14 -2.63 -10.94 -1.68
C VAL A 14 -3.22 -11.20 -3.07
N GLN A 15 -4.52 -11.50 -3.19
CA GLN A 15 -5.08 -11.75 -4.53
C GLN A 15 -5.00 -10.48 -5.40
N ALA A 16 -5.28 -9.31 -4.82
CA ALA A 16 -5.24 -8.04 -5.54
C ALA A 16 -3.82 -7.80 -6.07
N GLU A 17 -2.81 -8.03 -5.23
CA GLU A 17 -1.40 -7.88 -5.58
C GLU A 17 -1.05 -8.78 -6.76
N GLN A 18 -1.67 -9.96 -6.89
CA GLN A 18 -1.41 -10.88 -7.98
C GLN A 18 -2.10 -10.42 -9.27
N ARG A 19 -3.38 -10.04 -9.24
CA ARG A 19 -4.07 -9.59 -10.46
C ARG A 19 -3.35 -8.39 -11.07
N LEU A 20 -2.92 -7.44 -10.23
CA LEU A 20 -2.20 -6.27 -10.69
C LEU A 20 -0.78 -6.66 -11.11
N ARG A 21 -0.15 -7.65 -10.45
CA ARG A 21 1.22 -8.07 -10.79
C ARG A 21 1.29 -8.50 -12.24
N GLU A 22 0.28 -9.20 -12.74
CA GLU A 22 0.29 -9.65 -14.12
C GLU A 22 0.48 -8.48 -15.08
N ILE A 23 -0.23 -7.36 -14.88
CA ILE A 23 -0.06 -6.21 -15.75
C ILE A 23 1.25 -5.49 -15.44
N PHE A 24 1.59 -5.32 -14.16
CA PHE A 24 2.81 -4.64 -13.72
C PHE A 24 4.07 -5.32 -14.27
N ASP A 25 4.04 -6.63 -14.48
CA ASP A 25 5.16 -7.41 -15.01
C ASP A 25 5.65 -6.89 -16.36
N LYS A 26 4.74 -6.36 -17.20
CA LYS A 26 5.11 -5.81 -18.52
C LYS A 26 5.70 -4.41 -18.42
N GLY A 27 5.61 -3.75 -17.26
CA GLY A 27 6.12 -2.39 -17.04
C GLY A 27 5.12 -1.35 -17.56
N ASP A 28 3.81 -1.58 -17.40
CA ASP A 28 2.75 -0.68 -17.84
C ASP A 28 2.53 0.46 -16.84
N ASP A 29 3.06 1.66 -17.13
CA ASP A 29 2.91 2.84 -16.27
C ASP A 29 1.54 3.52 -16.40
N ASP A 30 0.74 3.26 -17.45
CA ASP A 30 -0.59 3.86 -17.63
C ASP A 30 -1.57 3.23 -16.65
N SER A 31 -1.49 1.90 -16.57
CA SER A 31 -2.33 1.09 -15.71
C SER A 31 -1.86 1.10 -14.26
N LEU A 32 -0.57 1.33 -13.99
CA LEU A 32 0.00 1.34 -12.63
C LEU A 32 -0.77 2.32 -11.74
N GLU A 33 -1.06 3.52 -12.23
CA GLU A 33 -1.78 4.54 -11.47
C GLU A 33 -3.19 4.09 -11.09
N GLN A 34 -3.80 3.22 -11.90
CA GLN A 34 -5.14 2.73 -11.68
C GLN A 34 -5.17 1.73 -10.52
N VAL A 35 -4.32 0.69 -10.57
CA VAL A 35 -4.27 -0.31 -9.50
C VAL A 35 -3.80 0.31 -8.19
N LEU A 36 -2.94 1.34 -8.26
CA LEU A 36 -2.39 2.10 -7.13
C LEU A 36 -3.53 2.73 -6.32
N GLU A 37 -4.63 3.11 -6.97
CA GLU A 37 -5.77 3.68 -6.28
C GLU A 37 -6.53 2.54 -5.60
N GLU A 38 -6.84 1.46 -6.33
CA GLU A 38 -7.58 0.32 -5.79
C GLU A 38 -6.90 -0.31 -4.57
N ILE A 39 -5.57 -0.37 -4.57
CA ILE A 39 -4.79 -0.93 -3.47
C ILE A 39 -4.91 -0.07 -2.21
N GLU A 40 -5.09 1.26 -2.33
CA GLU A 40 -5.21 2.11 -1.15
C GLU A 40 -6.28 1.60 -0.18
N GLU A 41 -7.32 0.98 -0.72
CA GLU A 41 -8.45 0.46 0.04
C GLU A 41 -8.02 -0.62 1.03
N LEU A 42 -7.01 -1.40 0.68
CA LEU A 42 -6.49 -2.45 1.54
C LEU A 42 -5.79 -1.77 2.71
N ILE A 43 -5.09 -0.65 2.46
CA ILE A 43 -4.41 0.11 3.49
C ILE A 43 -5.49 0.76 4.37
N GLN A 44 -6.62 1.22 3.77
CA GLN A 44 -7.69 1.85 4.54
C GLN A 44 -8.19 0.86 5.60
N LYS A 45 -8.49 -0.36 5.16
CA LYS A 45 -8.99 -1.41 6.00
C LYS A 45 -7.93 -1.81 7.03
N HIS A 46 -6.70 -2.09 6.61
CA HIS A 46 -5.65 -2.51 7.53
C HIS A 46 -5.39 -1.46 8.61
N ARG A 47 -5.50 -0.15 8.32
CA ARG A 47 -5.26 0.88 9.33
C ARG A 47 -6.13 0.67 10.57
N GLN A 48 -7.41 0.40 10.39
CA GLN A 48 -8.37 0.18 11.48
C GLN A 48 -7.97 -1.00 12.35
N LEU A 49 -7.26 -1.97 11.77
CA LEU A 49 -6.76 -3.15 12.44
C LEU A 49 -5.43 -2.90 13.12
N PHE A 50 -4.58 -2.12 12.46
CA PHE A 50 -3.26 -1.78 12.95
C PHE A 50 -3.38 -0.90 14.19
N ASP A 51 -4.38 -0.02 14.21
CA ASP A 51 -4.63 0.93 15.29
C ASP A 51 -5.27 0.30 16.53
N ASN A 52 -5.59 -1.01 16.47
CA ASN A 52 -6.22 -1.80 17.52
C ASN A 52 -5.71 -1.46 18.92
N ARG A 53 -4.39 -1.51 19.15
CA ARG A 53 -3.83 -1.18 20.46
C ARG A 53 -3.93 0.33 20.63
N GLN A 54 -4.73 0.78 21.56
CA GLN A 54 -4.93 2.19 21.88
C GLN A 54 -4.08 2.55 23.12
N GLU A 55 -3.10 1.70 23.44
CA GLU A 55 -2.16 1.80 24.56
C GLU A 55 -1.29 3.06 24.49
N ALA A 56 -1.19 3.63 23.30
CA ALA A 56 -0.45 4.82 22.95
C ALA A 56 -1.13 5.40 21.71
N ALA A 57 -0.99 6.71 21.49
CA ALA A 57 -1.57 7.48 20.40
C ALA A 57 -1.50 6.79 19.04
N ASP A 58 -2.47 7.12 18.19
CA ASP A 58 -2.77 6.67 16.83
C ASP A 58 -1.65 6.85 15.84
N THR A 59 -0.58 7.53 16.23
CA THR A 59 0.56 7.82 15.40
C THR A 59 1.15 6.61 14.66
N GLU A 60 1.19 5.42 15.25
CA GLU A 60 1.79 4.28 14.56
C GLU A 60 1.04 3.95 13.27
N ALA A 61 -0.29 3.84 13.35
CA ALA A 61 -1.14 3.54 12.20
C ALA A 61 -1.34 4.77 11.32
N ALA A 62 -1.31 5.97 11.92
CA ALA A 62 -1.50 7.23 11.22
C ALA A 62 -0.33 7.51 10.31
N LYS A 63 0.92 7.45 10.82
CA LYS A 63 2.10 7.71 10.00
C LYS A 63 2.17 6.69 8.85
N GLN A 64 1.77 5.44 9.12
CA GLN A 64 1.79 4.38 8.13
C GLN A 64 0.81 4.73 7.00
N GLY A 65 -0.33 5.34 7.33
CA GLY A 65 -1.34 5.76 6.37
C GLY A 65 -0.87 6.99 5.60
N ASP A 66 -0.32 7.99 6.31
CA ASP A 66 0.20 9.23 5.75
C ASP A 66 1.27 8.92 4.71
N GLN A 67 2.22 8.04 5.06
CA GLN A 67 3.31 7.64 4.19
C GLN A 67 2.74 7.08 2.87
N TRP A 68 1.62 6.36 2.95
CA TRP A 68 0.98 5.78 1.80
C TRP A 68 0.31 6.84 0.91
N VAL A 69 -0.61 7.64 1.47
CA VAL A 69 -1.31 8.64 0.68
C VAL A 69 -0.37 9.70 0.08
N GLN A 70 0.63 10.15 0.85
CA GLN A 70 1.62 11.14 0.41
C GLN A 70 2.32 10.62 -0.84
N LEU A 71 2.68 9.34 -0.81
CA LEU A 71 3.37 8.72 -1.92
C LEU A 71 2.56 8.84 -3.20
N LYS A 72 1.26 8.53 -3.15
CA LYS A 72 0.40 8.62 -4.32
C LYS A 72 0.36 10.04 -4.91
N GLN A 73 0.47 11.09 -4.09
CA GLN A 73 0.43 12.46 -4.61
C GLN A 73 1.62 12.67 -5.56
N ARG A 74 2.84 12.35 -5.12
CA ARG A 74 4.02 12.50 -5.96
C ARG A 74 4.00 11.48 -7.09
N PHE A 75 3.47 10.29 -6.83
CA PHE A 75 3.38 9.21 -7.81
C PHE A 75 2.66 9.69 -9.06
N ARG A 76 1.44 10.19 -8.90
CA ARG A 76 0.64 10.66 -10.02
C ARG A 76 1.26 11.90 -10.65
N GLU A 77 1.81 12.81 -9.83
CA GLU A 77 2.41 14.03 -10.32
C GLU A 77 3.54 13.71 -11.31
N ALA A 78 4.40 12.74 -10.98
CA ALA A 78 5.51 12.37 -11.83
C ALA A 78 5.03 11.93 -13.22
N ILE A 79 3.81 11.41 -13.31
CA ILE A 79 3.24 10.95 -14.56
C ILE A 79 2.89 12.18 -15.41
N ASP A 80 2.25 13.19 -14.80
CA ASP A 80 1.85 14.43 -15.49
C ASP A 80 3.07 15.19 -16.01
N LYS A 81 4.22 15.03 -15.34
CA LYS A 81 5.48 15.66 -15.74
C LYS A 81 6.26 14.75 -16.67
N GLY A 82 6.03 13.43 -16.62
CA GLY A 82 6.71 12.44 -17.43
C GLY A 82 8.13 12.26 -16.88
N ASP A 83 8.28 12.32 -15.55
CA ASP A 83 9.56 12.21 -14.88
C ASP A 83 9.95 10.75 -14.73
N LYS A 84 10.71 10.22 -15.70
CA LYS A 84 11.22 8.87 -15.76
C LYS A 84 12.01 8.47 -14.53
N ASP A 85 12.96 9.32 -14.16
CA ASP A 85 13.84 9.12 -13.00
C ASP A 85 12.97 8.96 -11.77
N SER A 86 11.98 9.84 -11.63
CA SER A 86 11.09 9.76 -10.49
C SER A 86 10.20 8.53 -10.61
N LEU A 87 9.82 8.09 -11.82
CA LEU A 87 8.97 6.92 -12.02
C LEU A 87 9.69 5.68 -11.51
N GLU A 88 11.01 5.60 -11.74
CA GLU A 88 11.83 4.50 -11.30
C GLU A 88 11.80 4.45 -9.77
N GLN A 89 12.06 5.61 -9.16
CA GLN A 89 12.07 5.79 -7.71
C GLN A 89 10.68 5.52 -7.12
N LEU A 90 9.62 5.89 -7.83
CA LEU A 90 8.25 5.72 -7.41
C LEU A 90 7.87 4.25 -7.47
N LEU A 91 8.23 3.52 -8.53
CA LEU A 91 7.92 2.11 -8.67
C LEU A 91 8.52 1.33 -7.51
N GLU A 92 9.80 1.53 -7.21
CA GLU A 92 10.46 0.83 -6.12
C GLU A 92 9.87 1.24 -4.76
N GLU A 93 9.48 2.51 -4.61
CA GLU A 93 8.89 2.99 -3.37
C GLU A 93 7.51 2.36 -3.15
N LEU A 94 6.73 2.11 -4.21
CA LEU A 94 5.39 1.55 -4.08
C LEU A 94 5.43 0.13 -3.53
N GLU A 95 6.24 -0.75 -4.12
CA GLU A 95 6.36 -2.14 -3.66
C GLU A 95 6.86 -2.19 -2.21
N GLN A 96 7.71 -1.25 -1.84
CA GLN A 96 8.29 -1.15 -0.53
C GLN A 96 7.22 -0.65 0.44
N ALA A 97 6.33 0.23 -0.02
CA ALA A 97 5.25 0.82 0.74
C ALA A 97 4.15 -0.20 1.03
N LEU A 98 3.76 -1.00 0.04
CA LEU A 98 2.70 -1.99 0.22
C LEU A 98 3.20 -3.15 1.07
N GLN A 99 4.48 -3.51 0.98
CA GLN A 99 5.05 -4.62 1.75
C GLN A 99 5.34 -4.27 3.21
N LYS A 100 5.68 -3.01 3.51
CA LYS A 100 5.99 -2.62 4.89
C LYS A 100 4.82 -2.86 5.85
N ILE A 101 3.61 -2.79 5.32
CA ILE A 101 2.38 -2.99 6.07
C ILE A 101 2.31 -4.44 6.54
N ARG A 102 2.85 -5.37 5.73
CA ARG A 102 2.80 -6.80 6.04
C ARG A 102 3.49 -7.10 7.35
N GLU A 103 4.54 -6.33 7.65
CA GLU A 103 5.31 -6.47 8.88
C GLU A 103 4.37 -6.30 10.08
N LEU A 104 3.49 -5.31 10.03
CA LEU A 104 2.53 -4.98 11.07
C LEU A 104 1.34 -5.93 11.06
N ALA A 105 1.03 -6.55 9.91
CA ALA A 105 -0.09 -7.47 9.83
C ALA A 105 0.31 -8.84 10.42
N GLU A 106 1.56 -9.29 10.23
CA GLU A 106 2.05 -10.59 10.71
C GLU A 106 2.75 -10.52 12.06
N LYS A 107 3.30 -9.35 12.38
CA LYS A 107 4.01 -9.02 13.62
C LYS A 107 4.92 -10.12 14.18
N LYS A 108 5.64 -10.85 13.33
CA LYS A 108 6.54 -11.94 13.70
C LYS A 108 5.86 -12.97 14.62
N ASN A 109 4.54 -13.13 14.50
CA ASN A 109 3.77 -14.08 15.28
C ASN A 109 4.01 -15.40 14.60
N SER A 1 -8.43 -15.20 17.42
CA SER A 1 -8.54 -13.83 17.95
C SER A 1 -8.47 -12.84 16.77
N GLU A 2 -7.59 -11.83 16.80
CA GLU A 2 -7.44 -10.82 15.75
C GLU A 2 -6.94 -11.40 14.42
N PHE A 3 -6.49 -12.65 14.39
CA PHE A 3 -5.99 -13.30 13.19
C PHE A 3 -7.08 -13.34 12.12
N GLU A 4 -8.26 -13.85 12.46
CA GLU A 4 -9.41 -13.92 11.54
C GLU A 4 -9.81 -12.52 11.06
N LYS A 5 -9.56 -11.47 11.86
CA LYS A 5 -9.90 -10.12 11.46
C LYS A 5 -8.97 -9.65 10.34
N LEU A 6 -7.65 -9.82 10.48
CA LEU A 6 -6.71 -9.41 9.44
C LEU A 6 -6.89 -10.28 8.21
N ARG A 7 -7.25 -11.57 8.38
CA ARG A 7 -7.46 -12.51 7.29
C ARG A 7 -8.41 -11.97 6.24
N GLN A 8 -9.46 -11.23 6.64
CA GLN A 8 -10.41 -10.70 5.66
C GLN A 8 -9.69 -9.79 4.66
N THR A 9 -8.90 -8.82 5.14
CA THR A 9 -8.16 -7.92 4.28
C THR A 9 -6.92 -8.64 3.72
N GLY A 10 -6.37 -9.65 4.39
CA GLY A 10 -5.20 -10.40 3.95
C GLY A 10 -5.53 -11.15 2.68
N ASP A 11 -6.66 -11.83 2.66
CA ASP A 11 -7.11 -12.59 1.51
C ASP A 11 -7.40 -11.67 0.32
N GLU A 12 -7.90 -10.48 0.61
CA GLU A 12 -8.26 -9.42 -0.32
C GLU A 12 -6.98 -8.77 -0.89
N LEU A 13 -5.94 -8.58 -0.07
CA LEU A 13 -4.66 -7.97 -0.46
C LEU A 13 -3.83 -8.94 -1.30
N VAL A 14 -3.81 -10.22 -0.96
CA VAL A 14 -3.05 -11.21 -1.73
C VAL A 14 -3.56 -11.20 -3.18
N GLN A 15 -4.88 -11.34 -3.35
CA GLN A 15 -5.50 -11.34 -4.68
C GLN A 15 -5.32 -10.00 -5.40
N ALA A 16 -5.33 -8.86 -4.68
CA ALA A 16 -5.15 -7.55 -5.29
C ALA A 16 -3.79 -7.54 -6.01
N GLU A 17 -2.73 -7.97 -5.33
CA GLU A 17 -1.40 -8.02 -5.94
C GLU A 17 -1.39 -9.07 -7.07
N GLN A 18 -2.16 -10.17 -6.98
CA GLN A 18 -2.21 -11.20 -8.03
C GLN A 18 -2.73 -10.59 -9.33
N ARG A 19 -3.85 -9.86 -9.26
CA ARG A 19 -4.48 -9.25 -10.43
C ARG A 19 -3.60 -8.15 -11.03
N LEU A 20 -3.12 -7.22 -10.21
CA LEU A 20 -2.30 -6.13 -10.73
C LEU A 20 -0.95 -6.59 -11.23
N ARG A 21 -0.36 -7.63 -10.62
CA ARG A 21 0.95 -8.13 -11.05
C ARG A 21 0.92 -8.53 -12.51
N GLU A 22 -0.21 -9.03 -13.01
CA GLU A 22 -0.29 -9.43 -14.41
C GLU A 22 -0.03 -8.26 -15.34
N ILE A 23 -0.58 -7.07 -15.05
CA ILE A 23 -0.36 -5.90 -15.89
C ILE A 23 1.05 -5.34 -15.67
N PHE A 24 1.46 -5.22 -14.40
CA PHE A 24 2.76 -4.70 -13.98
C PHE A 24 3.90 -5.55 -14.58
N ASP A 25 3.68 -6.85 -14.77
CA ASP A 25 4.65 -7.78 -15.36
C ASP A 25 4.99 -7.32 -16.78
N LYS A 26 4.00 -6.78 -17.51
CA LYS A 26 4.18 -6.28 -18.88
C LYS A 26 4.87 -4.91 -18.86
N GLY A 27 5.07 -4.32 -17.69
CA GLY A 27 5.69 -3.02 -17.55
C GLY A 27 4.69 -1.90 -17.87
N ASP A 28 3.38 -2.15 -17.75
CA ASP A 28 2.33 -1.17 -18.03
C ASP A 28 2.31 -0.18 -16.87
N ASP A 29 3.25 0.76 -16.89
CA ASP A 29 3.42 1.79 -15.87
C ASP A 29 2.15 2.64 -15.78
N ASP A 30 1.55 2.97 -16.91
CA ASP A 30 0.33 3.78 -16.97
C ASP A 30 -0.79 3.14 -16.19
N SER A 31 -1.06 1.87 -16.47
CA SER A 31 -2.10 1.11 -15.80
C SER A 31 -1.78 0.96 -14.30
N LEU A 32 -0.49 1.01 -13.91
CA LEU A 32 -0.07 0.92 -12.52
C LEU A 32 -0.78 2.04 -11.74
N GLU A 33 -1.04 3.19 -12.36
CA GLU A 33 -1.72 4.33 -11.73
C GLU A 33 -3.17 3.98 -11.38
N GLN A 34 -3.82 3.15 -12.19
CA GLN A 34 -5.20 2.77 -11.99
C GLN A 34 -5.31 1.81 -10.80
N VAL A 35 -4.37 0.87 -10.67
CA VAL A 35 -4.39 -0.08 -9.55
C VAL A 35 -3.92 0.60 -8.27
N LEU A 36 -3.02 1.58 -8.35
CA LEU A 36 -2.50 2.33 -7.20
C LEU A 36 -3.64 3.05 -6.46
N GLU A 37 -4.63 3.54 -7.21
CA GLU A 37 -5.81 4.21 -6.67
C GLU A 37 -6.79 3.17 -6.06
N GLU A 38 -6.81 1.93 -6.58
CA GLU A 38 -7.67 0.85 -6.10
C GLU A 38 -7.16 0.24 -4.79
N ILE A 39 -5.87 -0.13 -4.78
CA ILE A 39 -5.13 -0.77 -3.69
C ILE A 39 -5.14 0.06 -2.40
N GLU A 40 -5.17 1.40 -2.46
CA GLU A 40 -5.17 2.24 -1.28
C GLU A 40 -6.24 1.86 -0.23
N GLU A 41 -7.36 1.32 -0.71
CA GLU A 41 -8.49 0.88 0.09
C GLU A 41 -8.05 -0.19 1.09
N LEU A 42 -7.13 -1.07 0.69
CA LEU A 42 -6.61 -2.14 1.54
C LEU A 42 -5.99 -1.53 2.78
N ILE A 43 -5.24 -0.44 2.64
CA ILE A 43 -4.60 0.25 3.76
C ILE A 43 -5.70 0.84 4.66
N GLN A 44 -6.72 1.46 4.07
CA GLN A 44 -7.80 2.07 4.84
C GLN A 44 -8.49 0.99 5.69
N LYS A 45 -8.67 -0.20 5.13
CA LYS A 45 -9.32 -1.31 5.81
C LYS A 45 -8.39 -1.81 6.92
N HIS A 46 -7.13 -2.10 6.59
CA HIS A 46 -6.13 -2.61 7.52
C HIS A 46 -5.94 -1.67 8.70
N ARG A 47 -6.07 -0.35 8.53
CA ARG A 47 -5.89 0.62 9.61
C ARG A 47 -6.79 0.29 10.80
N GLN A 48 -8.06 -0.03 10.55
CA GLN A 48 -9.01 -0.40 11.60
C GLN A 48 -8.60 -1.69 12.29
N LEU A 49 -7.88 -2.54 11.57
CA LEU A 49 -7.41 -3.83 12.05
C LEU A 49 -6.11 -3.71 12.81
N PHE A 50 -5.30 -2.72 12.47
CA PHE A 50 -4.03 -2.45 13.12
C PHE A 50 -4.33 -1.79 14.47
N ASP A 51 -5.36 -0.92 14.48
CA ASP A 51 -5.83 -0.18 15.65
C ASP A 51 -6.66 -1.07 16.58
N ASN A 52 -6.44 -2.39 16.54
CA ASN A 52 -7.14 -3.35 17.37
C ASN A 52 -6.48 -3.48 18.75
N ARG A 53 -5.16 -3.30 18.84
CA ARG A 53 -4.41 -3.44 20.07
C ARG A 53 -3.49 -2.26 20.30
N GLN A 54 -3.79 -1.45 21.31
CA GLN A 54 -3.01 -0.30 21.71
C GLN A 54 -3.44 0.12 23.12
N GLU A 55 -2.73 1.11 23.64
CA GLU A 55 -2.91 1.75 24.94
C GLU A 55 -2.79 3.27 24.79
N ALA A 56 -2.05 3.69 23.78
CA ALA A 56 -1.77 5.07 23.43
C ALA A 56 -2.55 5.43 22.15
N ALA A 57 -2.46 6.69 21.74
CA ALA A 57 -3.13 7.20 20.55
C ALA A 57 -2.75 6.39 19.31
N ASP A 58 -3.68 6.30 18.37
CA ASP A 58 -3.60 5.58 17.08
C ASP A 58 -2.80 6.32 16.01
N THR A 59 -1.91 7.22 16.46
CA THR A 59 -1.03 8.01 15.64
C THR A 59 -0.19 7.10 14.75
N GLU A 60 0.20 5.94 15.28
CA GLU A 60 1.00 4.93 14.59
C GLU A 60 0.31 4.48 13.30
N ALA A 61 -0.97 4.15 13.40
CA ALA A 61 -1.76 3.72 12.26
C ALA A 61 -2.02 4.89 11.31
N ALA A 62 -2.10 6.12 11.83
CA ALA A 62 -2.36 7.31 11.04
C ALA A 62 -1.15 7.71 10.18
N LYS A 63 0.04 7.81 10.77
CA LYS A 63 1.27 8.20 10.07
C LYS A 63 1.67 7.20 8.99
N GLN A 64 1.31 5.93 9.17
CA GLN A 64 1.61 4.88 8.22
C GLN A 64 0.89 5.19 6.90
N GLY A 65 -0.40 5.53 6.97
CA GLY A 65 -1.20 5.85 5.79
C GLY A 65 -0.80 7.21 5.22
N ASP A 66 -0.38 8.17 6.05
CA ASP A 66 0.05 9.48 5.55
C ASP A 66 1.17 9.27 4.55
N GLN A 67 2.14 8.42 4.93
CA GLN A 67 3.27 8.10 4.08
C GLN A 67 2.76 7.55 2.74
N TRP A 68 1.83 6.59 2.75
CA TRP A 68 1.28 6.03 1.52
C TRP A 68 0.62 7.10 0.64
N VAL A 69 -0.19 8.01 1.19
CA VAL A 69 -0.84 9.04 0.36
C VAL A 69 0.17 10.04 -0.20
N GLN A 70 1.23 10.37 0.56
CA GLN A 70 2.25 11.30 0.09
C GLN A 70 2.96 10.68 -1.11
N LEU A 71 3.09 9.34 -1.10
CA LEU A 71 3.73 8.63 -2.20
C LEU A 71 2.85 8.80 -3.41
N LYS A 72 1.53 8.57 -3.30
CA LYS A 72 0.61 8.72 -4.43
C LYS A 72 0.73 10.10 -5.07
N GLN A 73 0.80 11.17 -4.26
CA GLN A 73 0.92 12.54 -4.76
C GLN A 73 2.14 12.70 -5.66
N ARG A 74 3.33 12.27 -5.22
CA ARG A 74 4.52 12.38 -6.07
C ARG A 74 4.44 11.42 -7.24
N PHE A 75 3.80 10.26 -7.06
CA PHE A 75 3.64 9.25 -8.08
C PHE A 75 2.89 9.88 -9.26
N ARG A 76 1.70 10.43 -9.00
CA ARG A 76 0.85 11.09 -9.98
C ARG A 76 1.56 12.21 -10.72
N GLU A 77 2.42 12.92 -9.99
CA GLU A 77 3.19 14.05 -10.49
C GLU A 77 4.22 13.60 -11.53
N ALA A 78 4.95 12.51 -11.26
CA ALA A 78 5.96 12.06 -12.20
C ALA A 78 5.33 11.61 -13.50
N ILE A 79 4.09 11.10 -13.46
CA ILE A 79 3.41 10.63 -14.66
C ILE A 79 3.03 11.83 -15.52
N ASP A 80 2.49 12.87 -14.89
CA ASP A 80 2.06 14.11 -15.54
C ASP A 80 3.20 14.77 -16.32
N LYS A 81 4.40 14.76 -15.75
CA LYS A 81 5.59 15.32 -16.38
C LYS A 81 6.28 14.29 -17.28
N GLY A 82 6.05 13.00 -17.01
CA GLY A 82 6.67 11.89 -17.71
C GLY A 82 8.13 11.84 -17.25
N ASP A 83 8.35 12.02 -15.95
CA ASP A 83 9.64 12.04 -15.28
C ASP A 83 10.08 10.59 -15.14
N LYS A 84 10.65 10.00 -16.20
CA LYS A 84 11.11 8.61 -16.23
C LYS A 84 12.08 8.35 -15.07
N ASP A 85 12.97 9.31 -14.84
CA ASP A 85 13.99 9.30 -13.80
C ASP A 85 13.36 9.17 -12.43
N SER A 86 12.26 9.88 -12.18
CA SER A 86 11.54 9.82 -10.92
C SER A 86 10.68 8.55 -10.85
N LEU A 87 10.19 8.07 -12.00
CA LEU A 87 9.32 6.91 -12.15
C LEU A 87 9.95 5.68 -11.52
N GLU A 88 11.22 5.42 -11.84
CA GLU A 88 11.91 4.26 -11.30
C GLU A 88 11.93 4.32 -9.78
N GLN A 89 12.34 5.49 -9.28
CA GLN A 89 12.45 5.81 -7.87
C GLN A 89 11.09 5.67 -7.15
N LEU A 90 9.99 5.91 -7.86
CA LEU A 90 8.63 5.81 -7.36
C LEU A 90 8.23 4.34 -7.26
N LEU A 91 8.42 3.53 -8.32
CA LEU A 91 8.09 2.12 -8.33
C LEU A 91 8.81 1.35 -7.23
N GLU A 92 10.12 1.56 -7.06
CA GLU A 92 10.88 0.86 -6.01
C GLU A 92 10.31 1.18 -4.63
N GLU A 93 9.76 2.38 -4.45
CA GLU A 93 9.16 2.80 -3.19
C GLU A 93 7.78 2.16 -3.01
N LEU A 94 6.96 2.09 -4.07
CA LEU A 94 5.62 1.53 -4.01
C LEU A 94 5.65 0.08 -3.58
N GLU A 95 6.43 -0.76 -4.26
CA GLU A 95 6.47 -2.18 -3.90
C GLU A 95 6.96 -2.35 -2.45
N GLN A 96 7.81 -1.46 -1.94
CA GLN A 96 8.30 -1.51 -0.58
C GLN A 96 7.23 -1.01 0.39
N ALA A 97 6.49 0.04 0.01
CA ALA A 97 5.46 0.69 0.79
C ALA A 97 4.33 -0.27 1.12
N LEU A 98 3.86 -1.02 0.14
CA LEU A 98 2.78 -1.98 0.34
C LEU A 98 3.22 -3.13 1.26
N GLN A 99 4.51 -3.45 1.28
CA GLN A 99 5.12 -4.50 2.11
C GLN A 99 5.34 -4.07 3.54
N LYS A 100 5.63 -2.79 3.74
CA LYS A 100 5.90 -2.22 5.07
C LYS A 100 4.74 -2.47 6.04
N ILE A 101 3.51 -2.43 5.53
CA ILE A 101 2.32 -2.65 6.31
C ILE A 101 2.28 -4.08 6.83
N ARG A 102 2.80 -5.04 6.05
CA ARG A 102 2.80 -6.45 6.41
C ARG A 102 3.55 -6.66 7.71
N GLU A 103 4.55 -5.83 8.00
CA GLU A 103 5.33 -5.94 9.23
C GLU A 103 4.39 -5.80 10.43
N LEU A 104 3.56 -4.76 10.40
CA LEU A 104 2.58 -4.45 11.43
C LEU A 104 1.45 -5.48 11.44
N ALA A 105 1.18 -6.09 10.28
CA ALA A 105 0.14 -7.10 10.17
C ALA A 105 0.62 -8.46 10.70
N GLU A 106 1.94 -8.71 10.78
CA GLU A 106 2.52 -9.96 11.24
C GLU A 106 3.38 -9.87 12.50
N LYS A 107 3.53 -8.67 13.06
CA LYS A 107 4.30 -8.25 14.25
C LYS A 107 5.33 -9.29 14.64
N LYS A 108 6.49 -9.28 13.97
CA LYS A 108 7.56 -10.22 14.24
C LYS A 108 8.24 -9.96 15.58
N ASN A 109 8.24 -8.70 16.01
CA ASN A 109 8.81 -8.24 17.27
C ASN A 109 7.85 -8.63 18.39
N SER A 1 -6.91 -9.06 18.77
CA SER A 1 -6.79 -9.04 17.30
C SER A 1 -7.83 -9.97 16.72
N GLU A 2 -8.85 -9.46 16.02
CA GLU A 2 -9.87 -10.28 15.39
C GLU A 2 -9.11 -10.93 14.22
N PHE A 3 -8.74 -12.20 14.36
CA PHE A 3 -7.97 -12.91 13.36
C PHE A 3 -8.63 -12.95 11.99
N GLU A 4 -9.89 -13.35 11.97
CA GLU A 4 -10.69 -13.46 10.76
C GLU A 4 -10.76 -12.11 10.06
N LYS A 5 -10.95 -11.03 10.81
CA LYS A 5 -11.04 -9.69 10.27
C LYS A 5 -9.76 -9.29 9.53
N LEU A 6 -8.58 -9.55 10.09
CA LEU A 6 -7.34 -9.19 9.40
C LEU A 6 -7.12 -10.17 8.26
N ARG A 7 -7.58 -11.42 8.38
CA ARG A 7 -7.43 -12.41 7.33
C ARG A 7 -8.15 -11.94 6.07
N GLN A 8 -9.33 -11.32 6.20
CA GLN A 8 -10.08 -10.85 5.04
C GLN A 8 -9.20 -9.85 4.25
N THR A 9 -8.65 -8.83 4.92
CA THR A 9 -7.81 -7.83 4.25
C THR A 9 -6.49 -8.43 3.79
N GLY A 10 -5.92 -9.33 4.59
CA GLY A 10 -4.67 -9.98 4.29
C GLY A 10 -4.75 -10.76 2.99
N ASP A 11 -5.76 -11.61 2.85
CA ASP A 11 -5.97 -12.45 1.67
C ASP A 11 -6.34 -11.60 0.46
N GLU A 12 -7.14 -10.55 0.65
CA GLU A 12 -7.52 -9.68 -0.45
C GLU A 12 -6.27 -8.97 -0.97
N LEU A 13 -5.37 -8.56 -0.06
CA LEU A 13 -4.14 -7.87 -0.40
C LEU A 13 -3.24 -8.81 -1.19
N VAL A 14 -3.14 -10.08 -0.78
CA VAL A 14 -2.33 -11.08 -1.47
C VAL A 14 -2.77 -11.19 -2.92
N GLN A 15 -4.08 -11.38 -3.18
CA GLN A 15 -4.54 -11.49 -4.56
C GLN A 15 -4.41 -10.14 -5.28
N ALA A 16 -4.69 -9.01 -4.63
CA ALA A 16 -4.59 -7.67 -5.22
C ALA A 16 -3.17 -7.40 -5.72
N GLU A 17 -2.15 -7.76 -4.95
CA GLU A 17 -0.76 -7.59 -5.29
C GLU A 17 -0.39 -8.47 -6.48
N GLN A 18 -0.86 -9.72 -6.49
CA GLN A 18 -0.57 -10.65 -7.57
C GLN A 18 -1.25 -10.25 -8.87
N ARG A 19 -2.54 -9.90 -8.86
CA ARG A 19 -3.25 -9.49 -10.08
C ARG A 19 -2.57 -8.29 -10.71
N LEU A 20 -2.15 -7.30 -9.90
CA LEU A 20 -1.45 -6.15 -10.44
C LEU A 20 -0.02 -6.54 -10.87
N ARG A 21 0.64 -7.48 -10.17
CA ARG A 21 1.99 -7.92 -10.50
C ARG A 21 2.08 -8.44 -11.92
N GLU A 22 1.08 -9.19 -12.38
CA GLU A 22 1.04 -9.77 -13.73
C GLU A 22 1.26 -8.70 -14.79
N ILE A 23 0.50 -7.61 -14.70
CA ILE A 23 0.54 -6.48 -15.62
C ILE A 23 1.76 -5.57 -15.37
N PHE A 24 2.08 -5.31 -14.10
CA PHE A 24 3.19 -4.47 -13.66
C PHE A 24 4.50 -4.96 -14.27
N ASP A 25 4.66 -6.28 -14.35
CA ASP A 25 5.82 -6.98 -14.91
C ASP A 25 6.09 -6.57 -16.36
N LYS A 26 5.06 -6.11 -17.10
CA LYS A 26 5.16 -5.66 -18.49
C LYS A 26 5.44 -4.15 -18.55
N GLY A 27 5.49 -3.48 -17.40
CA GLY A 27 5.70 -2.06 -17.29
C GLY A 27 4.44 -1.35 -17.80
N ASP A 28 3.26 -1.84 -17.44
CA ASP A 28 1.96 -1.28 -17.81
C ASP A 28 1.72 -0.06 -16.92
N ASP A 29 2.34 1.07 -17.27
CA ASP A 29 2.23 2.33 -16.52
C ASP A 29 0.76 2.74 -16.39
N ASP A 30 0.00 2.61 -17.48
CA ASP A 30 -1.42 2.94 -17.58
C ASP A 30 -2.23 2.21 -16.51
N SER A 31 -1.94 0.93 -16.33
CA SER A 31 -2.62 0.10 -15.36
C SER A 31 -2.10 0.30 -13.95
N LEU A 32 -0.81 0.62 -13.77
CA LEU A 32 -0.20 0.82 -12.46
C LEU A 32 -0.92 1.93 -11.70
N GLU A 33 -1.12 3.09 -12.33
CA GLU A 33 -1.80 4.20 -11.69
C GLU A 33 -3.24 3.82 -11.34
N GLN A 34 -3.84 2.90 -12.09
CA GLN A 34 -5.19 2.47 -11.86
C GLN A 34 -5.30 1.54 -10.64
N VAL A 35 -4.49 0.48 -10.61
CA VAL A 35 -4.50 -0.48 -9.51
C VAL A 35 -4.13 0.20 -8.18
N LEU A 36 -3.25 1.21 -8.24
CA LEU A 36 -2.75 2.01 -7.14
C LEU A 36 -3.88 2.74 -6.40
N GLU A 37 -4.93 3.13 -7.11
CA GLU A 37 -6.09 3.79 -6.52
C GLU A 37 -6.95 2.74 -5.81
N GLU A 38 -7.22 1.60 -6.45
CA GLU A 38 -8.05 0.51 -5.91
C GLU A 38 -7.49 -0.11 -4.63
N ILE A 39 -6.18 -0.34 -4.61
CA ILE A 39 -5.41 -0.93 -3.53
C ILE A 39 -5.44 -0.03 -2.27
N GLU A 40 -5.57 1.29 -2.42
CA GLU A 40 -5.57 2.23 -1.30
C GLU A 40 -6.54 1.87 -0.18
N GLU A 41 -7.64 1.20 -0.55
CA GLU A 41 -8.70 0.78 0.36
C GLU A 41 -8.17 -0.22 1.40
N LEU A 42 -7.27 -1.13 0.98
CA LEU A 42 -6.70 -2.15 1.86
C LEU A 42 -6.00 -1.52 3.08
N ILE A 43 -5.29 -0.41 2.86
CA ILE A 43 -4.57 0.27 3.93
C ILE A 43 -5.58 0.83 4.92
N GLN A 44 -6.66 1.46 4.44
CA GLN A 44 -7.67 2.02 5.32
C GLN A 44 -8.24 0.92 6.22
N LYS A 45 -8.53 -0.25 5.62
CA LYS A 45 -9.07 -1.38 6.36
C LYS A 45 -8.07 -1.85 7.42
N HIS A 46 -6.81 -2.09 7.06
CA HIS A 46 -5.79 -2.53 8.00
C HIS A 46 -5.56 -1.47 9.09
N ARG A 47 -5.63 -0.17 8.77
CA ARG A 47 -5.42 0.94 9.70
C ARG A 47 -6.36 0.78 10.90
N GLN A 48 -7.64 0.42 10.67
CA GLN A 48 -8.59 0.25 11.78
C GLN A 48 -8.16 -0.86 12.74
N LEU A 49 -7.43 -1.85 12.22
CA LEU A 49 -6.96 -2.99 13.00
C LEU A 49 -5.66 -2.68 13.70
N PHE A 50 -4.82 -1.85 13.08
CA PHE A 50 -3.53 -1.45 13.63
C PHE A 50 -3.78 -0.46 14.78
N ASP A 51 -4.77 0.42 14.60
CA ASP A 51 -5.16 1.46 15.56
C ASP A 51 -5.94 0.86 16.73
N ASN A 52 -6.42 -0.37 16.58
CA ASN A 52 -7.21 -1.04 17.62
C ASN A 52 -6.52 -1.02 19.00
N ARG A 53 -5.20 -1.14 19.02
CA ARG A 53 -4.39 -1.17 20.23
C ARG A 53 -4.18 0.23 20.81
N GLN A 54 -5.15 0.73 21.57
CA GLN A 54 -5.11 2.06 22.20
C GLN A 54 -4.30 2.13 23.50
N GLU A 55 -3.48 1.12 23.80
CA GLU A 55 -2.66 1.11 25.02
C GLU A 55 -1.60 2.21 24.95
N ALA A 56 -1.27 2.63 23.75
CA ALA A 56 -0.31 3.66 23.41
C ALA A 56 -0.84 4.34 22.14
N ALA A 57 -0.20 5.45 21.76
CA ALA A 57 -0.59 6.19 20.59
C ALA A 57 -0.56 5.28 19.36
N ASP A 58 -1.45 5.54 18.40
CA ASP A 58 -1.60 4.79 17.15
C ASP A 58 -0.80 5.44 16.03
N THR A 59 0.12 6.33 16.37
CA THR A 59 0.95 7.04 15.43
C THR A 59 1.64 6.10 14.43
N GLU A 60 2.03 4.89 14.87
CA GLU A 60 2.66 3.93 14.00
C GLU A 60 1.72 3.45 12.89
N ALA A 61 0.42 3.36 13.16
CA ALA A 61 -0.61 2.96 12.21
C ALA A 61 -0.92 4.12 11.27
N ALA A 62 -1.00 5.32 11.86
CA ALA A 62 -1.31 6.57 11.19
C ALA A 62 -0.23 6.98 10.19
N LYS A 63 1.05 7.00 10.61
CA LYS A 63 2.17 7.39 9.75
C LYS A 63 2.25 6.47 8.55
N GLN A 64 2.01 5.18 8.75
CA GLN A 64 2.05 4.19 7.70
C GLN A 64 1.02 4.56 6.62
N GLY A 65 -0.21 4.89 7.05
CA GLY A 65 -1.28 5.26 6.16
C GLY A 65 -1.01 6.59 5.45
N ASP A 66 -0.46 7.56 6.18
CA ASP A 66 -0.14 8.87 5.62
C ASP A 66 0.93 8.73 4.55
N GLN A 67 2.03 8.03 4.82
CA GLN A 67 3.11 7.86 3.85
C GLN A 67 2.57 7.20 2.58
N TRP A 68 1.58 6.31 2.69
CA TRP A 68 1.00 5.66 1.53
C TRP A 68 0.28 6.71 0.65
N VAL A 69 -0.49 7.63 1.25
CA VAL A 69 -1.18 8.65 0.47
C VAL A 69 -0.21 9.74 0.00
N GLN A 70 0.81 10.11 0.79
CA GLN A 70 1.81 11.12 0.40
C GLN A 70 2.54 10.60 -0.84
N LEU A 71 2.71 9.27 -0.92
CA LEU A 71 3.37 8.65 -2.07
C LEU A 71 2.55 8.95 -3.30
N LYS A 72 1.22 8.79 -3.23
CA LYS A 72 0.27 9.06 -4.32
C LYS A 72 0.44 10.47 -4.87
N GLN A 73 0.63 11.48 -4.02
CA GLN A 73 0.80 12.85 -4.49
C GLN A 73 2.00 12.92 -5.45
N ARG A 74 3.16 12.37 -5.07
CA ARG A 74 4.31 12.40 -5.97
C ARG A 74 4.13 11.42 -7.14
N PHE A 75 3.42 10.30 -6.93
CA PHE A 75 3.19 9.29 -7.95
C PHE A 75 2.40 9.87 -9.13
N ARG A 76 1.22 10.44 -8.89
CA ARG A 76 0.41 11.01 -9.98
C ARG A 76 1.16 12.15 -10.65
N GLU A 77 1.91 12.92 -9.87
CA GLU A 77 2.65 14.05 -10.36
C GLU A 77 3.75 13.63 -11.32
N ALA A 78 4.48 12.55 -11.02
CA ALA A 78 5.54 12.11 -11.89
C ALA A 78 4.97 11.67 -13.23
N ILE A 79 3.75 11.15 -13.25
CA ILE A 79 3.12 10.72 -14.49
C ILE A 79 2.68 11.96 -15.25
N ASP A 80 2.10 12.92 -14.53
CA ASP A 80 1.60 14.18 -15.08
C ASP A 80 2.71 14.92 -15.80
N LYS A 81 3.92 14.92 -15.23
CA LYS A 81 5.10 15.57 -15.81
C LYS A 81 5.81 14.65 -16.79
N GLY A 82 5.73 13.34 -16.58
CA GLY A 82 6.41 12.35 -17.40
C GLY A 82 7.85 12.25 -16.89
N ASP A 83 8.06 12.24 -15.57
CA ASP A 83 9.35 12.18 -14.92
C ASP A 83 9.79 10.72 -14.79
N LYS A 84 10.42 10.20 -15.83
CA LYS A 84 10.93 8.84 -15.95
C LYS A 84 11.81 8.47 -14.77
N ASP A 85 12.69 9.39 -14.41
CA ASP A 85 13.64 9.27 -13.31
C ASP A 85 12.92 9.07 -11.98
N SER A 86 11.79 9.77 -11.78
CA SER A 86 10.99 9.65 -10.57
C SER A 86 10.16 8.36 -10.60
N LEU A 87 9.67 7.94 -11.77
CA LEU A 87 8.83 6.74 -11.92
C LEU A 87 9.53 5.51 -11.36
N GLU A 88 10.85 5.41 -11.54
CA GLU A 88 11.67 4.30 -11.09
C GLU A 88 11.53 4.12 -9.58
N GLN A 89 11.73 5.22 -8.86
CA GLN A 89 11.67 5.23 -7.40
C GLN A 89 10.23 5.09 -6.91
N LEU A 90 9.27 5.69 -7.63
CA LEU A 90 7.87 5.65 -7.26
C LEU A 90 7.33 4.22 -7.36
N LEU A 91 7.67 3.50 -8.43
CA LEU A 91 7.22 2.12 -8.61
C LEU A 91 7.73 1.27 -7.46
N GLU A 92 9.03 1.32 -7.16
CA GLU A 92 9.59 0.52 -6.09
C GLU A 92 9.06 0.94 -4.72
N GLU A 93 8.74 2.23 -4.55
CA GLU A 93 8.19 2.72 -3.29
C GLU A 93 6.77 2.21 -3.09
N LEU A 94 5.98 2.03 -4.15
CA LEU A 94 4.62 1.56 -4.06
C LEU A 94 4.60 0.11 -3.62
N GLU A 95 5.33 -0.75 -4.33
CA GLU A 95 5.42 -2.16 -3.98
C GLU A 95 6.02 -2.32 -2.58
N GLN A 96 6.90 -1.42 -2.16
CA GLN A 96 7.50 -1.48 -0.84
C GLN A 96 6.49 -1.02 0.21
N ALA A 97 5.66 -0.04 -0.12
CA ALA A 97 4.68 0.49 0.81
C ALA A 97 3.63 -0.56 1.16
N LEU A 98 3.24 -1.40 0.22
CA LEU A 98 2.26 -2.46 0.46
C LEU A 98 2.89 -3.61 1.25
N GLN A 99 4.21 -3.79 1.14
CA GLN A 99 5.04 -4.79 1.82
C GLN A 99 5.33 -4.43 3.28
N LYS A 100 5.70 -3.18 3.52
CA LYS A 100 6.08 -2.71 4.87
C LYS A 100 4.97 -2.89 5.90
N ILE A 101 3.72 -2.71 5.51
CA ILE A 101 2.58 -2.85 6.40
C ILE A 101 2.49 -4.30 6.89
N ARG A 102 2.89 -5.26 6.05
CA ARG A 102 2.80 -6.67 6.40
C ARG A 102 3.56 -6.99 7.68
N GLU A 103 4.64 -6.28 7.98
CA GLU A 103 5.46 -6.50 9.16
C GLU A 103 4.63 -6.26 10.43
N LEU A 104 3.83 -5.21 10.38
CA LEU A 104 2.92 -4.78 11.44
C LEU A 104 1.66 -5.65 11.43
N ALA A 105 1.28 -6.24 10.29
CA ALA A 105 0.10 -7.10 10.19
C ALA A 105 0.41 -8.50 10.73
N GLU A 106 1.64 -9.02 10.54
CA GLU A 106 2.08 -10.33 10.99
C GLU A 106 2.69 -10.28 12.39
N LYS A 107 3.12 -9.10 12.85
CA LYS A 107 3.72 -8.84 14.16
C LYS A 107 4.81 -9.85 14.57
N LYS A 108 5.89 -9.90 13.78
CA LYS A 108 7.04 -10.78 14.02
C LYS A 108 8.27 -9.92 14.33
N ASN A 109 8.07 -8.64 14.67
CA ASN A 109 9.08 -7.64 14.98
C ASN A 109 9.65 -7.89 16.36
N SER A 1 -11.50 -10.32 18.63
CA SER A 1 -11.67 -10.75 17.24
C SER A 1 -11.05 -9.69 16.33
N GLU A 2 -9.73 -9.75 16.17
CA GLU A 2 -8.90 -8.82 15.41
C GLU A 2 -8.03 -9.54 14.36
N PHE A 3 -7.49 -10.73 14.66
CA PHE A 3 -6.67 -11.45 13.69
C PHE A 3 -7.54 -11.80 12.49
N GLU A 4 -8.77 -12.26 12.71
CA GLU A 4 -9.71 -12.59 11.63
C GLU A 4 -9.96 -11.37 10.74
N LYS A 5 -9.96 -10.18 11.34
CA LYS A 5 -10.18 -8.90 10.69
C LYS A 5 -9.04 -8.63 9.71
N LEU A 6 -7.78 -8.91 10.10
CA LEU A 6 -6.65 -8.69 9.22
C LEU A 6 -6.55 -9.83 8.21
N ARG A 7 -6.90 -11.06 8.61
CA ARG A 7 -6.83 -12.24 7.75
C ARG A 7 -7.64 -12.09 6.48
N GLN A 8 -8.76 -11.35 6.48
CA GLN A 8 -9.56 -11.18 5.25
C GLN A 8 -8.84 -10.28 4.25
N THR A 9 -8.36 -9.11 4.68
CA THR A 9 -7.66 -8.16 3.83
C THR A 9 -6.27 -8.69 3.45
N GLY A 10 -5.53 -9.25 4.40
CA GLY A 10 -4.21 -9.80 4.20
C GLY A 10 -4.22 -10.92 3.17
N ASP A 11 -5.32 -11.67 3.08
CA ASP A 11 -5.48 -12.76 2.12
C ASP A 11 -5.69 -12.19 0.72
N GLU A 12 -6.55 -11.18 0.62
CA GLU A 12 -6.88 -10.50 -0.62
C GLU A 12 -5.69 -9.73 -1.18
N LEU A 13 -4.91 -9.11 -0.30
CA LEU A 13 -3.72 -8.32 -0.63
C LEU A 13 -2.70 -9.15 -1.43
N VAL A 14 -2.62 -10.45 -1.17
CA VAL A 14 -1.73 -11.34 -1.90
C VAL A 14 -2.17 -11.38 -3.36
N GLN A 15 -3.46 -11.68 -3.63
CA GLN A 15 -3.93 -11.74 -5.02
C GLN A 15 -3.95 -10.37 -5.68
N ALA A 16 -4.15 -9.29 -4.92
CA ALA A 16 -4.18 -7.91 -5.42
C ALA A 16 -2.88 -7.64 -6.17
N GLU A 17 -1.75 -8.00 -5.57
CA GLU A 17 -0.45 -7.81 -6.18
C GLU A 17 -0.32 -8.67 -7.44
N GLN A 18 -0.81 -9.90 -7.44
CA GLN A 18 -0.69 -10.80 -8.58
C GLN A 18 -1.46 -10.29 -9.80
N ARG A 19 -2.70 -9.83 -9.62
CA ARG A 19 -3.51 -9.32 -10.72
C ARG A 19 -2.83 -8.12 -11.36
N LEU A 20 -2.35 -7.16 -10.55
CA LEU A 20 -1.68 -5.98 -11.10
C LEU A 20 -0.30 -6.34 -11.63
N ARG A 21 0.41 -7.29 -11.02
CA ARG A 21 1.76 -7.68 -11.45
C ARG A 21 1.74 -8.16 -12.90
N GLU A 22 0.70 -8.88 -13.31
CA GLU A 22 0.62 -9.37 -14.69
C GLU A 22 0.73 -8.23 -15.68
N ILE A 23 -0.03 -7.14 -15.44
CA ILE A 23 -0.03 -5.95 -16.30
C ILE A 23 1.24 -5.11 -16.11
N PHE A 24 1.67 -4.93 -14.86
CA PHE A 24 2.86 -4.16 -14.50
C PHE A 24 4.07 -4.67 -15.26
N ASP A 25 4.20 -5.99 -15.39
CA ASP A 25 5.30 -6.64 -16.09
C ASP A 25 5.46 -6.18 -17.55
N LYS A 26 4.39 -5.70 -18.20
CA LYS A 26 4.42 -5.19 -19.56
C LYS A 26 4.80 -3.71 -19.61
N GLY A 27 4.71 -3.00 -18.48
CA GLY A 27 4.97 -1.59 -18.40
C GLY A 27 3.68 -0.87 -18.77
N ASP A 28 2.52 -1.35 -18.28
CA ASP A 28 1.20 -0.75 -18.55
C ASP A 28 1.09 0.47 -17.64
N ASP A 29 1.77 1.54 -18.02
CA ASP A 29 1.85 2.81 -17.31
C ASP A 29 0.50 3.43 -16.93
N ASP A 30 -0.52 3.32 -17.78
CA ASP A 30 -1.85 3.87 -17.48
C ASP A 30 -2.51 3.07 -16.36
N SER A 31 -2.54 1.76 -16.54
CA SER A 31 -3.14 0.81 -15.61
C SER A 31 -2.41 0.74 -14.27
N LEU A 32 -1.10 1.02 -14.27
CA LEU A 32 -0.25 0.99 -13.08
C LEU A 32 -0.87 1.90 -12.02
N GLU A 33 -1.11 3.15 -12.39
CA GLU A 33 -1.71 4.15 -11.51
C GLU A 33 -3.19 3.89 -11.25
N GLN A 34 -3.89 3.24 -12.17
CA GLN A 34 -5.31 2.92 -12.07
C GLN A 34 -5.58 1.97 -10.90
N VAL A 35 -4.87 0.84 -10.82
CA VAL A 35 -5.06 -0.14 -9.75
C VAL A 35 -4.55 0.37 -8.39
N LEU A 36 -3.54 1.23 -8.38
CA LEU A 36 -2.97 1.81 -7.15
C LEU A 36 -4.04 2.51 -6.30
N GLU A 37 -5.07 3.02 -6.96
CA GLU A 37 -6.21 3.68 -6.32
C GLU A 37 -7.16 2.63 -5.70
N GLU A 38 -7.25 1.44 -6.29
CA GLU A 38 -8.11 0.34 -5.82
C GLU A 38 -7.49 -0.36 -4.61
N ILE A 39 -6.21 -0.71 -4.71
CA ILE A 39 -5.47 -1.40 -3.64
C ILE A 39 -5.53 -0.58 -2.34
N GLU A 40 -5.60 0.75 -2.41
CA GLU A 40 -5.68 1.62 -1.25
C GLU A 40 -6.79 1.21 -0.28
N GLU A 41 -7.88 0.62 -0.78
CA GLU A 41 -8.97 0.22 0.10
C GLU A 41 -8.49 -0.79 1.14
N LEU A 42 -7.60 -1.69 0.71
CA LEU A 42 -7.02 -2.71 1.57
C LEU A 42 -6.20 -2.02 2.66
N ILE A 43 -5.39 -1.03 2.29
CA ILE A 43 -4.58 -0.31 3.25
C ILE A 43 -5.51 0.34 4.28
N GLN A 44 -6.55 1.03 3.81
CA GLN A 44 -7.51 1.69 4.69
C GLN A 44 -8.20 0.68 5.61
N LYS A 45 -8.42 -0.56 5.16
CA LYS A 45 -9.05 -1.59 5.96
C LYS A 45 -8.07 -1.97 7.08
N HIS A 46 -6.82 -2.28 6.73
CA HIS A 46 -5.81 -2.67 7.69
C HIS A 46 -5.52 -1.54 8.69
N ARG A 47 -5.62 -0.26 8.30
CA ARG A 47 -5.35 0.89 9.17
C ARG A 47 -6.19 0.84 10.45
N GLN A 48 -7.48 0.50 10.32
CA GLN A 48 -8.41 0.39 11.44
C GLN A 48 -7.93 -0.64 12.46
N LEU A 49 -7.25 -1.68 11.97
CA LEU A 49 -6.75 -2.77 12.78
C LEU A 49 -5.40 -2.44 13.39
N PHE A 50 -4.61 -1.65 12.68
CA PHE A 50 -3.31 -1.25 13.22
C PHE A 50 -3.61 -0.35 14.41
N ASP A 51 -4.64 0.50 14.26
CA ASP A 51 -5.12 1.44 15.25
C ASP A 51 -5.95 0.74 16.34
N ASN A 52 -5.98 -0.59 16.37
CA ASN A 52 -6.77 -1.31 17.37
C ASN A 52 -6.16 -1.28 18.78
N ARG A 53 -4.97 -0.68 18.97
CA ARG A 53 -4.28 -0.59 20.26
C ARG A 53 -4.03 0.87 20.64
N GLN A 54 -4.87 1.44 21.51
CA GLN A 54 -4.69 2.81 21.98
C GLN A 54 -3.84 2.77 23.27
N GLU A 55 -3.09 1.68 23.47
CA GLU A 55 -2.23 1.42 24.63
C GLU A 55 -0.95 2.27 24.59
N ALA A 56 -0.79 3.13 23.58
CA ALA A 56 0.39 3.98 23.44
C ALA A 56 0.02 5.31 22.83
N ALA A 57 -0.28 5.21 21.55
CA ALA A 57 -0.69 6.25 20.64
C ALA A 57 -1.13 5.60 19.34
N ASP A 58 -1.86 6.35 18.52
CA ASP A 58 -2.37 5.93 17.21
C ASP A 58 -1.46 6.35 16.07
N THR A 59 -0.37 7.03 16.39
CA THR A 59 0.62 7.55 15.45
C THR A 59 1.22 6.47 14.53
N GLU A 60 1.50 5.25 15.00
CA GLU A 60 2.08 4.20 14.17
C GLU A 60 1.11 3.84 13.03
N ALA A 61 -0.16 3.60 13.37
CA ALA A 61 -1.17 3.26 12.38
C ALA A 61 -1.45 4.45 11.46
N ALA A 62 -1.41 5.66 12.04
CA ALA A 62 -1.68 6.91 11.35
C ALA A 62 -0.60 7.23 10.32
N LYS A 63 0.67 7.18 10.72
CA LYS A 63 1.79 7.47 9.82
C LYS A 63 1.84 6.43 8.72
N GLN A 64 1.61 5.15 9.04
CA GLN A 64 1.63 4.09 8.05
C GLN A 64 0.53 4.33 6.99
N GLY A 65 -0.60 4.95 7.38
CA GLY A 65 -1.68 5.27 6.46
C GLY A 65 -1.29 6.51 5.64
N ASP A 66 -0.80 7.56 6.31
CA ASP A 66 -0.38 8.82 5.71
C ASP A 66 0.70 8.60 4.66
N GLN A 67 1.68 7.76 4.97
CA GLN A 67 2.80 7.44 4.10
C GLN A 67 2.29 6.90 2.76
N TRP A 68 1.24 6.06 2.81
CA TRP A 68 0.63 5.47 1.63
C TRP A 68 -0.13 6.52 0.80
N VAL A 69 -0.93 7.38 1.42
CA VAL A 69 -1.69 8.39 0.68
C VAL A 69 -0.79 9.50 0.15
N GLN A 70 0.18 10.00 0.92
CA GLN A 70 1.09 11.05 0.45
C GLN A 70 1.95 10.50 -0.68
N LEU A 71 2.26 9.20 -0.64
CA LEU A 71 3.06 8.62 -1.71
C LEU A 71 2.27 8.79 -3.00
N LYS A 72 0.96 8.55 -3.00
CA LYS A 72 0.08 8.71 -4.15
C LYS A 72 0.22 10.11 -4.75
N GLN A 73 0.31 11.16 -3.92
CA GLN A 73 0.48 12.53 -4.41
C GLN A 73 1.75 12.60 -5.25
N ARG A 74 2.91 12.12 -4.74
CA ARG A 74 4.13 12.18 -5.54
C ARG A 74 4.05 11.20 -6.71
N PHE A 75 3.34 10.08 -6.56
CA PHE A 75 3.18 9.06 -7.58
C PHE A 75 2.52 9.65 -8.82
N ARG A 76 1.35 10.27 -8.67
CA ARG A 76 0.62 10.88 -9.78
C ARG A 76 1.37 12.08 -10.32
N GLU A 77 2.07 12.81 -9.44
CA GLU A 77 2.83 13.97 -9.81
C GLU A 77 3.96 13.59 -10.76
N ALA A 78 4.65 12.47 -10.52
CA ALA A 78 5.72 12.05 -11.38
C ALA A 78 5.19 11.71 -12.77
N ILE A 79 3.94 11.30 -12.87
CA ILE A 79 3.33 10.97 -14.15
C ILE A 79 3.01 12.28 -14.87
N ASP A 80 2.36 13.22 -14.17
CA ASP A 80 1.97 14.54 -14.68
C ASP A 80 3.17 15.34 -15.18
N LYS A 81 4.27 15.27 -14.44
CA LYS A 81 5.51 15.96 -14.80
C LYS A 81 6.29 15.15 -15.82
N GLY A 82 6.11 13.83 -15.80
CA GLY A 82 6.81 12.94 -16.69
C GLY A 82 8.22 12.71 -16.14
N ASP A 83 8.33 12.54 -14.83
CA ASP A 83 9.56 12.29 -14.10
C ASP A 83 9.83 10.78 -14.26
N LYS A 84 10.39 10.35 -15.40
CA LYS A 84 10.70 8.95 -15.69
C LYS A 84 11.55 8.33 -14.58
N ASP A 85 12.51 9.09 -14.15
CA ASP A 85 13.48 8.78 -13.11
C ASP A 85 12.73 8.47 -11.82
N SER A 86 11.81 9.33 -11.43
CA SER A 86 11.02 9.16 -10.22
C SER A 86 10.09 7.96 -10.34
N LEU A 87 9.66 7.57 -11.55
CA LEU A 87 8.77 6.41 -11.73
C LEU A 87 9.37 5.16 -11.11
N GLU A 88 10.69 4.95 -11.26
CA GLU A 88 11.41 3.80 -10.72
C GLU A 88 11.32 3.83 -9.20
N GLN A 89 11.67 4.99 -8.65
CA GLN A 89 11.70 5.29 -7.22
C GLN A 89 10.32 5.14 -6.58
N LEU A 90 9.27 5.50 -7.32
CA LEU A 90 7.88 5.41 -6.90
C LEU A 90 7.39 3.98 -6.94
N LEU A 91 7.75 3.19 -7.96
CA LEU A 91 7.34 1.78 -8.06
C LEU A 91 7.89 1.02 -6.86
N GLU A 92 9.19 1.17 -6.57
CA GLU A 92 9.80 0.49 -5.43
C GLU A 92 9.17 0.96 -4.13
N GLU A 93 8.86 2.25 -4.00
CA GLU A 93 8.27 2.77 -2.80
C GLU A 93 6.83 2.25 -2.63
N LEU A 94 6.11 1.96 -3.72
CA LEU A 94 4.76 1.44 -3.62
C LEU A 94 4.82 -0.01 -3.15
N GLU A 95 5.63 -0.85 -3.80
CA GLU A 95 5.75 -2.25 -3.41
C GLU A 95 6.29 -2.35 -1.98
N GLN A 96 7.12 -1.39 -1.54
CA GLN A 96 7.66 -1.39 -0.20
C GLN A 96 6.57 -0.93 0.77
N ALA A 97 5.69 -0.02 0.37
CA ALA A 97 4.64 0.49 1.23
C ALA A 97 3.56 -0.55 1.47
N LEU A 98 3.25 -1.39 0.49
CA LEU A 98 2.25 -2.43 0.68
C LEU A 98 2.84 -3.59 1.49
N GLN A 99 4.14 -3.86 1.36
CA GLN A 99 4.85 -4.91 2.07
C GLN A 99 5.23 -4.58 3.52
N LYS A 100 5.60 -3.34 3.82
CA LYS A 100 6.02 -2.92 5.17
C LYS A 100 4.93 -3.17 6.22
N ILE A 101 3.68 -3.02 5.81
CA ILE A 101 2.54 -3.23 6.67
C ILE A 101 2.49 -4.69 7.12
N ARG A 102 2.94 -5.63 6.28
CA ARG A 102 2.91 -7.05 6.63
C ARG A 102 3.66 -7.28 7.93
N GLU A 103 4.77 -6.58 8.13
CA GLU A 103 5.62 -6.68 9.31
C GLU A 103 4.78 -6.40 10.57
N LEU A 104 4.01 -5.33 10.52
CA LEU A 104 3.13 -4.87 11.60
C LEU A 104 1.87 -5.73 11.72
N ALA A 105 1.37 -6.27 10.62
CA ALA A 105 0.17 -7.09 10.58
C ALA A 105 0.45 -8.47 11.17
N GLU A 106 1.63 -9.05 10.93
CA GLU A 106 1.99 -10.36 11.46
C GLU A 106 2.66 -10.24 12.82
N LYS A 107 3.36 -9.12 13.05
CA LYS A 107 4.11 -8.78 14.26
C LYS A 107 4.87 -9.98 14.79
N LYS A 108 5.69 -10.59 13.92
CA LYS A 108 6.53 -11.73 14.27
C LYS A 108 7.60 -11.25 15.25
N ASN A 109 7.91 -9.95 15.21
CA ASN A 109 8.86 -9.29 16.10
C ASN A 109 8.39 -9.48 17.53
N SER A 1 -9.00 -6.91 19.89
CA SER A 1 -8.09 -7.68 19.04
C SER A 1 -8.89 -8.63 18.17
N GLU A 2 -8.76 -8.54 16.83
CA GLU A 2 -9.49 -9.39 15.91
C GLU A 2 -8.52 -9.92 14.85
N PHE A 3 -8.13 -11.18 15.00
CA PHE A 3 -7.20 -11.83 14.07
C PHE A 3 -7.86 -12.13 12.74
N GLU A 4 -9.03 -12.77 12.79
CA GLU A 4 -9.76 -13.15 11.58
C GLU A 4 -10.08 -11.94 10.70
N LYS A 5 -10.34 -10.76 11.29
CA LYS A 5 -10.63 -9.58 10.51
C LYS A 5 -9.43 -9.17 9.64
N LEU A 6 -8.18 -9.42 10.09
CA LEU A 6 -6.99 -9.12 9.32
C LEU A 6 -6.80 -10.21 8.27
N ARG A 7 -7.06 -11.48 8.63
CA ARG A 7 -6.93 -12.62 7.73
C ARG A 7 -7.77 -12.36 6.48
N GLN A 8 -8.98 -11.80 6.65
CA GLN A 8 -9.83 -11.50 5.51
C GLN A 8 -9.12 -10.52 4.59
N THR A 9 -8.62 -9.40 5.10
CA THR A 9 -7.93 -8.39 4.27
C THR A 9 -6.66 -8.96 3.65
N GLY A 10 -6.00 -9.91 4.32
CA GLY A 10 -4.79 -10.53 3.83
C GLY A 10 -5.05 -11.22 2.49
N ASP A 11 -6.12 -12.00 2.38
CA ASP A 11 -6.46 -12.73 1.15
C ASP A 11 -6.79 -11.77 0.01
N GLU A 12 -7.44 -10.65 0.33
CA GLU A 12 -7.87 -9.60 -0.58
C GLU A 12 -6.67 -8.82 -1.10
N LEU A 13 -5.69 -8.63 -0.24
CA LEU A 13 -4.45 -7.94 -0.50
C LEU A 13 -3.60 -8.84 -1.39
N VAL A 14 -3.52 -10.12 -1.05
CA VAL A 14 -2.76 -11.11 -1.81
C VAL A 14 -3.34 -11.14 -3.23
N GLN A 15 -4.65 -11.32 -3.41
CA GLN A 15 -5.24 -11.36 -4.75
C GLN A 15 -5.09 -10.01 -5.46
N ALA A 16 -5.19 -8.87 -4.76
CA ALA A 16 -5.03 -7.55 -5.36
C ALA A 16 -3.65 -7.47 -6.03
N GLU A 17 -2.63 -7.94 -5.32
CA GLU A 17 -1.25 -7.97 -5.80
C GLU A 17 -1.15 -8.87 -7.04
N GLN A 18 -1.91 -9.97 -7.14
CA GLN A 18 -1.86 -10.85 -8.30
C GLN A 18 -2.48 -10.17 -9.53
N ARG A 19 -3.70 -9.60 -9.39
CA ARG A 19 -4.39 -8.97 -10.52
C ARG A 19 -3.53 -7.86 -11.10
N LEU A 20 -2.91 -7.04 -10.24
CA LEU A 20 -2.07 -5.98 -10.73
C LEU A 20 -0.75 -6.53 -11.27
N ARG A 21 -0.14 -7.56 -10.67
CA ARG A 21 1.13 -8.09 -11.17
C ARG A 21 0.98 -8.65 -12.58
N GLU A 22 -0.14 -9.27 -12.92
CA GLU A 22 -0.36 -9.83 -14.25
C GLU A 22 -0.12 -8.77 -15.33
N ILE A 23 -0.71 -7.59 -15.15
CA ILE A 23 -0.58 -6.47 -16.09
C ILE A 23 0.78 -5.80 -15.97
N PHE A 24 1.23 -5.55 -14.74
CA PHE A 24 2.49 -4.90 -14.44
C PHE A 24 3.68 -5.65 -15.03
N ASP A 25 3.61 -6.98 -15.16
CA ASP A 25 4.70 -7.78 -15.74
C ASP A 25 4.99 -7.37 -17.18
N LYS A 26 3.98 -6.82 -17.88
CA LYS A 26 4.09 -6.34 -19.26
C LYS A 26 4.77 -4.96 -19.30
N GLY A 27 5.00 -4.33 -18.15
CA GLY A 27 5.61 -3.02 -18.06
C GLY A 27 4.64 -1.92 -18.40
N ASP A 28 3.33 -2.14 -18.21
CA ASP A 28 2.28 -1.17 -18.53
C ASP A 28 2.39 0.01 -17.55
N ASP A 29 2.63 1.20 -18.08
CA ASP A 29 2.79 2.45 -17.33
C ASP A 29 1.45 3.00 -16.89
N ASP A 30 0.49 3.11 -17.80
CA ASP A 30 -0.85 3.65 -17.53
C ASP A 30 -1.61 2.79 -16.52
N SER A 31 -1.25 1.52 -16.43
CA SER A 31 -1.86 0.58 -15.51
C SER A 31 -1.41 0.82 -14.06
N LEU A 32 -0.22 1.39 -13.84
CA LEU A 32 0.30 1.65 -12.49
C LEU A 32 -0.64 2.53 -11.66
N GLU A 33 -1.07 3.66 -12.20
CA GLU A 33 -1.96 4.56 -11.47
C GLU A 33 -3.32 3.91 -11.20
N GLN A 34 -3.81 3.12 -12.16
CA GLN A 34 -5.10 2.46 -12.05
C GLN A 34 -5.14 1.51 -10.84
N VAL A 35 -4.16 0.62 -10.73
CA VAL A 35 -4.10 -0.34 -9.64
C VAL A 35 -3.73 0.32 -8.31
N LEU A 36 -2.90 1.37 -8.33
CA LEU A 36 -2.45 2.12 -7.16
C LEU A 36 -3.63 2.74 -6.43
N GLU A 37 -4.68 3.13 -7.15
CA GLU A 37 -5.86 3.68 -6.51
C GLU A 37 -6.68 2.56 -5.89
N GLU A 38 -6.85 1.43 -6.58
CA GLU A 38 -7.62 0.29 -6.08
C GLU A 38 -7.02 -0.31 -4.80
N ILE A 39 -5.70 -0.52 -4.78
CA ILE A 39 -4.97 -1.08 -3.65
C ILE A 39 -5.18 -0.28 -2.36
N GLU A 40 -5.39 1.05 -2.41
CA GLU A 40 -5.60 1.85 -1.22
C GLU A 40 -6.75 1.28 -0.37
N GLU A 41 -7.75 0.64 -0.99
CA GLU A 41 -8.89 0.09 -0.26
C GLU A 41 -8.42 -0.88 0.83
N LEU A 42 -7.38 -1.66 0.52
CA LEU A 42 -6.80 -2.62 1.42
C LEU A 42 -6.06 -1.93 2.56
N ILE A 43 -5.41 -0.78 2.31
CA ILE A 43 -4.71 -0.06 3.37
C ILE A 43 -5.77 0.54 4.29
N GLN A 44 -6.78 1.20 3.71
CA GLN A 44 -7.86 1.82 4.48
C GLN A 44 -8.51 0.79 5.39
N LYS A 45 -8.82 -0.41 4.88
CA LYS A 45 -9.43 -1.45 5.71
C LYS A 45 -8.47 -1.88 6.82
N HIS A 46 -7.23 -2.23 6.49
CA HIS A 46 -6.29 -2.67 7.49
C HIS A 46 -6.00 -1.62 8.57
N ARG A 47 -6.07 -0.33 8.27
CA ARG A 47 -5.80 0.74 9.22
C ARG A 47 -6.68 0.59 10.46
N GLN A 48 -7.96 0.29 10.28
CA GLN A 48 -8.88 0.12 11.41
C GLN A 48 -8.44 -0.99 12.35
N LEU A 49 -7.79 -2.01 11.79
CA LEU A 49 -7.29 -3.17 12.52
C LEU A 49 -5.96 -2.87 13.18
N PHE A 50 -5.15 -2.02 12.55
CA PHE A 50 -3.87 -1.63 13.11
C PHE A 50 -4.18 -0.79 14.34
N ASP A 51 -5.21 0.06 14.23
CA ASP A 51 -5.70 0.94 15.28
C ASP A 51 -6.34 0.09 16.40
N ASN A 52 -6.85 -1.10 16.08
CA ASN A 52 -7.44 -2.03 17.06
C ASN A 52 -6.35 -2.66 17.94
N ARG A 53 -5.08 -2.35 17.68
CA ARG A 53 -3.91 -2.84 18.39
C ARG A 53 -3.09 -1.64 18.85
N GLN A 54 -2.08 -1.92 19.67
CA GLN A 54 -1.17 -0.95 20.26
C GLN A 54 -1.96 -0.16 21.30
N GLU A 55 -1.81 -0.54 22.56
CA GLU A 55 -2.46 0.06 23.74
C GLU A 55 -1.82 1.41 24.11
N ALA A 56 -1.03 1.97 23.21
CA ALA A 56 -0.30 3.21 23.35
C ALA A 56 -0.52 4.09 22.11
N ALA A 57 0.27 5.16 21.96
CA ALA A 57 0.19 6.12 20.86
C ALA A 57 -0.05 5.50 19.49
N ASP A 58 -1.09 5.98 18.81
CA ASP A 58 -1.55 5.58 17.47
C ASP A 58 -0.65 6.10 16.36
N THR A 59 0.35 6.89 16.70
CA THR A 59 1.28 7.51 15.79
C THR A 59 1.82 6.57 14.72
N GLU A 60 2.15 5.32 15.07
CA GLU A 60 2.68 4.36 14.12
C GLU A 60 1.71 4.07 12.98
N ALA A 61 0.46 3.78 13.32
CA ALA A 61 -0.60 3.48 12.36
C ALA A 61 -0.99 4.75 11.59
N ALA A 62 -0.93 5.91 12.25
CA ALA A 62 -1.29 7.17 11.64
C ALA A 62 -0.31 7.56 10.54
N LYS A 63 1.00 7.54 10.85
CA LYS A 63 2.02 7.88 9.85
C LYS A 63 1.99 6.88 8.72
N GLN A 64 1.65 5.61 8.99
CA GLN A 64 1.59 4.57 7.99
C GLN A 64 0.60 4.93 6.88
N GLY A 65 -0.57 5.47 7.26
CA GLY A 65 -1.58 5.85 6.30
C GLY A 65 -1.19 7.15 5.58
N ASP A 66 -0.54 8.08 6.27
CA ASP A 66 -0.13 9.36 5.67
C ASP A 66 0.93 9.12 4.61
N GLN A 67 1.95 8.31 4.92
CA GLN A 67 3.02 8.02 3.97
C GLN A 67 2.45 7.43 2.68
N TRP A 68 1.37 6.64 2.78
CA TRP A 68 0.71 6.04 1.64
C TRP A 68 0.08 7.13 0.75
N VAL A 69 -0.79 7.97 1.31
CA VAL A 69 -1.43 9.01 0.52
C VAL A 69 -0.41 10.03 -0.01
N GLN A 70 0.63 10.36 0.78
CA GLN A 70 1.66 11.29 0.35
C GLN A 70 2.44 10.71 -0.83
N LEU A 71 2.53 9.37 -0.92
CA LEU A 71 3.23 8.74 -2.02
C LEU A 71 2.41 8.95 -3.27
N LYS A 72 1.10 8.64 -3.22
CA LYS A 72 0.21 8.79 -4.37
C LYS A 72 0.26 10.21 -4.94
N GLN A 73 0.38 11.22 -4.08
CA GLN A 73 0.46 12.63 -4.46
C GLN A 73 1.64 12.82 -5.43
N ARG A 74 2.83 12.35 -5.09
CA ARG A 74 4.00 12.46 -5.96
C ARG A 74 3.95 11.46 -7.11
N PHE A 75 3.35 10.29 -6.89
CA PHE A 75 3.24 9.21 -7.87
C PHE A 75 2.47 9.66 -9.11
N ARG A 76 1.23 10.14 -8.97
CA ARG A 76 0.47 10.56 -10.15
C ARG A 76 1.11 11.79 -10.78
N GLU A 77 1.75 12.64 -9.98
CA GLU A 77 2.40 13.83 -10.49
C GLU A 77 3.61 13.45 -11.34
N ALA A 78 4.36 12.40 -10.98
CA ALA A 78 5.51 11.98 -11.77
C ALA A 78 5.03 11.51 -13.15
N ILE A 79 3.79 11.02 -13.25
CA ILE A 79 3.24 10.57 -14.53
C ILE A 79 2.93 11.82 -15.35
N ASP A 80 2.27 12.81 -14.73
CA ASP A 80 1.88 14.09 -15.32
C ASP A 80 3.10 14.83 -15.87
N LYS A 81 4.22 14.77 -15.15
CA LYS A 81 5.50 15.39 -15.52
C LYS A 81 6.37 14.48 -16.39
N GLY A 82 6.01 13.19 -16.46
CA GLY A 82 6.74 12.19 -17.21
C GLY A 82 8.13 12.05 -16.59
N ASP A 83 8.21 12.15 -15.26
CA ASP A 83 9.44 12.08 -14.50
C ASP A 83 9.89 10.63 -14.36
N LYS A 84 10.51 10.13 -15.41
CA LYS A 84 11.07 8.79 -15.53
C LYS A 84 12.02 8.51 -14.38
N ASP A 85 12.83 9.51 -14.06
CA ASP A 85 13.83 9.46 -13.00
C ASP A 85 13.17 9.27 -11.63
N SER A 86 12.05 9.94 -11.39
CA SER A 86 11.32 9.83 -10.13
C SER A 86 10.54 8.52 -10.06
N LEU A 87 10.15 7.98 -11.21
CA LEU A 87 9.37 6.77 -11.41
C LEU A 87 10.00 5.56 -10.76
N GLU A 88 11.30 5.39 -10.96
CA GLU A 88 12.07 4.27 -10.40
C GLU A 88 11.90 4.24 -8.89
N GLN A 89 12.12 5.40 -8.28
CA GLN A 89 12.01 5.60 -6.83
C GLN A 89 10.55 5.46 -6.34
N LEU A 90 9.57 5.87 -7.15
CA LEU A 90 8.15 5.79 -6.81
C LEU A 90 7.68 4.33 -6.84
N LEU A 91 8.02 3.58 -7.89
CA LEU A 91 7.65 2.18 -8.08
C LEU A 91 8.15 1.36 -6.90
N GLU A 92 9.42 1.52 -6.52
CA GLU A 92 9.99 0.76 -5.42
C GLU A 92 9.38 1.20 -4.08
N GLU A 93 9.07 2.48 -3.90
CA GLU A 93 8.47 2.97 -2.67
C GLU A 93 7.03 2.46 -2.52
N LEU A 94 6.30 2.22 -3.63
CA LEU A 94 4.93 1.73 -3.61
C LEU A 94 4.93 0.27 -3.16
N GLU A 95 5.68 -0.58 -3.85
CA GLU A 95 5.75 -1.98 -3.48
C GLU A 95 6.36 -2.16 -2.10
N GLN A 96 7.24 -1.28 -1.67
CA GLN A 96 7.84 -1.37 -0.36
C GLN A 96 6.80 -0.96 0.68
N ALA A 97 5.92 -0.01 0.35
CA ALA A 97 4.91 0.45 1.28
C ALA A 97 3.95 -0.67 1.64
N LEU A 98 3.38 -1.34 0.64
CA LEU A 98 2.43 -2.43 0.82
C LEU A 98 3.08 -3.62 1.56
N GLN A 99 4.41 -3.75 1.48
CA GLN A 99 5.18 -4.79 2.16
C GLN A 99 5.35 -4.40 3.63
N LYS A 100 5.57 -3.12 3.88
CA LYS A 100 5.79 -2.59 5.23
C LYS A 100 4.61 -2.94 6.14
N ILE A 101 3.38 -2.85 5.62
CA ILE A 101 2.17 -3.15 6.36
C ILE A 101 2.18 -4.59 6.88
N ARG A 102 2.78 -5.52 6.13
CA ARG A 102 2.81 -6.93 6.53
C ARG A 102 3.49 -7.10 7.88
N GLU A 103 4.48 -6.25 8.18
CA GLU A 103 5.23 -6.32 9.44
C GLU A 103 4.31 -6.08 10.63
N LEU A 104 3.50 -5.03 10.51
CA LEU A 104 2.54 -4.65 11.54
C LEU A 104 1.42 -5.67 11.59
N ALA A 105 1.02 -6.23 10.44
CA ALA A 105 -0.06 -7.21 10.40
C ALA A 105 0.29 -8.50 11.15
N GLU A 106 1.55 -8.94 11.12
CA GLU A 106 2.02 -10.17 11.78
C GLU A 106 2.78 -9.94 13.09
N LYS A 107 3.02 -8.68 13.46
CA LYS A 107 3.74 -8.21 14.65
C LYS A 107 4.83 -9.18 15.12
N LYS A 108 5.94 -9.23 14.38
CA LYS A 108 7.06 -10.09 14.76
C LYS A 108 7.53 -9.54 16.11
N ASN A 109 7.77 -8.22 16.16
CA ASN A 109 8.18 -7.51 17.36
C ASN A 109 7.01 -7.49 18.33
N SER A 1 -9.29 -7.01 19.06
CA SER A 1 -7.90 -7.32 18.70
C SER A 1 -7.74 -8.83 18.69
N GLU A 2 -7.53 -9.41 17.51
CA GLU A 2 -7.38 -10.85 17.30
C GLU A 2 -6.49 -11.08 16.06
N PHE A 3 -6.29 -12.34 15.71
CA PHE A 3 -5.51 -12.82 14.58
C PHE A 3 -6.36 -12.88 13.31
N GLU A 4 -7.49 -13.58 13.35
CA GLU A 4 -8.41 -13.72 12.21
C GLU A 4 -8.91 -12.37 11.69
N LYS A 5 -8.91 -11.34 12.54
CA LYS A 5 -9.34 -10.00 12.20
C LYS A 5 -8.52 -9.47 11.02
N LEU A 6 -7.20 -9.62 11.11
CA LEU A 6 -6.22 -9.19 10.12
C LEU A 6 -6.18 -10.17 8.93
N ARG A 7 -6.37 -11.47 9.17
CA ARG A 7 -6.33 -12.48 8.11
C ARG A 7 -7.43 -12.21 7.09
N GLN A 8 -8.58 -11.73 7.55
CA GLN A 8 -9.70 -11.44 6.67
C GLN A 8 -9.30 -10.46 5.58
N THR A 9 -8.70 -9.31 5.87
CA THR A 9 -8.28 -8.38 4.82
C THR A 9 -7.01 -8.88 4.13
N GLY A 10 -6.17 -9.64 4.83
CA GLY A 10 -4.92 -10.16 4.28
C GLY A 10 -5.20 -10.93 2.99
N ASP A 11 -6.21 -11.78 2.96
CA ASP A 11 -6.58 -12.55 1.76
C ASP A 11 -6.95 -11.62 0.59
N GLU A 12 -7.66 -10.54 0.89
CA GLU A 12 -8.11 -9.53 -0.07
C GLU A 12 -6.91 -8.76 -0.61
N LEU A 13 -5.98 -8.43 0.27
CA LEU A 13 -4.78 -7.70 -0.04
C LEU A 13 -3.92 -8.55 -0.97
N VAL A 14 -3.68 -9.82 -0.64
CA VAL A 14 -2.88 -10.73 -1.44
C VAL A 14 -3.48 -10.90 -2.84
N GLN A 15 -4.80 -11.12 -2.97
CA GLN A 15 -5.38 -11.26 -4.32
C GLN A 15 -5.29 -9.93 -5.08
N ALA A 16 -5.50 -8.78 -4.41
CA ALA A 16 -5.43 -7.46 -5.03
C ALA A 16 -4.07 -7.21 -5.66
N GLU A 17 -2.96 -7.49 -4.96
CA GLU A 17 -1.62 -7.27 -5.53
C GLU A 17 -1.36 -8.23 -6.68
N GLN A 18 -1.92 -9.44 -6.66
CA GLN A 18 -1.72 -10.40 -7.73
C GLN A 18 -2.44 -9.95 -8.99
N ARG A 19 -3.72 -9.56 -8.93
CA ARG A 19 -4.46 -9.14 -10.12
C ARG A 19 -3.75 -8.00 -10.85
N LEU A 20 -3.25 -7.00 -10.12
CA LEU A 20 -2.54 -5.88 -10.70
C LEU A 20 -1.14 -6.29 -11.16
N ARG A 21 -0.48 -7.23 -10.48
CA ARG A 21 0.87 -7.68 -10.84
C ARG A 21 0.88 -8.27 -12.23
N GLU A 22 -0.20 -8.93 -12.66
CA GLU A 22 -0.29 -9.55 -13.97
C GLU A 22 0.03 -8.53 -15.06
N ILE A 23 -0.65 -7.38 -15.00
CA ILE A 23 -0.46 -6.29 -15.95
C ILE A 23 0.83 -5.52 -15.71
N PHE A 24 1.17 -5.27 -14.44
CA PHE A 24 2.38 -4.54 -14.07
C PHE A 24 3.62 -5.25 -14.63
N ASP A 25 3.61 -6.58 -14.63
CA ASP A 25 4.70 -7.43 -15.12
C ASP A 25 4.96 -7.22 -16.62
N LYS A 26 3.95 -6.76 -17.37
CA LYS A 26 4.06 -6.48 -18.80
C LYS A 26 4.79 -5.16 -19.03
N GLY A 27 4.91 -4.33 -18.00
CA GLY A 27 5.53 -3.01 -18.04
C GLY A 27 4.49 -1.96 -18.44
N ASP A 28 3.22 -2.20 -18.10
CA ASP A 28 2.08 -1.32 -18.37
C ASP A 28 2.19 -0.09 -17.49
N ASP A 29 2.39 1.08 -18.12
CA ASP A 29 2.53 2.37 -17.46
C ASP A 29 1.21 3.04 -17.05
N ASP A 30 0.25 3.14 -17.96
CA ASP A 30 -1.06 3.78 -17.70
C ASP A 30 -1.92 2.99 -16.73
N SER A 31 -1.73 1.68 -16.63
CA SER A 31 -2.52 0.84 -15.73
C SER A 31 -2.01 0.94 -14.31
N LEU A 32 -0.71 1.20 -14.14
CA LEU A 32 -0.04 1.33 -12.85
C LEU A 32 -0.71 2.40 -12.00
N GLU A 33 -1.09 3.52 -12.62
CA GLU A 33 -1.75 4.60 -11.91
C GLU A 33 -3.19 4.24 -11.54
N GLN A 34 -3.87 3.40 -12.34
CA GLN A 34 -5.26 3.01 -12.05
C GLN A 34 -5.30 2.08 -10.85
N VAL A 35 -4.52 0.99 -10.89
CA VAL A 35 -4.50 0.00 -9.82
C VAL A 35 -4.05 0.60 -8.49
N LEU A 36 -3.18 1.62 -8.53
CA LEU A 36 -2.65 2.33 -7.36
C LEU A 36 -3.80 2.98 -6.57
N GLU A 37 -4.84 3.46 -7.26
CA GLU A 37 -6.00 4.06 -6.60
C GLU A 37 -6.89 2.96 -6.01
N GLU A 38 -7.02 1.83 -6.71
CA GLU A 38 -7.85 0.72 -6.26
C GLU A 38 -7.22 -0.01 -5.05
N ILE A 39 -5.90 -0.03 -4.96
CA ILE A 39 -5.18 -0.65 -3.85
C ILE A 39 -5.30 0.20 -2.59
N GLU A 40 -5.40 1.54 -2.73
CA GLU A 40 -5.51 2.50 -1.65
C GLU A 40 -6.62 2.13 -0.66
N GLU A 41 -7.66 1.47 -1.16
CA GLU A 41 -8.80 1.04 -0.39
C GLU A 41 -8.46 -0.03 0.66
N LEU A 42 -7.53 -0.94 0.33
CA LEU A 42 -7.10 -2.01 1.22
C LEU A 42 -6.44 -1.44 2.46
N ILE A 43 -5.63 -0.38 2.30
CA ILE A 43 -4.96 0.29 3.41
C ILE A 43 -6.05 0.77 4.37
N GLN A 44 -7.14 1.35 3.85
CA GLN A 44 -8.22 1.83 4.69
C GLN A 44 -8.83 0.73 5.54
N LYS A 45 -9.00 -0.48 4.99
CA LYS A 45 -9.57 -1.59 5.76
C LYS A 45 -8.57 -1.99 6.85
N HIS A 46 -7.30 -2.22 6.48
CA HIS A 46 -6.26 -2.61 7.41
C HIS A 46 -6.03 -1.55 8.49
N ARG A 47 -6.19 -0.26 8.17
CA ARG A 47 -6.00 0.87 9.08
C ARG A 47 -6.90 0.70 10.30
N GLN A 48 -8.17 0.34 10.12
CA GLN A 48 -9.08 0.13 11.25
C GLN A 48 -8.58 -0.99 12.16
N LEU A 49 -7.93 -2.02 11.59
CA LEU A 49 -7.41 -3.15 12.35
C LEU A 49 -6.15 -2.75 13.09
N PHE A 50 -5.37 -1.86 12.51
CA PHE A 50 -4.16 -1.38 13.16
C PHE A 50 -4.63 -0.54 14.35
N ASP A 51 -5.71 0.23 14.14
CA ASP A 51 -6.38 1.10 15.10
C ASP A 51 -7.09 0.27 16.19
N ASN A 52 -6.98 -1.07 16.13
CA ASN A 52 -7.56 -2.02 17.07
C ASN A 52 -6.51 -2.82 17.81
N ARG A 53 -5.40 -3.20 17.15
CA ARG A 53 -4.31 -3.98 17.77
C ARG A 53 -3.38 -3.09 18.60
N GLN A 54 -3.50 -1.78 18.45
CA GLN A 54 -2.71 -0.77 19.12
C GLN A 54 -2.81 -0.79 20.64
N GLU A 55 -1.66 -0.81 21.30
CA GLU A 55 -1.55 -0.78 22.76
C GLU A 55 -1.18 0.64 23.23
N ALA A 56 -0.87 1.52 22.27
CA ALA A 56 -0.48 2.91 22.39
C ALA A 56 -1.35 3.73 21.42
N ALA A 57 -0.98 4.99 21.18
CA ALA A 57 -1.69 5.90 20.28
C ALA A 57 -1.76 5.34 18.87
N ASP A 58 -2.63 5.89 18.04
CA ASP A 58 -2.82 5.46 16.65
C ASP A 58 -1.74 5.95 15.69
N THR A 59 -0.76 6.68 16.22
CA THR A 59 0.37 7.26 15.51
C THR A 59 1.11 6.24 14.64
N GLU A 60 1.25 4.99 15.08
CA GLU A 60 1.95 3.97 14.32
C GLU A 60 1.25 3.75 12.96
N ALA A 61 -0.09 3.74 12.97
CA ALA A 61 -0.90 3.59 11.77
C ALA A 61 -0.96 4.92 11.02
N ALA A 62 -1.05 6.03 11.75
CA ALA A 62 -1.13 7.38 11.20
C ALA A 62 0.05 7.68 10.28
N LYS A 63 1.28 7.44 10.74
CA LYS A 63 2.47 7.69 9.92
C LYS A 63 2.42 6.83 8.65
N GLN A 64 1.99 5.57 8.79
CA GLN A 64 1.89 4.58 7.73
C GLN A 64 0.90 5.01 6.65
N GLY A 65 -0.28 5.50 7.04
CA GLY A 65 -1.30 5.96 6.11
C GLY A 65 -0.87 7.27 5.45
N ASP A 66 -0.28 8.18 6.23
CA ASP A 66 0.20 9.47 5.75
C ASP A 66 1.26 9.29 4.67
N GLN A 67 2.27 8.42 4.91
CA GLN A 67 3.32 8.17 3.93
C GLN A 67 2.71 7.69 2.61
N TRP A 68 1.71 6.80 2.68
CA TRP A 68 1.04 6.26 1.49
C TRP A 68 0.33 7.37 0.72
N VAL A 69 -0.56 8.14 1.35
CA VAL A 69 -1.27 9.20 0.62
C VAL A 69 -0.31 10.25 0.07
N GLN A 70 0.75 10.57 0.82
CA GLN A 70 1.74 11.53 0.40
C GLN A 70 2.53 11.00 -0.80
N LEU A 71 2.76 9.68 -0.84
CA LEU A 71 3.47 9.04 -1.93
C LEU A 71 2.62 9.20 -3.18
N LYS A 72 1.33 8.89 -3.12
CA LYS A 72 0.42 9.02 -4.26
C LYS A 72 0.52 10.39 -4.95
N GLN A 73 0.60 11.48 -4.17
CA GLN A 73 0.69 12.83 -4.73
C GLN A 73 1.91 12.97 -5.65
N ARG A 74 3.10 12.59 -5.18
CA ARG A 74 4.31 12.68 -5.99
C ARG A 74 4.26 11.63 -7.10
N PHE A 75 3.60 10.51 -6.86
CA PHE A 75 3.47 9.41 -7.80
C PHE A 75 2.78 9.88 -9.07
N ARG A 76 1.57 10.46 -8.97
CA ARG A 76 0.87 10.90 -10.17
C ARG A 76 1.60 12.04 -10.86
N GLU A 77 2.25 12.89 -10.07
CA GLU A 77 2.98 14.02 -10.59
C GLU A 77 4.12 13.55 -11.48
N ALA A 78 4.88 12.53 -11.07
CA ALA A 78 5.98 12.04 -11.87
C ALA A 78 5.49 11.51 -13.20
N ILE A 79 4.25 11.03 -13.27
CA ILE A 79 3.71 10.54 -14.51
C ILE A 79 3.36 11.75 -15.37
N ASP A 80 2.71 12.75 -14.78
CA ASP A 80 2.30 13.98 -15.44
C ASP A 80 3.48 14.70 -16.09
N LYS A 81 4.62 14.74 -15.41
CA LYS A 81 5.87 15.37 -15.88
C LYS A 81 6.73 14.39 -16.65
N GLY A 82 6.46 13.09 -16.52
CA GLY A 82 7.20 12.01 -17.17
C GLY A 82 8.59 11.95 -16.56
N ASP A 83 8.67 12.17 -15.26
CA ASP A 83 9.92 12.18 -14.50
C ASP A 83 10.31 10.74 -14.25
N LYS A 84 10.92 10.12 -15.26
CA LYS A 84 11.39 8.75 -15.26
C LYS A 84 12.29 8.45 -14.06
N ASP A 85 13.18 9.38 -13.76
CA ASP A 85 14.12 9.27 -12.66
C ASP A 85 13.37 9.16 -11.33
N SER A 86 12.24 9.87 -11.20
CA SER A 86 11.41 9.80 -10.02
C SER A 86 10.58 8.52 -10.04
N LEU A 87 10.15 8.04 -11.22
CA LEU A 87 9.33 6.83 -11.35
C LEU A 87 10.07 5.67 -10.72
N GLU A 88 11.38 5.55 -10.98
CA GLU A 88 12.22 4.49 -10.44
C GLU A 88 12.08 4.43 -8.91
N GLN A 89 12.24 5.60 -8.27
CA GLN A 89 12.16 5.75 -6.83
C GLN A 89 10.74 5.62 -6.28
N LEU A 90 9.74 5.98 -7.07
CA LEU A 90 8.33 5.89 -6.72
C LEU A 90 7.90 4.43 -6.75
N LEU A 91 8.33 3.67 -7.78
CA LEU A 91 8.01 2.27 -7.98
C LEU A 91 8.56 1.45 -6.82
N GLU A 92 9.83 1.65 -6.46
CA GLU A 92 10.44 0.91 -5.35
C GLU A 92 9.77 1.29 -4.02
N GLU A 93 9.31 2.55 -3.86
CA GLU A 93 8.67 2.98 -2.64
C GLU A 93 7.24 2.45 -2.58
N LEU A 94 6.53 2.28 -3.70
CA LEU A 94 5.17 1.77 -3.71
C LEU A 94 5.21 0.37 -3.14
N GLU A 95 6.10 -0.47 -3.70
CA GLU A 95 6.24 -1.82 -3.23
C GLU A 95 6.74 -1.82 -1.78
N GLN A 96 7.51 -0.83 -1.33
CA GLN A 96 7.97 -0.81 0.03
C GLN A 96 6.83 -0.44 0.96
N ALA A 97 5.95 0.49 0.56
CA ALA A 97 4.82 0.93 1.34
C ALA A 97 3.87 -0.20 1.62
N LEU A 98 3.66 -1.10 0.66
CA LEU A 98 2.78 -2.23 0.88
C LEU A 98 3.46 -3.31 1.73
N GLN A 99 4.79 -3.45 1.68
CA GLN A 99 5.55 -4.43 2.46
C GLN A 99 5.76 -4.01 3.91
N LYS A 100 5.97 -2.72 4.14
CA LYS A 100 6.23 -2.22 5.49
C LYS A 100 5.07 -2.47 6.45
N ILE A 101 3.84 -2.41 5.95
CA ILE A 101 2.65 -2.63 6.75
C ILE A 101 2.56 -4.09 7.17
N ARG A 102 3.06 -5.02 6.35
CA ARG A 102 2.99 -6.44 6.66
C ARG A 102 3.57 -6.71 8.03
N GLU A 103 4.62 -5.98 8.42
CA GLU A 103 5.23 -6.17 9.71
C GLU A 103 4.25 -5.86 10.82
N LEU A 104 3.60 -4.71 10.71
CA LEU A 104 2.61 -4.23 11.68
C LEU A 104 1.33 -5.04 11.62
N ALA A 105 1.02 -5.69 10.49
CA ALA A 105 -0.20 -6.46 10.40
C ALA A 105 -0.01 -7.82 11.09
N GLU A 106 1.15 -8.42 10.94
CA GLU A 106 1.45 -9.72 11.52
C GLU A 106 1.91 -9.59 12.95
N LYS A 107 2.69 -8.53 13.21
CA LYS A 107 3.33 -8.13 14.46
C LYS A 107 4.23 -9.23 15.04
N LYS A 108 4.51 -10.26 14.25
CA LYS A 108 5.36 -11.39 14.59
C LYS A 108 6.82 -10.96 14.80
N ASN A 109 7.18 -9.76 14.36
CA ASN A 109 8.54 -9.22 14.51
C ASN A 109 8.85 -9.11 15.99
N SER A 1 -5.41 -8.11 19.42
CA SER A 1 -5.31 -8.16 17.96
C SER A 1 -5.78 -9.51 17.44
N GLU A 2 -6.92 -9.52 16.78
CA GLU A 2 -7.49 -10.72 16.20
C GLU A 2 -6.69 -11.05 14.94
N PHE A 3 -6.63 -12.33 14.62
CA PHE A 3 -5.92 -12.85 13.46
C PHE A 3 -6.85 -12.86 12.25
N GLU A 4 -8.06 -13.34 12.49
CA GLU A 4 -9.12 -13.48 11.50
C GLU A 4 -9.43 -12.12 10.85
N LYS A 5 -9.34 -11.03 11.62
CA LYS A 5 -9.59 -9.69 11.10
C LYS A 5 -8.64 -9.37 9.95
N LEU A 6 -7.34 -9.62 10.13
CA LEU A 6 -6.33 -9.35 9.10
C LEU A 6 -6.44 -10.40 8.00
N ARG A 7 -6.84 -11.64 8.31
CA ARG A 7 -6.95 -12.71 7.33
C ARG A 7 -7.94 -12.30 6.25
N GLN A 8 -9.08 -11.72 6.62
CA GLN A 8 -10.05 -11.29 5.62
C GLN A 8 -9.48 -10.19 4.73
N THR A 9 -8.93 -9.09 5.27
CA THR A 9 -8.39 -8.02 4.43
C THR A 9 -7.17 -8.49 3.64
N GLY A 10 -6.39 -9.39 4.23
CA GLY A 10 -5.21 -9.96 3.65
C GLY A 10 -5.57 -10.79 2.41
N ASP A 11 -6.74 -11.42 2.37
CA ASP A 11 -7.17 -12.22 1.22
C ASP A 11 -7.51 -11.32 0.05
N GLU A 12 -8.22 -10.23 0.35
CA GLU A 12 -8.63 -9.24 -0.64
C GLU A 12 -7.40 -8.55 -1.23
N LEU A 13 -6.38 -8.38 -0.39
CA LEU A 13 -5.12 -7.76 -0.72
C LEU A 13 -4.30 -8.73 -1.57
N VAL A 14 -4.25 -10.01 -1.23
CA VAL A 14 -3.50 -10.98 -2.01
C VAL A 14 -4.12 -11.13 -3.40
N GLN A 15 -5.44 -11.29 -3.50
CA GLN A 15 -6.05 -11.43 -4.82
C GLN A 15 -5.86 -10.16 -5.65
N ALA A 16 -6.03 -8.98 -5.04
CA ALA A 16 -5.89 -7.70 -5.72
C ALA A 16 -4.44 -7.41 -6.11
N GLU A 17 -3.49 -7.59 -5.19
CA GLU A 17 -2.08 -7.33 -5.46
C GLU A 17 -1.57 -8.25 -6.57
N GLN A 18 -2.11 -9.47 -6.69
CA GLN A 18 -1.71 -10.41 -7.73
C GLN A 18 -2.29 -9.99 -9.09
N ARG A 19 -3.58 -9.62 -9.20
CA ARG A 19 -4.14 -9.19 -10.50
C ARG A 19 -3.33 -8.01 -11.02
N LEU A 20 -3.02 -7.03 -10.16
CA LEU A 20 -2.24 -5.88 -10.59
C LEU A 20 -0.79 -6.29 -10.82
N ARG A 21 -0.22 -7.22 -10.04
CA ARG A 21 1.15 -7.65 -10.24
C ARG A 21 1.28 -8.29 -11.62
N GLU A 22 0.27 -9.04 -12.07
CA GLU A 22 0.29 -9.68 -13.38
C GLU A 22 0.51 -8.63 -14.46
N ILE A 23 -0.14 -7.46 -14.38
CA ILE A 23 0.04 -6.41 -15.38
C ILE A 23 1.39 -5.70 -15.17
N PHE A 24 1.77 -5.44 -13.91
CA PHE A 24 3.01 -4.79 -13.54
C PHE A 24 4.22 -5.60 -14.02
N ASP A 25 4.09 -6.94 -14.05
CA ASP A 25 5.14 -7.85 -14.51
C ASP A 25 5.48 -7.57 -15.99
N LYS A 26 4.50 -7.06 -16.76
CA LYS A 26 4.67 -6.70 -18.17
C LYS A 26 5.19 -5.26 -18.31
N GLY A 27 5.20 -4.46 -17.24
CA GLY A 27 5.65 -3.07 -17.26
C GLY A 27 4.52 -2.12 -17.68
N ASP A 28 3.25 -2.52 -17.48
CA ASP A 28 2.07 -1.74 -17.82
C ASP A 28 1.93 -0.53 -16.88
N ASP A 29 2.68 0.53 -17.16
CA ASP A 29 2.71 1.77 -16.40
C ASP A 29 1.34 2.47 -16.37
N ASP A 30 0.56 2.42 -17.46
CA ASP A 30 -0.75 3.06 -17.50
C ASP A 30 -1.69 2.38 -16.50
N SER A 31 -1.57 1.06 -16.36
CA SER A 31 -2.39 0.29 -15.44
C SER A 31 -1.86 0.44 -14.01
N LEU A 32 -0.52 0.55 -13.83
CA LEU A 32 0.16 0.68 -12.54
C LEU A 32 -0.38 1.84 -11.71
N GLU A 33 -0.62 2.98 -12.34
CA GLU A 33 -1.15 4.16 -11.68
C GLU A 33 -2.65 3.98 -11.36
N GLN A 34 -3.39 3.38 -12.29
CA GLN A 34 -4.81 3.12 -12.17
C GLN A 34 -5.13 2.27 -10.95
N VAL A 35 -4.40 1.16 -10.77
CA VAL A 35 -4.58 0.25 -9.64
C VAL A 35 -4.16 0.89 -8.30
N LEU A 36 -3.18 1.79 -8.32
CA LEU A 36 -2.66 2.51 -7.13
C LEU A 36 -3.78 3.31 -6.43
N GLU A 37 -4.76 3.75 -7.21
CA GLU A 37 -5.92 4.49 -6.73
C GLU A 37 -6.84 3.52 -5.94
N GLU A 38 -7.05 2.31 -6.46
CA GLU A 38 -7.91 1.27 -5.88
C GLU A 38 -7.33 0.64 -4.61
N ILE A 39 -6.07 0.20 -4.69
CA ILE A 39 -5.35 -0.44 -3.60
C ILE A 39 -5.36 0.38 -2.31
N GLU A 40 -5.38 1.72 -2.41
CA GLU A 40 -5.38 2.60 -1.24
C GLU A 40 -6.46 2.22 -0.24
N GLU A 41 -7.60 1.73 -0.74
CA GLU A 41 -8.73 1.38 0.11
C GLU A 41 -8.40 0.25 1.08
N LEU A 42 -7.60 -0.71 0.63
CA LEU A 42 -7.21 -1.84 1.48
C LEU A 42 -6.42 -1.33 2.68
N ILE A 43 -5.66 -0.25 2.51
CA ILE A 43 -4.89 0.32 3.61
C ILE A 43 -5.91 0.93 4.59
N GLN A 44 -7.00 1.54 4.10
CA GLN A 44 -8.04 2.12 4.96
C GLN A 44 -8.69 0.97 5.73
N LYS A 45 -8.97 -0.16 5.06
CA LYS A 45 -9.57 -1.33 5.68
C LYS A 45 -8.62 -1.82 6.77
N HIS A 46 -7.34 -2.01 6.45
CA HIS A 46 -6.34 -2.47 7.41
C HIS A 46 -6.23 -1.46 8.56
N ARG A 47 -6.47 -0.15 8.36
CA ARG A 47 -6.38 0.87 9.41
C ARG A 47 -7.27 0.49 10.56
N GLN A 48 -8.52 0.11 10.29
CA GLN A 48 -9.49 -0.29 11.31
C GLN A 48 -8.96 -1.42 12.18
N LEU A 49 -8.16 -2.29 11.58
CA LEU A 49 -7.56 -3.44 12.24
C LEU A 49 -6.28 -3.05 12.98
N PHE A 50 -5.48 -2.17 12.39
CA PHE A 50 -4.22 -1.67 12.95
C PHE A 50 -4.50 -0.73 14.10
N ASP A 51 -5.72 -0.20 14.19
CA ASP A 51 -6.12 0.69 15.24
C ASP A 51 -6.10 -0.03 16.60
N ASN A 52 -6.08 -1.37 16.59
CA ASN A 52 -6.03 -2.19 17.79
C ASN A 52 -4.59 -2.18 18.33
N ARG A 53 -4.35 -2.66 19.56
CA ARG A 53 -3.03 -2.68 20.22
C ARG A 53 -2.48 -1.26 20.41
N GLN A 54 -3.35 -0.25 20.41
CA GLN A 54 -3.01 1.14 20.60
C GLN A 54 -2.31 1.29 21.94
N GLU A 55 -1.10 1.81 21.95
CA GLU A 55 -0.33 2.03 23.17
C GLU A 55 -0.61 3.48 23.57
N ALA A 56 0.20 4.39 23.03
CA ALA A 56 0.12 5.81 23.26
C ALA A 56 -1.15 6.41 22.68
N ALA A 57 -1.18 6.44 21.37
CA ALA A 57 -2.25 6.97 20.54
C ALA A 57 -2.38 6.18 19.23
N ASP A 58 -3.42 6.50 18.47
CA ASP A 58 -3.70 5.89 17.17
C ASP A 58 -2.78 6.41 16.06
N THR A 59 -1.87 7.30 16.41
CA THR A 59 -0.92 7.90 15.51
C THR A 59 -0.10 6.82 14.78
N GLU A 60 0.20 5.67 15.40
CA GLU A 60 0.96 4.60 14.75
C GLU A 60 0.18 4.05 13.55
N ALA A 61 -1.12 3.80 13.72
CA ALA A 61 -1.95 3.29 12.64
C ALA A 61 -2.13 4.39 11.59
N ALA A 62 -2.30 5.65 12.03
CA ALA A 62 -2.50 6.79 11.16
C ALA A 62 -1.28 7.09 10.28
N LYS A 63 -0.07 7.17 10.85
CA LYS A 63 1.16 7.47 10.10
C LYS A 63 1.39 6.43 9.00
N GLN A 64 1.04 5.18 9.27
CA GLN A 64 1.20 4.10 8.32
C GLN A 64 0.42 4.41 7.04
N GLY A 65 -0.84 4.83 7.20
CA GLY A 65 -1.72 5.17 6.09
C GLY A 65 -1.35 6.52 5.48
N ASP A 66 -0.82 7.46 6.27
CA ASP A 66 -0.42 8.78 5.81
C ASP A 66 0.75 8.68 4.84
N GLN A 67 1.78 7.93 5.22
CA GLN A 67 2.98 7.76 4.40
C GLN A 67 2.60 7.22 3.01
N TRP A 68 1.62 6.30 2.96
CA TRP A 68 1.14 5.71 1.72
C TRP A 68 0.47 6.78 0.85
N VAL A 69 -0.45 7.59 1.37
CA VAL A 69 -1.11 8.62 0.56
C VAL A 69 -0.12 9.70 0.13
N GLN A 70 0.84 10.08 1.00
CA GLN A 70 1.83 11.10 0.65
C GLN A 70 2.64 10.65 -0.57
N LEU A 71 2.81 9.33 -0.74
CA LEU A 71 3.54 8.78 -1.86
C LEU A 71 2.69 8.94 -3.13
N LYS A 72 1.40 8.60 -3.08
CA LYS A 72 0.49 8.72 -4.22
C LYS A 72 0.46 10.15 -4.79
N GLN A 73 0.50 11.14 -3.91
CA GLN A 73 0.46 12.55 -4.29
C GLN A 73 1.60 12.85 -5.26
N ARG A 74 2.84 12.44 -4.93
CA ARG A 74 3.99 12.65 -5.82
C ARG A 74 3.97 11.64 -6.98
N PHE A 75 3.45 10.42 -6.76
CA PHE A 75 3.38 9.36 -7.76
C PHE A 75 2.62 9.85 -8.99
N ARG A 76 1.39 10.32 -8.83
CA ARG A 76 0.59 10.79 -9.97
C ARG A 76 1.21 12.00 -10.64
N GLU A 77 1.89 12.84 -9.86
CA GLU A 77 2.53 14.04 -10.34
C GLU A 77 3.74 13.71 -11.21
N ALA A 78 4.56 12.71 -10.86
CA ALA A 78 5.73 12.39 -11.67
C ALA A 78 5.31 11.88 -13.04
N ILE A 79 4.14 11.28 -13.14
CA ILE A 79 3.60 10.75 -14.38
C ILE A 79 3.21 11.93 -15.25
N ASP A 80 2.51 12.92 -14.68
CA ASP A 80 2.08 14.13 -15.40
C ASP A 80 3.27 14.89 -15.98
N LYS A 81 4.45 14.75 -15.34
CA LYS A 81 5.70 15.37 -15.76
C LYS A 81 6.52 14.43 -16.65
N GLY A 82 6.25 13.13 -16.55
CA GLY A 82 6.92 12.07 -17.29
C GLY A 82 8.37 11.98 -16.78
N ASP A 83 8.54 12.22 -15.48
CA ASP A 83 9.83 12.23 -14.81
C ASP A 83 10.25 10.78 -14.58
N LYS A 84 10.92 10.19 -15.58
CA LYS A 84 11.40 8.81 -15.58
C LYS A 84 12.26 8.51 -14.35
N ASP A 85 13.17 9.43 -14.06
CA ASP A 85 14.11 9.40 -12.95
C ASP A 85 13.34 9.23 -11.63
N SER A 86 12.31 10.04 -11.46
CA SER A 86 11.43 10.06 -10.30
C SER A 86 10.54 8.82 -10.26
N LEU A 87 10.18 8.28 -11.42
CA LEU A 87 9.31 7.12 -11.56
C LEU A 87 9.94 5.91 -10.89
N GLU A 88 11.21 5.67 -11.18
CA GLU A 88 11.95 4.55 -10.63
C GLU A 88 11.87 4.60 -9.09
N GLN A 89 12.17 5.79 -8.55
CA GLN A 89 12.15 6.10 -7.12
C GLN A 89 10.74 5.94 -6.53
N LEU A 90 9.71 6.17 -7.32
CA LEU A 90 8.30 6.03 -6.93
C LEU A 90 7.92 4.56 -6.87
N LEU A 91 8.19 3.79 -7.92
CA LEU A 91 7.91 2.37 -8.03
C LEU A 91 8.55 1.59 -6.88
N GLU A 92 9.85 1.82 -6.61
CA GLU A 92 10.56 1.13 -5.54
C GLU A 92 9.97 1.51 -4.17
N GLU A 93 9.47 2.73 -4.00
CA GLU A 93 8.89 3.12 -2.72
C GLU A 93 7.50 2.49 -2.57
N LEU A 94 6.75 2.29 -3.67
CA LEU A 94 5.41 1.72 -3.68
C LEU A 94 5.43 0.29 -3.18
N GLU A 95 6.30 -0.56 -3.74
CA GLU A 95 6.42 -1.96 -3.32
C GLU A 95 6.85 -2.02 -1.85
N GLN A 96 7.65 -1.05 -1.43
CA GLN A 96 8.14 -0.97 -0.07
C GLN A 96 7.03 -0.49 0.87
N ALA A 97 6.10 0.32 0.36
CA ALA A 97 4.99 0.84 1.12
C ALA A 97 4.01 -0.27 1.46
N LEU A 98 3.62 -1.05 0.45
CA LEU A 98 2.67 -2.14 0.57
C LEU A 98 3.21 -3.31 1.36
N GLN A 99 4.52 -3.55 1.32
CA GLN A 99 5.13 -4.64 2.08
C GLN A 99 5.31 -4.27 3.54
N LYS A 100 5.57 -3.00 3.86
CA LYS A 100 5.81 -2.63 5.27
C LYS A 100 4.61 -2.91 6.14
N ILE A 101 3.41 -2.66 5.63
CA ILE A 101 2.18 -2.89 6.38
C ILE A 101 2.09 -4.36 6.78
N ARG A 102 2.60 -5.28 5.95
CA ARG A 102 2.55 -6.71 6.22
C ARG A 102 3.29 -7.03 7.51
N GLU A 103 4.34 -6.27 7.86
CA GLU A 103 5.11 -6.51 9.08
C GLU A 103 4.26 -6.16 10.31
N LEU A 104 3.46 -5.11 10.21
CA LEU A 104 2.56 -4.65 11.27
C LEU A 104 1.31 -5.53 11.29
N ALA A 105 0.92 -6.10 10.15
CA ALA A 105 -0.25 -6.96 10.09
C ALA A 105 0.10 -8.35 10.62
N GLU A 106 1.32 -8.84 10.34
CA GLU A 106 1.80 -10.14 10.76
C GLU A 106 2.37 -10.12 12.17
N LYS A 107 3.26 -9.17 12.43
CA LYS A 107 4.01 -8.96 13.67
C LYS A 107 4.77 -10.26 13.91
N LYS A 108 5.60 -10.60 12.92
CA LYS A 108 6.44 -11.80 12.91
C LYS A 108 7.59 -11.56 13.89
N ASN A 109 8.12 -10.34 13.88
CA ASN A 109 9.20 -9.92 14.74
C ASN A 109 8.76 -10.01 16.19
N SER A 1 -7.26 -8.22 19.38
CA SER A 1 -6.43 -9.24 18.72
C SER A 1 -7.36 -10.10 17.87
N GLU A 2 -7.72 -9.59 16.71
CA GLU A 2 -8.60 -10.19 15.74
C GLU A 2 -7.76 -10.72 14.58
N PHE A 3 -7.17 -11.90 14.79
CA PHE A 3 -6.31 -12.54 13.81
C PHE A 3 -7.04 -12.75 12.49
N GLU A 4 -8.18 -13.41 12.61
CA GLU A 4 -9.06 -13.72 11.49
C GLU A 4 -9.51 -12.45 10.77
N LYS A 5 -9.73 -11.33 11.50
CA LYS A 5 -10.14 -10.08 10.91
C LYS A 5 -9.07 -9.55 9.97
N LEU A 6 -7.80 -9.49 10.42
CA LEU A 6 -6.70 -9.00 9.59
C LEU A 6 -6.46 -9.99 8.45
N ARG A 7 -6.73 -11.28 8.63
CA ARG A 7 -6.55 -12.30 7.62
C ARG A 7 -7.31 -11.98 6.35
N GLN A 8 -8.56 -11.52 6.45
CA GLN A 8 -9.37 -11.19 5.29
C GLN A 8 -8.66 -10.12 4.43
N THR A 9 -8.22 -9.02 5.05
CA THR A 9 -7.55 -7.93 4.33
C THR A 9 -6.16 -8.38 3.85
N GLY A 10 -5.45 -9.16 4.65
CA GLY A 10 -4.12 -9.66 4.31
C GLY A 10 -4.17 -10.61 3.12
N ASP A 11 -5.20 -11.47 3.04
CA ASP A 11 -5.40 -12.43 1.97
C ASP A 11 -5.79 -11.70 0.69
N GLU A 12 -6.71 -10.75 0.80
CA GLU A 12 -7.21 -9.94 -0.29
C GLU A 12 -6.06 -9.16 -0.94
N LEU A 13 -5.17 -8.59 -0.11
CA LEU A 13 -4.02 -7.81 -0.53
C LEU A 13 -3.04 -8.67 -1.32
N VAL A 14 -2.87 -9.92 -0.89
CA VAL A 14 -1.99 -10.87 -1.55
C VAL A 14 -2.53 -11.18 -2.95
N GLN A 15 -3.81 -11.53 -3.09
CA GLN A 15 -4.33 -11.80 -4.44
C GLN A 15 -4.31 -10.51 -5.26
N ALA A 16 -4.56 -9.34 -4.66
CA ALA A 16 -4.56 -8.05 -5.33
C ALA A 16 -3.20 -7.79 -5.98
N GLU A 17 -2.10 -8.16 -5.30
CA GLU A 17 -0.76 -7.98 -5.83
C GLU A 17 -0.54 -8.90 -7.01
N GLN A 18 -0.96 -10.17 -6.92
CA GLN A 18 -0.79 -11.15 -7.96
C GLN A 18 -1.58 -10.78 -9.22
N ARG A 19 -2.81 -10.28 -9.08
CA ARG A 19 -3.64 -9.89 -10.23
C ARG A 19 -3.06 -8.64 -10.89
N LEU A 20 -2.62 -7.63 -10.13
CA LEU A 20 -2.07 -6.43 -10.76
C LEU A 20 -0.70 -6.74 -11.36
N ARG A 21 0.06 -7.64 -10.75
CA ARG A 21 1.39 -8.03 -11.21
C ARG A 21 1.34 -8.57 -12.63
N GLU A 22 0.29 -9.32 -12.99
CA GLU A 22 0.12 -9.88 -14.32
C GLU A 22 0.20 -8.75 -15.35
N ILE A 23 -0.54 -7.67 -15.11
CA ILE A 23 -0.60 -6.52 -16.00
C ILE A 23 0.65 -5.65 -15.92
N PHE A 24 1.19 -5.46 -14.72
CA PHE A 24 2.37 -4.66 -14.43
C PHE A 24 3.57 -5.20 -15.21
N ASP A 25 3.73 -6.52 -15.27
CA ASP A 25 4.84 -7.20 -15.97
C ASP A 25 4.84 -6.87 -17.47
N LYS A 26 3.69 -6.52 -18.04
CA LYS A 26 3.53 -6.16 -19.45
C LYS A 26 3.96 -4.70 -19.69
N GLY A 27 4.60 -4.03 -18.71
CA GLY A 27 5.02 -2.65 -18.84
C GLY A 27 3.83 -1.68 -18.90
N ASP A 28 2.64 -2.13 -18.54
CA ASP A 28 1.42 -1.34 -18.52
C ASP A 28 1.52 -0.37 -17.36
N ASP A 29 1.95 0.85 -17.68
CA ASP A 29 2.17 1.97 -16.78
C ASP A 29 0.88 2.69 -16.42
N ASP A 30 -0.03 2.89 -17.38
CA ASP A 30 -1.30 3.58 -17.15
C ASP A 30 -2.09 2.79 -16.11
N SER A 31 -2.22 1.48 -16.34
CA SER A 31 -2.94 0.61 -15.45
C SER A 31 -2.28 0.56 -14.07
N LEU A 32 -0.98 0.81 -13.97
CA LEU A 32 -0.26 0.77 -12.70
C LEU A 32 -0.84 1.82 -11.74
N GLU A 33 -1.18 3.02 -12.23
CA GLU A 33 -1.79 4.00 -11.33
C GLU A 33 -3.24 3.63 -11.01
N GLN A 34 -3.94 2.97 -11.93
CA GLN A 34 -5.32 2.54 -11.75
C GLN A 34 -5.38 1.57 -10.56
N VAL A 35 -4.53 0.53 -10.56
CA VAL A 35 -4.49 -0.46 -9.48
C VAL A 35 -4.08 0.19 -8.16
N LEU A 36 -3.22 1.23 -8.20
CA LEU A 36 -2.73 1.98 -7.04
C LEU A 36 -3.90 2.68 -6.35
N GLU A 37 -4.91 3.11 -7.11
CA GLU A 37 -6.08 3.74 -6.54
C GLU A 37 -6.98 2.67 -5.91
N GLU A 38 -7.17 1.50 -6.54
CA GLU A 38 -8.01 0.43 -5.98
C GLU A 38 -7.44 -0.13 -4.66
N ILE A 39 -6.13 -0.37 -4.64
CA ILE A 39 -5.35 -0.92 -3.53
C ILE A 39 -5.36 -0.01 -2.29
N GLU A 40 -5.45 1.32 -2.47
CA GLU A 40 -5.45 2.27 -1.35
C GLU A 40 -6.46 1.91 -0.27
N GLU A 41 -7.59 1.33 -0.69
CA GLU A 41 -8.68 0.93 0.16
C GLU A 41 -8.24 -0.05 1.24
N LEU A 42 -7.30 -0.94 0.89
CA LEU A 42 -6.78 -1.95 1.80
C LEU A 42 -6.02 -1.28 2.94
N ILE A 43 -5.35 -0.15 2.70
CA ILE A 43 -4.62 0.55 3.75
C ILE A 43 -5.66 1.20 4.66
N GLN A 44 -6.73 1.77 4.08
CA GLN A 44 -7.80 2.39 4.85
C GLN A 44 -8.43 1.32 5.76
N LYS A 45 -8.67 0.12 5.22
CA LYS A 45 -9.26 -0.98 5.99
C LYS A 45 -8.28 -1.47 7.05
N HIS A 46 -7.03 -1.77 6.69
CA HIS A 46 -6.04 -2.27 7.64
C HIS A 46 -5.84 -1.30 8.80
N ARG A 47 -6.01 0.01 8.61
CA ARG A 47 -5.84 0.99 9.69
C ARG A 47 -6.71 0.65 10.89
N GLN A 48 -8.01 0.43 10.67
CA GLN A 48 -8.92 0.10 11.77
C GLN A 48 -8.49 -1.18 12.50
N LEU A 49 -7.78 -2.07 11.82
CA LEU A 49 -7.29 -3.33 12.38
C LEU A 49 -5.97 -3.12 13.09
N PHE A 50 -5.11 -2.23 12.59
CA PHE A 50 -3.83 -1.91 13.17
C PHE A 50 -4.07 -1.19 14.50
N ASP A 51 -5.09 -0.35 14.55
CA ASP A 51 -5.52 0.43 15.72
C ASP A 51 -6.42 -0.44 16.62
N ASN A 52 -6.32 -1.77 16.52
CA ASN A 52 -7.07 -2.77 17.28
C ASN A 52 -6.93 -2.47 18.76
N ARG A 53 -8.03 -2.06 19.40
CA ARG A 53 -8.14 -1.72 20.81
C ARG A 53 -6.99 -0.85 21.34
N GLN A 54 -6.35 -0.04 20.50
CA GLN A 54 -5.22 0.80 20.87
C GLN A 54 -4.16 -0.05 21.58
N GLU A 55 -3.83 -1.18 20.97
CA GLU A 55 -2.85 -2.16 21.47
C GLU A 55 -1.43 -1.63 21.61
N ALA A 56 -1.12 -0.54 20.93
CA ALA A 56 0.19 0.10 20.91
C ALA A 56 0.08 1.56 20.46
N ALA A 57 1.23 2.17 20.17
CA ALA A 57 1.32 3.55 19.70
C ALA A 57 0.51 3.68 18.42
N ASP A 58 -0.51 4.52 18.44
CA ASP A 58 -1.39 4.74 17.28
C ASP A 58 -0.76 5.67 16.24
N THR A 59 0.31 6.37 16.60
CA THR A 59 1.03 7.27 15.71
C THR A 59 1.74 6.39 14.66
N GLU A 60 2.17 5.18 15.05
CA GLU A 60 2.85 4.24 14.17
C GLU A 60 1.90 3.82 13.05
N ALA A 61 0.61 3.67 13.38
CA ALA A 61 -0.42 3.31 12.42
C ALA A 61 -0.77 4.57 11.60
N ALA A 62 -0.75 5.76 12.20
CA ALA A 62 -1.08 7.03 11.56
C ALA A 62 -0.14 7.37 10.40
N LYS A 63 1.17 7.34 10.67
CA LYS A 63 2.18 7.66 9.67
C LYS A 63 2.14 6.70 8.47
N GLN A 64 1.68 5.46 8.68
CA GLN A 64 1.59 4.47 7.62
C GLN A 64 0.66 4.96 6.51
N GLY A 65 -0.55 5.37 6.89
CA GLY A 65 -1.55 5.86 5.94
C GLY A 65 -1.13 7.20 5.34
N ASP A 66 -0.43 8.03 6.13
CA ASP A 66 0.04 9.35 5.71
C ASP A 66 1.11 9.22 4.62
N GLN A 67 2.10 8.36 4.83
CA GLN A 67 3.17 8.14 3.87
C GLN A 67 2.58 7.65 2.55
N TRP A 68 1.63 6.72 2.63
CA TRP A 68 0.96 6.17 1.48
C TRP A 68 0.25 7.27 0.67
N VAL A 69 -0.59 8.10 1.29
CA VAL A 69 -1.29 9.14 0.55
C VAL A 69 -0.29 10.19 0.01
N GLN A 70 0.73 10.58 0.77
CA GLN A 70 1.73 11.54 0.32
C GLN A 70 2.50 10.94 -0.87
N LEU A 71 2.65 9.61 -0.92
CA LEU A 71 3.33 8.94 -2.02
C LEU A 71 2.49 9.12 -3.28
N LYS A 72 1.17 8.87 -3.22
CA LYS A 72 0.27 9.05 -4.37
C LYS A 72 0.42 10.44 -4.96
N GLN A 73 0.59 11.48 -4.12
CA GLN A 73 0.75 12.86 -4.56
C GLN A 73 1.91 13.00 -5.55
N ARG A 74 3.09 12.48 -5.18
CA ARG A 74 4.26 12.57 -6.05
C ARG A 74 4.16 11.58 -7.21
N PHE A 75 3.49 10.45 -6.99
CA PHE A 75 3.33 9.40 -7.98
C PHE A 75 2.64 9.88 -9.26
N ARG A 76 1.41 10.42 -9.18
CA ARG A 76 0.72 10.87 -10.40
C ARG A 76 1.43 12.05 -11.05
N GLU A 77 2.04 12.89 -10.22
CA GLU A 77 2.73 14.06 -10.69
C GLU A 77 3.92 13.69 -11.56
N ALA A 78 4.68 12.66 -11.19
CA ALA A 78 5.83 12.28 -11.99
C ALA A 78 5.39 11.67 -13.32
N ILE A 79 4.20 11.07 -13.36
CA ILE A 79 3.69 10.46 -14.57
C ILE A 79 3.38 11.56 -15.56
N ASP A 80 2.60 12.56 -15.15
CA ASP A 80 2.23 13.68 -16.01
C ASP A 80 3.45 14.45 -16.47
N LYS A 81 4.40 14.66 -15.56
CA LYS A 81 5.64 15.37 -15.85
C LYS A 81 6.54 14.53 -16.76
N GLY A 82 6.32 13.21 -16.81
CA GLY A 82 7.10 12.29 -17.62
C GLY A 82 8.50 12.21 -17.05
N ASP A 83 8.59 12.17 -15.73
CA ASP A 83 9.85 12.12 -15.00
C ASP A 83 10.20 10.65 -14.78
N LYS A 84 10.81 10.03 -15.79
CA LYS A 84 11.23 8.63 -15.80
C LYS A 84 12.09 8.29 -14.59
N ASP A 85 13.03 9.18 -14.31
CA ASP A 85 14.00 9.09 -13.23
C ASP A 85 13.25 8.91 -11.92
N SER A 86 12.30 9.81 -11.68
CA SER A 86 11.47 9.80 -10.48
C SER A 86 10.51 8.61 -10.49
N LEU A 87 10.08 8.13 -11.66
CA LEU A 87 9.15 7.01 -11.80
C LEU A 87 9.76 5.76 -11.20
N GLU A 88 11.03 5.49 -11.53
CA GLU A 88 11.79 4.34 -11.06
C GLU A 88 11.75 4.32 -9.53
N GLN A 89 12.09 5.47 -8.94
CA GLN A 89 12.11 5.68 -7.49
C GLN A 89 10.72 5.53 -6.87
N LEU A 90 9.67 6.00 -7.56
CA LEU A 90 8.28 5.93 -7.12
C LEU A 90 7.81 4.47 -7.08
N LEU A 91 8.03 3.68 -8.13
CA LEU A 91 7.65 2.29 -8.20
C LEU A 91 8.26 1.51 -7.05
N GLU A 92 9.56 1.66 -6.80
CA GLU A 92 10.17 0.93 -5.71
C GLU A 92 9.65 1.45 -4.36
N GLU A 93 9.37 2.75 -4.22
CA GLU A 93 8.85 3.24 -2.95
C GLU A 93 7.43 2.68 -2.73
N LEU A 94 6.65 2.44 -3.79
CA LEU A 94 5.30 1.91 -3.69
C LEU A 94 5.34 0.48 -3.18
N GLU A 95 6.14 -0.40 -3.79
CA GLU A 95 6.24 -1.79 -3.33
C GLU A 95 6.81 -1.85 -1.91
N GLN A 96 7.66 -0.89 -1.54
CA GLN A 96 8.25 -0.86 -0.22
C GLN A 96 7.23 -0.35 0.81
N ALA A 97 6.33 0.54 0.40
CA ALA A 97 5.30 1.09 1.24
C ALA A 97 4.19 0.07 1.44
N LEU A 98 3.88 -0.78 0.46
CA LEU A 98 2.84 -1.79 0.65
C LEU A 98 3.36 -2.97 1.49
N GLN A 99 4.64 -3.29 1.42
CA GLN A 99 5.25 -4.38 2.19
C GLN A 99 5.55 -4.00 3.64
N LYS A 100 5.93 -2.74 3.91
CA LYS A 100 6.27 -2.32 5.28
C LYS A 100 5.12 -2.53 6.26
N ILE A 101 3.90 -2.34 5.78
CA ILE A 101 2.69 -2.51 6.58
C ILE A 101 2.57 -3.96 7.05
N ARG A 102 3.04 -4.92 6.25
CA ARG A 102 2.95 -6.34 6.60
C ARG A 102 3.68 -6.61 7.91
N GLU A 103 4.71 -5.85 8.21
CA GLU A 103 5.49 -5.99 9.44
C GLU A 103 4.58 -5.67 10.64
N LEU A 104 3.72 -4.65 10.48
CA LEU A 104 2.75 -4.19 11.48
C LEU A 104 1.50 -5.09 11.49
N ALA A 105 1.11 -5.66 10.35
CA ALA A 105 -0.06 -6.53 10.27
C ALA A 105 0.23 -7.88 10.92
N GLU A 106 1.45 -8.39 10.76
CA GLU A 106 1.86 -9.68 11.29
C GLU A 106 2.55 -9.57 12.64
N LYS A 107 3.47 -8.60 12.79
CA LYS A 107 4.29 -8.37 13.98
C LYS A 107 5.08 -9.64 14.32
N LYS A 108 5.43 -10.43 13.30
CA LYS A 108 6.19 -11.67 13.41
C LYS A 108 7.66 -11.33 13.22
N ASN A 109 8.11 -10.29 13.92
CA ASN A 109 9.49 -9.85 13.88
C ASN A 109 10.11 -10.65 15.01
N SER A 1 -9.60 -6.75 19.04
CA SER A 1 -9.65 -7.43 17.74
C SER A 1 -8.42 -8.31 17.53
N GLU A 2 -8.62 -9.63 17.53
CA GLU A 2 -7.54 -10.59 17.34
C GLU A 2 -6.97 -10.57 15.91
N PHE A 3 -5.94 -11.38 15.69
CA PHE A 3 -5.22 -11.56 14.42
C PHE A 3 -6.13 -11.97 13.26
N GLU A 4 -7.10 -12.83 13.58
CA GLU A 4 -8.08 -13.38 12.65
C GLU A 4 -8.89 -12.27 11.96
N LYS A 5 -8.96 -11.09 12.56
CA LYS A 5 -9.70 -9.96 12.00
C LYS A 5 -8.90 -9.33 10.86
N LEU A 6 -7.62 -9.01 11.04
CA LEU A 6 -6.82 -8.41 9.97
C LEU A 6 -6.66 -9.38 8.81
N ARG A 7 -6.62 -10.68 9.11
CA ARG A 7 -6.48 -11.74 8.13
C ARG A 7 -7.65 -11.74 7.14
N GLN A 8 -8.79 -11.08 7.43
CA GLN A 8 -9.92 -11.06 6.51
C GLN A 8 -9.56 -10.26 5.26
N THR A 9 -9.05 -9.05 5.44
CA THR A 9 -8.67 -8.13 4.38
C THR A 9 -7.36 -8.59 3.74
N GLY A 10 -6.50 -9.28 4.49
CA GLY A 10 -5.23 -9.78 4.01
C GLY A 10 -5.41 -10.66 2.77
N ASP A 11 -6.41 -11.56 2.76
CA ASP A 11 -6.66 -12.46 1.63
C ASP A 11 -7.22 -11.72 0.39
N GLU A 12 -8.01 -10.67 0.62
CA GLU A 12 -8.61 -9.84 -0.43
C GLU A 12 -7.50 -9.10 -1.15
N LEU A 13 -6.53 -8.66 -0.34
CA LEU A 13 -5.37 -7.96 -0.78
C LEU A 13 -4.52 -8.92 -1.64
N VAL A 14 -4.42 -10.21 -1.31
CA VAL A 14 -3.65 -11.17 -2.11
C VAL A 14 -4.18 -11.15 -3.56
N GLN A 15 -5.49 -11.31 -3.75
CA GLN A 15 -6.07 -11.31 -5.09
C GLN A 15 -5.83 -9.96 -5.77
N ALA A 16 -5.97 -8.84 -5.03
CA ALA A 16 -5.75 -7.49 -5.54
C ALA A 16 -4.31 -7.35 -6.07
N GLU A 17 -3.32 -7.75 -5.27
CA GLU A 17 -1.91 -7.68 -5.61
C GLU A 17 -1.61 -8.48 -6.88
N GLN A 18 -2.22 -9.65 -7.03
CA GLN A 18 -1.97 -10.49 -8.19
C GLN A 18 -2.56 -9.90 -9.47
N ARG A 19 -3.82 -9.44 -9.46
CA ARG A 19 -4.42 -8.86 -10.67
C ARG A 19 -3.54 -7.74 -11.21
N LEU A 20 -3.10 -6.82 -10.35
CA LEU A 20 -2.25 -5.70 -10.76
C LEU A 20 -0.81 -6.11 -11.06
N ARG A 21 -0.24 -7.11 -10.36
CA ARG A 21 1.14 -7.51 -10.60
C ARG A 21 1.35 -8.02 -12.02
N GLU A 22 0.39 -8.76 -12.55
CA GLU A 22 0.45 -9.35 -13.88
C GLU A 22 0.76 -8.30 -14.94
N ILE A 23 0.09 -7.16 -14.87
CA ILE A 23 0.30 -6.08 -15.80
C ILE A 23 1.61 -5.31 -15.48
N PHE A 24 1.87 -5.02 -14.20
CA PHE A 24 3.06 -4.30 -13.75
C PHE A 24 4.35 -4.99 -14.15
N ASP A 25 4.36 -6.33 -14.15
CA ASP A 25 5.50 -7.16 -14.52
C ASP A 25 6.00 -6.83 -15.94
N LYS A 26 5.16 -6.20 -16.76
CA LYS A 26 5.41 -5.78 -18.12
C LYS A 26 5.72 -4.29 -18.27
N GLY A 27 5.66 -3.51 -17.19
CA GLY A 27 5.89 -2.08 -17.20
C GLY A 27 4.69 -1.32 -17.74
N ASP A 28 3.47 -1.76 -17.42
CA ASP A 28 2.24 -1.10 -17.88
C ASP A 28 2.04 0.16 -17.05
N ASP A 29 2.77 1.24 -17.38
CA ASP A 29 2.77 2.55 -16.74
C ASP A 29 1.37 3.14 -16.61
N ASP A 30 0.60 3.10 -17.70
CA ASP A 30 -0.76 3.63 -17.78
C ASP A 30 -1.68 3.03 -16.72
N SER A 31 -1.71 1.71 -16.64
CA SER A 31 -2.54 1.01 -15.68
C SER A 31 -1.88 1.01 -14.28
N LEU A 32 -0.55 1.15 -14.17
CA LEU A 32 0.17 1.18 -12.89
C LEU A 32 -0.42 2.26 -11.98
N GLU A 33 -0.71 3.44 -12.54
CA GLU A 33 -1.32 4.53 -11.80
C GLU A 33 -2.81 4.30 -11.54
N GLN A 34 -3.49 3.54 -12.40
CA GLN A 34 -4.90 3.21 -12.32
C GLN A 34 -5.17 2.22 -11.18
N VAL A 35 -4.42 1.13 -11.10
CA VAL A 35 -4.59 0.10 -10.06
C VAL A 35 -4.19 0.64 -8.69
N LEU A 36 -3.24 1.59 -8.64
CA LEU A 36 -2.76 2.23 -7.42
C LEU A 36 -3.93 2.87 -6.64
N GLU A 37 -4.90 3.39 -7.37
CA GLU A 37 -6.11 4.01 -6.79
C GLU A 37 -7.04 2.91 -6.23
N GLU A 38 -7.06 1.72 -6.81
CA GLU A 38 -7.89 0.62 -6.34
C GLU A 38 -7.26 -0.01 -5.09
N ILE A 39 -5.96 -0.32 -5.14
CA ILE A 39 -5.23 -0.94 -4.03
C ILE A 39 -5.32 -0.08 -2.77
N GLU A 40 -5.41 1.25 -2.93
CA GLU A 40 -5.51 2.23 -1.86
C GLU A 40 -6.63 1.86 -0.89
N GLU A 41 -7.71 1.28 -1.42
CA GLU A 41 -8.88 0.85 -0.65
C GLU A 41 -8.50 -0.17 0.41
N LEU A 42 -7.68 -1.15 0.05
CA LEU A 42 -7.24 -2.19 0.96
C LEU A 42 -6.48 -1.55 2.13
N ILE A 43 -5.67 -0.51 1.90
CA ILE A 43 -4.96 0.15 2.98
C ILE A 43 -5.99 0.89 3.83
N GLN A 44 -7.00 1.53 3.24
CA GLN A 44 -8.03 2.24 4.03
C GLN A 44 -8.70 1.23 4.98
N LYS A 45 -9.10 0.08 4.43
CA LYS A 45 -9.74 -0.97 5.19
C LYS A 45 -8.77 -1.46 6.27
N HIS A 46 -7.52 -1.80 5.93
CA HIS A 46 -6.54 -2.27 6.90
C HIS A 46 -6.24 -1.20 7.97
N ARG A 47 -6.30 0.10 7.67
CA ARG A 47 -6.03 1.16 8.64
C ARG A 47 -6.99 1.06 9.80
N GLN A 48 -8.28 0.87 9.51
CA GLN A 48 -9.30 0.73 10.55
C GLN A 48 -8.98 -0.48 11.42
N LEU A 49 -8.33 -1.52 10.89
CA LEU A 49 -8.00 -2.72 11.65
C LEU A 49 -6.73 -2.55 12.45
N PHE A 50 -5.73 -1.88 11.86
CA PHE A 50 -4.44 -1.67 12.49
C PHE A 50 -4.57 -0.74 13.68
N ASP A 51 -5.47 0.24 13.58
CA ASP A 51 -5.65 1.19 14.66
C ASP A 51 -6.49 0.64 15.81
N ASN A 52 -7.05 -0.56 15.65
CA ASN A 52 -7.87 -1.16 16.70
C ASN A 52 -6.96 -1.89 17.69
N ARG A 53 -6.05 -1.19 18.36
CA ARG A 53 -5.12 -1.73 19.36
C ARG A 53 -5.23 -0.88 20.63
N GLN A 54 -4.59 -1.29 21.73
CA GLN A 54 -4.61 -0.59 23.02
C GLN A 54 -3.24 -0.70 23.72
N GLU A 55 -2.14 -0.75 22.97
CA GLU A 55 -0.79 -0.88 23.53
C GLU A 55 0.13 0.32 23.27
N ALA A 56 -0.27 1.24 22.40
CA ALA A 56 0.46 2.44 22.03
C ALA A 56 -0.47 3.46 21.39
N ALA A 57 0.05 4.62 21.03
CA ALA A 57 -0.72 5.67 20.39
C ALA A 57 -1.14 5.26 18.97
N ASP A 58 -2.17 5.92 18.45
CA ASP A 58 -2.72 5.72 17.10
C ASP A 58 -1.75 6.15 16.01
N THR A 59 -0.71 6.86 16.42
CA THR A 59 0.32 7.41 15.58
C THR A 59 1.03 6.36 14.71
N GLU A 60 1.13 5.10 15.15
CA GLU A 60 1.79 4.06 14.37
C GLU A 60 0.95 3.71 13.14
N ALA A 61 -0.37 3.52 13.30
CA ALA A 61 -1.21 3.20 12.16
C ALA A 61 -1.40 4.45 11.29
N ALA A 62 -1.41 5.62 11.93
CA ALA A 62 -1.56 6.91 11.28
C ALA A 62 -0.35 7.20 10.38
N LYS A 63 0.89 7.02 10.86
CA LYS A 63 2.09 7.27 10.02
C LYS A 63 2.13 6.28 8.87
N GLN A 64 1.60 5.07 9.08
CA GLN A 64 1.58 4.06 8.06
C GLN A 64 0.66 4.50 6.93
N GLY A 65 -0.55 4.94 7.29
CA GLY A 65 -1.52 5.37 6.31
C GLY A 65 -1.04 6.62 5.56
N ASP A 66 -0.48 7.58 6.30
CA ASP A 66 0.04 8.85 5.82
C ASP A 66 1.13 8.66 4.78
N GLN A 67 2.10 7.77 5.04
CA GLN A 67 3.20 7.49 4.12
C GLN A 67 2.65 7.06 2.75
N TRP A 68 1.68 6.14 2.73
CA TRP A 68 1.07 5.66 1.51
C TRP A 68 0.37 6.78 0.74
N VAL A 69 -0.55 7.50 1.39
CA VAL A 69 -1.28 8.57 0.71
C VAL A 69 -0.35 9.66 0.18
N GLN A 70 0.58 10.18 0.99
CA GLN A 70 1.51 11.22 0.57
C GLN A 70 2.34 10.78 -0.62
N LEU A 71 2.64 9.48 -0.70
CA LEU A 71 3.40 8.94 -1.80
C LEU A 71 2.56 9.02 -3.08
N LYS A 72 1.29 8.63 -3.06
CA LYS A 72 0.42 8.70 -4.24
C LYS A 72 0.38 10.11 -4.84
N GLN A 73 0.47 11.16 -4.01
CA GLN A 73 0.47 12.53 -4.51
C GLN A 73 1.63 12.69 -5.52
N ARG A 74 2.85 12.29 -5.10
CA ARG A 74 4.03 12.37 -5.96
C ARG A 74 3.95 11.36 -7.09
N PHE A 75 3.33 10.19 -6.87
CA PHE A 75 3.20 9.15 -7.88
C PHE A 75 2.54 9.67 -9.16
N ARG A 76 1.32 10.23 -9.09
CA ARG A 76 0.68 10.73 -10.34
C ARG A 76 1.38 11.98 -10.85
N GLU A 77 1.93 12.78 -9.95
CA GLU A 77 2.61 14.01 -10.32
C GLU A 77 3.85 13.70 -11.16
N ALA A 78 4.58 12.62 -10.88
CA ALA A 78 5.76 12.30 -11.67
C ALA A 78 5.37 11.89 -13.08
N ILE A 79 4.17 11.36 -13.25
CA ILE A 79 3.66 10.93 -14.54
C ILE A 79 3.32 12.16 -15.36
N ASP A 80 2.60 13.13 -14.77
CA ASP A 80 2.21 14.39 -15.42
C ASP A 80 3.46 15.15 -15.88
N LYS A 81 4.48 15.14 -15.04
CA LYS A 81 5.76 15.79 -15.30
C LYS A 81 6.60 14.99 -16.27
N GLY A 82 6.35 13.69 -16.37
CA GLY A 82 7.09 12.81 -17.26
C GLY A 82 8.51 12.63 -16.69
N ASP A 83 8.63 12.54 -15.36
CA ASP A 83 9.90 12.39 -14.68
C ASP A 83 10.22 10.90 -14.59
N LYS A 84 10.95 10.37 -15.57
CA LYS A 84 11.38 8.98 -15.71
C LYS A 84 12.10 8.47 -14.46
N ASP A 85 13.04 9.28 -14.02
CA ASP A 85 13.88 9.02 -12.85
C ASP A 85 13.00 8.86 -11.62
N SER A 86 11.98 9.72 -11.50
CA SER A 86 11.07 9.62 -10.37
C SER A 86 10.22 8.37 -10.50
N LEU A 87 9.88 7.92 -11.71
CA LEU A 87 9.06 6.72 -11.90
C LEU A 87 9.77 5.51 -11.35
N GLU A 88 11.07 5.40 -11.60
CA GLU A 88 11.89 4.30 -11.15
C GLU A 88 11.82 4.23 -9.61
N GLN A 89 12.06 5.38 -8.96
CA GLN A 89 12.04 5.46 -7.50
C GLN A 89 10.62 5.25 -6.95
N LEU A 90 9.61 5.77 -7.63
CA LEU A 90 8.23 5.62 -7.21
C LEU A 90 7.83 4.15 -7.31
N LEU A 91 8.19 3.44 -8.37
CA LEU A 91 7.85 2.02 -8.52
C LEU A 91 8.39 1.21 -7.35
N GLU A 92 9.69 1.37 -7.02
CA GLU A 92 10.30 0.65 -5.92
C GLU A 92 9.70 1.07 -4.58
N GLU A 93 9.31 2.35 -4.41
CA GLU A 93 8.76 2.76 -3.13
C GLU A 93 7.36 2.16 -2.95
N LEU A 94 6.59 1.96 -4.02
CA LEU A 94 5.26 1.37 -3.97
C LEU A 94 5.34 -0.05 -3.44
N GLU A 95 6.15 -0.92 -4.04
CA GLU A 95 6.26 -2.30 -3.55
C GLU A 95 6.81 -2.33 -2.12
N GLN A 96 7.64 -1.35 -1.75
CA GLN A 96 8.20 -1.24 -0.42
C GLN A 96 7.11 -0.72 0.54
N ALA A 97 6.16 0.08 0.01
CA ALA A 97 5.07 0.66 0.76
C ALA A 97 4.08 -0.41 1.15
N LEU A 98 3.73 -1.28 0.22
CA LEU A 98 2.78 -2.37 0.45
C LEU A 98 3.44 -3.48 1.29
N GLN A 99 4.75 -3.67 1.21
CA GLN A 99 5.42 -4.71 2.00
C GLN A 99 5.57 -4.28 3.46
N LYS A 100 5.74 -2.98 3.73
CA LYS A 100 5.94 -2.54 5.11
C LYS A 100 4.71 -2.81 5.98
N ILE A 101 3.52 -2.77 5.38
CA ILE A 101 2.28 -3.02 6.10
C ILE A 101 2.29 -4.44 6.66
N ARG A 102 2.92 -5.37 5.94
CA ARG A 102 3.01 -6.78 6.30
C ARG A 102 3.71 -6.98 7.64
N GLU A 103 4.63 -6.10 7.98
CA GLU A 103 5.43 -6.12 9.20
C GLU A 103 4.53 -5.88 10.41
N LEU A 104 3.57 -4.97 10.22
CA LEU A 104 2.58 -4.63 11.23
C LEU A 104 1.49 -5.72 11.21
N ALA A 105 1.06 -6.18 10.02
CA ALA A 105 0.05 -7.22 9.90
C ALA A 105 0.51 -8.51 10.60
N GLU A 106 1.81 -8.84 10.57
CA GLU A 106 2.36 -10.04 11.19
C GLU A 106 2.89 -9.78 12.61
N LYS A 107 3.30 -8.55 12.93
CA LYS A 107 3.87 -8.13 14.23
C LYS A 107 4.96 -9.09 14.74
N LYS A 108 5.71 -9.71 13.83
CA LYS A 108 6.78 -10.66 14.16
C LYS A 108 7.97 -9.97 14.83
N ASN A 109 8.05 -8.63 14.75
CA ASN A 109 9.09 -7.76 15.32
C ASN A 109 9.45 -8.25 16.71
#